data_5J9U
#
_entry.id   5J9U
#
_cell.length_a   217.909
_cell.length_b   189.889
_cell.length_c   173.558
_cell.angle_alpha   90.00
_cell.angle_beta   113.61
_cell.angle_gamma   90.00
#
_symmetry.space_group_name_H-M   'C 1 2 1'
#
loop_
_entity.id
_entity.type
_entity.pdbx_description
1 polymer 'Histone acetyltransferase ESA1'
2 polymer 'Chromatin modification-related protein EAF6'
3 polymer 'Enhancer of polycomb-like protein 1'
4 polymer 'Chromatin modification-related protein YNG2'
#
loop_
_entity_poly.entity_id
_entity_poly.type
_entity_poly.pdbx_seq_one_letter_code
_entity_poly.pdbx_strand_id
1 'polypeptide(L)'
;HEDEIKKLRTSGSMTQNPHEVARVRNLNRIIMGKYEIEPWYFSPYPIELTDEDFIYIDDFTLQYFGSKKQYERYRKKCTL
RHPPGNEIYRDDYVSFFEIDGRKQRTWCRNLCLLSKLFLDH(ALY)TLYYDVDPFLFYCMTRRDELGHHLVGYFSKEKES
ADGYNVACILTLPQYQRMGYGKLLIEFSYELSKKENKVGSPEKPLSDLGLLSYRAYWSDTLITLLVEHQKEITIDEISSM
TSMTTTDILHTAKTLNILRYYKGQHIIFLNEDILDRYNRLKAKKRRTIDPNRLIWKPPVFTASQLRFAW
;
E,A,I
2 'polypeptide(L)'
;MTDELKSYEALKAELKKSLQDRREQEDTFDNLQQEIYDKETEYFSHNSNNNHSGHGGAHGSKSHYSGNIIKGFDTFSKSH
HSHADSAFNNNDRIFSLSSATYVKQQHGQSQND
;
F,B,J
3 'polypeptide(L)'
;SSNSRFRHRKISVKQHLKIYLPNDLKHLDKDELQQREVVEIETGVEKNEEKEVHLHRILQMGSGHTKHKDYIPTPDASMT
WNEYDKFYTGSFQETTSYIKFSATVEDCCGTNYNMDERDETFLNEQVNKGSSDILTEDEFEILCSSFEHAIHERQPFLSM
DPESILSFEELKPTLIKSDMADFNLRNQLNHEINSHKTHFITQFDPVSQMNTRPLIQLIEKFGSKIYDYWRERKIEVNGY
EIFPQLKFERPGEKEEIDPYVCFRRREVRHPRKTRRIDILNSQRLRALHQELKNAKDLALLVAKRENVSLNWINDELKIF
DQRVKIKNLKRSLNISGEDDDLINHKRKRPT
;
G,N,C
4 'polypeptide(L)'
;MDPSLVLEQTIQDVSNLPSEFRYLLEEIGSNDLKLIEEKKKYEQKESQIHKFIRQQGSIPKHPQEDGLDKEIKESLLKCQ
SLQREKCVLANTALFLIARHLNKLEKNIALLEEDGVLAPV
;
D,H,K
#
# COMPACT_ATOMS: atom_id res chain seq x y z
N SER A 13 14.08 -20.94 2.91
CA SER A 13 15.39 -20.61 3.47
C SER A 13 15.68 -19.11 3.38
N MET A 14 16.12 -18.53 4.50
CA MET A 14 16.55 -17.14 4.53
C MET A 14 17.95 -16.96 3.96
N THR A 15 18.39 -17.92 3.15
CA THR A 15 19.77 -18.02 2.67
C THR A 15 19.93 -17.17 1.42
N GLN A 16 20.10 -15.86 1.62
CA GLN A 16 20.26 -14.96 0.49
C GLN A 16 21.48 -14.06 0.67
N ASN A 17 22.23 -13.91 -0.42
CA ASN A 17 23.45 -13.11 -0.44
C ASN A 17 23.11 -11.63 -0.47
N PRO A 18 23.55 -10.83 0.52
CA PRO A 18 23.27 -9.39 0.46
C PRO A 18 24.18 -8.63 -0.48
N HIS A 19 25.35 -9.18 -0.81
CA HIS A 19 26.30 -8.55 -1.72
C HIS A 19 26.11 -9.04 -3.15
N GLU A 20 25.06 -9.81 -3.41
CA GLU A 20 24.73 -10.26 -4.74
C GLU A 20 24.30 -9.07 -5.59
N VAL A 21 24.90 -8.94 -6.77
CA VAL A 21 24.63 -7.79 -7.64
C VAL A 21 23.25 -7.93 -8.27
N ALA A 22 22.40 -6.94 -8.05
CA ALA A 22 21.05 -6.90 -8.60
C ALA A 22 21.04 -5.99 -9.82
N ARG A 23 20.97 -6.59 -11.00
CA ARG A 23 20.92 -5.87 -12.27
C ARG A 23 19.78 -6.41 -13.10
N VAL A 24 18.96 -5.53 -13.65
CA VAL A 24 17.79 -5.92 -14.42
C VAL A 24 18.22 -6.35 -15.82
N ARG A 25 17.95 -7.61 -16.15
CA ARG A 25 18.24 -8.15 -17.48
C ARG A 25 17.12 -9.06 -17.92
N ASN A 26 16.66 -8.88 -19.15
CA ASN A 26 15.75 -9.84 -19.74
C ASN A 26 16.50 -11.14 -20.05
N LEU A 27 15.74 -12.23 -20.14
CA LEU A 27 16.36 -13.51 -20.49
C LEU A 27 16.73 -13.52 -21.97
N ASN A 28 17.87 -14.13 -22.28
CA ASN A 28 18.32 -14.19 -23.67
C ASN A 28 17.35 -14.99 -24.54
N ARG A 29 17.10 -16.24 -24.18
CA ARG A 29 16.18 -17.07 -24.95
C ARG A 29 15.73 -18.25 -24.11
N ILE A 30 14.42 -18.49 -24.06
CA ILE A 30 13.84 -19.60 -23.32
C ILE A 30 13.50 -20.73 -24.27
N ILE A 31 13.54 -21.95 -23.76
CA ILE A 31 13.18 -23.15 -24.52
C ILE A 31 12.12 -23.88 -23.70
N MET A 32 10.85 -23.56 -23.93
CA MET A 32 9.76 -24.16 -23.16
C MET A 32 9.24 -25.38 -23.93
N GLY A 33 9.53 -26.57 -23.41
CA GLY A 33 9.14 -27.77 -24.10
C GLY A 33 9.93 -27.97 -25.37
N LYS A 34 9.25 -28.01 -26.50
CA LYS A 34 9.91 -28.19 -27.79
C LYS A 34 10.14 -26.89 -28.55
N TYR A 35 9.57 -25.78 -28.12
CA TYR A 35 9.64 -24.53 -28.86
C TYR A 35 10.62 -23.54 -28.23
N GLU A 36 11.27 -22.75 -29.08
CA GLU A 36 12.26 -21.75 -28.69
C GLU A 36 11.65 -20.36 -28.78
N ILE A 37 11.47 -19.72 -27.62
CA ILE A 37 10.77 -18.44 -27.54
C ILE A 37 11.75 -17.35 -27.09
N GLU A 38 11.43 -16.11 -27.46
CA GLU A 38 12.20 -14.95 -27.05
C GLU A 38 11.36 -14.07 -26.14
N PRO A 39 11.79 -13.81 -24.91
CA PRO A 39 10.98 -13.00 -24.01
C PRO A 39 10.98 -11.53 -24.40
N TRP A 40 9.85 -10.88 -24.16
CA TRP A 40 9.67 -9.46 -24.46
C TRP A 40 9.93 -8.55 -23.27
N TYR A 41 9.59 -8.99 -22.06
CA TYR A 41 9.67 -8.13 -20.88
C TYR A 41 10.45 -8.83 -19.78
N PHE A 42 10.80 -8.05 -18.77
CA PHE A 42 11.54 -8.56 -17.63
C PHE A 42 10.64 -9.42 -16.75
N SER A 43 11.24 -10.45 -16.13
CA SER A 43 10.54 -11.28 -15.18
C SER A 43 11.56 -11.68 -14.12
N PRO A 44 11.19 -11.61 -12.83
CA PRO A 44 12.18 -11.80 -11.77
C PRO A 44 12.63 -13.24 -11.57
N TYR A 45 13.13 -13.88 -12.63
CA TYR A 45 13.81 -15.16 -12.48
C TYR A 45 15.10 -14.94 -11.68
N PRO A 46 15.69 -16.02 -11.16
CA PRO A 46 16.93 -15.86 -10.37
C PRO A 46 17.98 -15.10 -11.15
N ILE A 47 18.75 -14.27 -10.43
CA ILE A 47 19.69 -13.35 -11.07
C ILE A 47 20.76 -14.13 -11.83
N GLU A 48 21.17 -15.29 -11.31
CA GLU A 48 22.16 -16.10 -11.99
C GLU A 48 21.66 -16.55 -13.36
N LEU A 49 20.36 -16.85 -13.46
CA LEU A 49 19.79 -17.26 -14.74
C LEU A 49 19.75 -16.10 -15.72
N THR A 50 19.66 -14.86 -15.22
CA THR A 50 19.44 -13.72 -16.10
C THR A 50 20.60 -13.51 -17.05
N ASP A 51 21.78 -14.03 -16.72
CA ASP A 51 22.93 -13.98 -17.62
C ASP A 51 23.30 -15.37 -18.11
N GLU A 52 22.38 -16.04 -18.79
CA GLU A 52 22.64 -17.33 -19.41
C GLU A 52 22.19 -17.28 -20.86
N ASP A 53 22.81 -18.12 -21.70
CA ASP A 53 22.49 -18.12 -23.12
C ASP A 53 21.10 -18.71 -23.36
N PHE A 54 20.83 -19.88 -22.79
CA PHE A 54 19.56 -20.57 -22.94
C PHE A 54 18.94 -20.83 -21.58
N ILE A 55 17.61 -20.70 -21.50
CA ILE A 55 16.85 -21.02 -20.31
C ILE A 55 15.87 -22.13 -20.66
N TYR A 56 15.84 -23.18 -19.85
CA TYR A 56 15.00 -24.33 -20.12
C TYR A 56 13.76 -24.29 -19.23
N ILE A 57 12.58 -24.33 -19.85
CA ILE A 57 11.32 -24.34 -19.14
C ILE A 57 10.63 -25.67 -19.42
N ASP A 58 10.57 -26.51 -18.39
CA ASP A 58 9.77 -27.72 -18.43
C ASP A 58 8.35 -27.42 -18.90
N ASP A 59 7.85 -28.26 -19.80
CA ASP A 59 6.56 -28.04 -20.43
C ASP A 59 5.39 -28.56 -19.60
N PHE A 60 5.66 -29.15 -18.44
CA PHE A 60 4.60 -29.68 -17.59
C PHE A 60 4.52 -28.98 -16.25
N THR A 61 5.67 -28.77 -15.60
CA THR A 61 5.74 -28.11 -14.31
C THR A 61 6.16 -26.65 -14.41
N LEU A 62 6.56 -26.19 -15.60
CA LEU A 62 7.00 -24.82 -15.83
C LEU A 62 8.25 -24.47 -15.04
N GLN A 63 9.03 -25.48 -14.65
CA GLN A 63 10.25 -25.25 -13.91
C GLN A 63 11.33 -24.63 -14.80
N TYR A 64 12.09 -23.70 -14.24
CA TYR A 64 13.14 -22.99 -14.98
C TYR A 64 14.50 -23.60 -14.70
N PHE A 65 15.35 -23.60 -15.73
CA PHE A 65 16.68 -24.21 -15.65
C PHE A 65 17.67 -23.40 -16.47
N GLY A 66 18.88 -23.28 -15.94
CA GLY A 66 19.97 -22.65 -16.66
C GLY A 66 20.97 -23.69 -17.14
N SER A 67 20.98 -24.83 -16.45
CA SER A 67 21.86 -25.94 -16.79
C SER A 67 21.06 -27.01 -17.54
N LYS A 68 21.50 -27.31 -18.77
CA LYS A 68 20.85 -28.36 -19.55
C LYS A 68 20.97 -29.71 -18.86
N LYS A 69 22.03 -29.90 -18.07
CA LYS A 69 22.23 -31.18 -17.39
C LYS A 69 21.17 -31.37 -16.31
N GLN A 70 20.86 -30.32 -15.56
CA GLN A 70 19.81 -30.40 -14.54
C GLN A 70 18.45 -30.61 -15.18
N TYR A 71 18.19 -29.92 -16.30
CA TYR A 71 16.95 -30.11 -17.05
C TYR A 71 16.79 -31.55 -17.49
N GLU A 72 17.89 -32.18 -17.88
CA GLU A 72 17.86 -33.60 -18.24
C GLU A 72 17.52 -34.46 -17.03
N ARG A 73 18.20 -34.22 -15.90
CA ARG A 73 17.96 -34.98 -14.68
C ARG A 73 16.55 -34.77 -14.15
N TYR A 74 16.01 -33.57 -14.32
CA TYR A 74 14.66 -33.26 -13.85
C TYR A 74 13.62 -34.04 -14.64
N ARG A 75 13.75 -34.05 -15.97
CA ARG A 75 12.77 -34.75 -16.82
C ARG A 75 12.74 -36.24 -16.53
N LYS A 76 13.92 -36.82 -16.27
CA LYS A 76 14.04 -38.25 -16.00
C LYS A 76 13.30 -38.64 -14.72
N LYS A 77 13.06 -37.67 -13.85
CA LYS A 77 12.45 -37.90 -12.56
C LYS A 77 11.04 -37.33 -12.43
N CYS A 78 10.67 -36.36 -13.25
CA CYS A 78 9.37 -35.69 -13.13
C CYS A 78 8.27 -36.58 -13.69
N THR A 79 7.26 -36.86 -12.86
CA THR A 79 6.16 -37.75 -13.22
C THR A 79 4.90 -37.00 -13.65
N LEU A 80 4.87 -35.69 -13.49
CA LEU A 80 3.69 -34.90 -13.86
C LEU A 80 3.64 -34.66 -15.37
N ARG A 81 2.45 -34.80 -15.95
CA ARG A 81 2.26 -34.62 -17.39
C ARG A 81 1.03 -33.77 -17.72
N HIS A 82 0.53 -32.99 -16.78
CA HIS A 82 -0.59 -32.09 -17.03
C HIS A 82 -0.66 -31.09 -15.87
N PRO A 83 -1.28 -29.93 -16.09
CA PRO A 83 -1.46 -28.95 -15.00
C PRO A 83 -1.96 -29.60 -13.73
N PRO A 84 -1.33 -29.30 -12.58
CA PRO A 84 -1.71 -29.95 -11.32
C PRO A 84 -3.06 -29.51 -10.81
N GLY A 85 -4.14 -30.02 -11.41
CA GLY A 85 -5.48 -29.67 -10.99
C GLY A 85 -6.51 -30.50 -11.71
N ASN A 86 -7.77 -30.20 -11.43
CA ASN A 86 -8.88 -30.94 -12.04
C ASN A 86 -9.09 -30.52 -13.49
N GLU A 87 -9.41 -31.49 -14.32
CA GLU A 87 -9.86 -31.24 -15.69
C GLU A 87 -11.33 -30.88 -15.65
N ILE A 88 -11.67 -29.65 -16.05
CA ILE A 88 -13.04 -29.16 -15.99
C ILE A 88 -13.67 -28.96 -17.36
N TYR A 89 -12.91 -29.14 -18.43
CA TYR A 89 -13.45 -29.01 -19.78
C TYR A 89 -12.58 -29.81 -20.73
N ARG A 90 -13.20 -30.62 -21.58
CA ARG A 90 -12.45 -31.35 -22.60
C ARG A 90 -13.31 -31.62 -23.82
N ASP A 91 -12.88 -31.08 -24.96
CA ASP A 91 -13.30 -31.55 -26.26
C ASP A 91 -12.07 -32.13 -26.98
N ASP A 92 -12.26 -32.52 -28.24
CA ASP A 92 -11.15 -33.14 -28.96
C ASP A 92 -10.07 -32.15 -29.35
N TYR A 93 -10.26 -30.85 -29.11
CA TYR A 93 -9.30 -29.84 -29.49
C TYR A 93 -8.43 -29.43 -28.30
N VAL A 94 -9.04 -28.88 -27.24
CA VAL A 94 -8.33 -28.42 -26.07
C VAL A 94 -8.95 -29.02 -24.81
N SER A 95 -8.22 -28.86 -23.70
CA SER A 95 -8.74 -29.15 -22.36
C SER A 95 -8.48 -27.93 -21.49
N PHE A 96 -9.30 -27.77 -20.45
CA PHE A 96 -9.12 -26.73 -19.46
C PHE A 96 -8.92 -27.33 -18.08
N PHE A 97 -7.91 -26.85 -17.37
CA PHE A 97 -7.66 -27.24 -15.98
C PHE A 97 -7.84 -26.05 -15.06
N GLU A 98 -8.48 -26.28 -13.92
CA GLU A 98 -8.66 -25.26 -12.89
C GLU A 98 -7.66 -25.49 -11.77
N ILE A 99 -6.85 -24.47 -11.48
CA ILE A 99 -5.78 -24.58 -10.50
C ILE A 99 -5.89 -23.43 -9.48
N ASP A 100 -5.88 -23.78 -8.20
CA ASP A 100 -5.88 -22.82 -7.12
C ASP A 100 -4.44 -22.39 -6.81
N GLY A 101 -4.20 -21.09 -6.82
CA GLY A 101 -2.88 -20.58 -6.49
C GLY A 101 -2.43 -20.86 -5.08
N ARG A 102 -3.37 -21.06 -4.16
CA ARG A 102 -3.02 -21.34 -2.77
C ARG A 102 -2.66 -22.80 -2.57
N LYS A 103 -3.20 -23.69 -3.40
CA LYS A 103 -2.87 -25.12 -3.33
C LYS A 103 -1.65 -25.49 -4.15
N GLN A 104 -1.49 -24.88 -5.33
CA GLN A 104 -0.38 -25.19 -6.21
C GLN A 104 0.53 -23.97 -6.28
N ARG A 105 1.20 -23.69 -5.16
CA ARG A 105 2.00 -22.47 -5.03
C ARG A 105 3.17 -22.48 -6.02
N THR A 106 3.99 -23.53 -5.99
CA THR A 106 5.17 -23.60 -6.85
C THR A 106 4.79 -23.50 -8.31
N TRP A 107 3.80 -24.28 -8.74
CA TRP A 107 3.40 -24.29 -10.15
C TRP A 107 2.89 -22.93 -10.60
N CYS A 108 1.96 -22.35 -9.83
CA CYS A 108 1.38 -21.07 -10.23
C CYS A 108 2.44 -19.96 -10.25
N ARG A 109 3.42 -20.03 -9.36
CA ARG A 109 4.54 -19.09 -9.40
C ARG A 109 5.32 -19.26 -10.70
N ASN A 110 5.67 -20.51 -11.03
CA ASN A 110 6.38 -20.78 -12.27
C ASN A 110 5.59 -20.28 -13.48
N LEU A 111 4.26 -20.43 -13.44
CA LEU A 111 3.43 -19.88 -14.51
C LEU A 111 3.51 -18.36 -14.54
N CYS A 112 3.49 -17.72 -13.37
CA CYS A 112 3.48 -16.27 -13.32
C CYS A 112 4.83 -15.70 -13.77
N LEU A 113 5.94 -16.35 -13.37
CA LEU A 113 7.24 -15.96 -13.89
C LEU A 113 7.27 -16.09 -15.40
N LEU A 114 6.76 -17.21 -15.92
CA LEU A 114 6.70 -17.42 -17.36
C LEU A 114 5.83 -16.36 -18.03
N SER A 115 4.62 -16.16 -17.49
CA SER A 115 3.68 -15.21 -18.09
C SER A 115 4.24 -13.79 -18.11
N LYS A 116 4.95 -13.40 -17.04
CA LYS A 116 5.47 -12.04 -16.96
C LYS A 116 6.45 -11.73 -18.09
N LEU A 117 7.12 -12.75 -18.64
CA LEU A 117 8.02 -12.54 -19.76
C LEU A 117 7.30 -11.98 -20.98
N PHE A 118 6.00 -12.21 -21.09
CA PHE A 118 5.23 -11.83 -22.27
C PHE A 118 4.05 -10.92 -21.95
N LEU A 119 3.80 -10.63 -20.68
CA LEU A 119 2.80 -9.65 -20.27
C LEU A 119 3.50 -8.47 -19.61
N ASP A 120 3.23 -7.27 -20.11
CA ASP A 120 3.93 -6.09 -19.60
C ASP A 120 3.33 -5.56 -18.30
N HIS A 121 2.03 -5.73 -18.10
CA HIS A 121 1.36 -5.14 -16.94
C HIS A 121 0.97 -6.16 -15.89
OH ALY A 122 -2.36 -13.54 -12.97
CH ALY A 122 -1.12 -13.36 -12.92
CH3 ALY A 122 -0.45 -12.96 -11.63
NZ ALY A 122 -0.33 -13.53 -14.03
CE ALY A 122 1.10 -13.33 -14.01
CD ALY A 122 1.59 -12.25 -14.98
CG ALY A 122 0.94 -10.93 -14.64
CB ALY A 122 1.50 -9.85 -15.55
CA ALY A 122 1.22 -8.42 -15.06
N ALY A 122 1.43 -7.39 -16.06
C ALY A 122 2.15 -8.10 -13.91
O ALY A 122 3.30 -7.69 -14.05
N THR A 123 1.61 -8.28 -12.70
CA THR A 123 2.37 -7.95 -11.50
C THR A 123 2.66 -9.18 -10.63
N LEU A 124 3.89 -9.25 -10.11
CA LEU A 124 4.32 -10.33 -9.22
C LEU A 124 4.67 -9.81 -7.84
N TYR A 125 4.02 -8.72 -7.42
CA TYR A 125 4.33 -8.13 -6.11
C TYR A 125 3.95 -9.09 -4.98
N TYR A 126 2.68 -9.50 -4.95
CA TYR A 126 2.20 -10.43 -3.95
C TYR A 126 2.28 -11.87 -4.45
N ASP A 127 2.07 -12.81 -3.54
CA ASP A 127 2.10 -14.23 -3.89
C ASP A 127 0.84 -14.60 -4.68
N VAL A 128 0.82 -15.84 -5.15
CA VAL A 128 -0.23 -16.30 -6.06
C VAL A 128 -1.48 -16.76 -5.34
N ASP A 129 -1.52 -16.66 -4.01
CA ASP A 129 -2.67 -17.10 -3.22
C ASP A 129 -4.02 -16.59 -3.70
N PRO A 130 -4.21 -15.31 -4.01
CA PRO A 130 -5.56 -14.81 -4.29
C PRO A 130 -6.14 -15.21 -5.65
N PHE A 131 -5.46 -16.01 -6.44
CA PHE A 131 -5.86 -16.23 -7.83
C PHE A 131 -6.31 -17.67 -8.10
N LEU A 132 -7.24 -17.77 -9.05
CA LEU A 132 -7.58 -19.02 -9.71
C LEU A 132 -6.98 -18.99 -11.11
N PHE A 133 -6.32 -20.06 -11.50
CA PHE A 133 -5.65 -20.14 -12.79
C PHE A 133 -6.37 -21.16 -13.67
N TYR A 134 -6.97 -20.68 -14.75
CA TYR A 134 -7.65 -21.53 -15.71
C TYR A 134 -6.75 -21.69 -16.93
N CYS A 135 -6.24 -22.90 -17.11
CA CYS A 135 -5.18 -23.18 -18.07
C CYS A 135 -5.71 -24.05 -19.19
N MET A 136 -5.49 -23.61 -20.44
CA MET A 136 -5.92 -24.35 -21.61
C MET A 136 -4.78 -25.22 -22.11
N THR A 137 -5.06 -26.51 -22.30
CA THR A 137 -4.05 -27.47 -22.70
C THR A 137 -4.46 -28.17 -23.98
N ARG A 138 -3.46 -28.72 -24.66
CA ARG A 138 -3.65 -29.52 -25.86
C ARG A 138 -3.08 -30.90 -25.58
N ARG A 139 -3.95 -31.90 -25.52
CA ARG A 139 -3.46 -33.22 -25.16
C ARG A 139 -2.64 -33.81 -26.29
N ASP A 140 -1.67 -34.65 -25.91
CA ASP A 140 -0.67 -35.19 -26.80
C ASP A 140 -0.43 -36.63 -26.36
N GLU A 141 0.42 -37.33 -27.11
CA GLU A 141 0.82 -38.65 -26.64
C GLU A 141 1.66 -38.55 -25.38
N LEU A 142 2.43 -37.47 -25.24
CA LEU A 142 3.22 -37.23 -24.05
C LEU A 142 2.36 -36.75 -22.88
N GLY A 143 1.30 -36.00 -23.15
CA GLY A 143 0.43 -35.50 -22.11
C GLY A 143 -0.22 -34.20 -22.55
N HIS A 144 -0.75 -33.47 -21.58
CA HIS A 144 -1.40 -32.19 -21.85
C HIS A 144 -0.35 -31.09 -21.93
N HIS A 145 -0.39 -30.32 -23.01
CA HIS A 145 0.57 -29.25 -23.27
C HIS A 145 -0.11 -27.90 -23.10
N LEU A 146 0.33 -27.14 -22.11
CA LEU A 146 -0.18 -25.79 -21.87
C LEU A 146 0.08 -24.89 -23.07
N VAL A 147 -0.97 -24.24 -23.57
CA VAL A 147 -0.84 -23.29 -24.66
C VAL A 147 -1.21 -21.87 -24.26
N GLY A 148 -2.01 -21.70 -23.21
CA GLY A 148 -2.42 -20.38 -22.77
C GLY A 148 -3.25 -20.51 -21.52
N TYR A 149 -3.45 -19.38 -20.85
CA TYR A 149 -4.19 -19.37 -19.60
C TYR A 149 -4.84 -18.01 -19.40
N PHE A 150 -5.75 -17.95 -18.43
CA PHE A 150 -6.18 -16.67 -17.87
C PHE A 150 -6.36 -16.84 -16.37
N SER A 151 -5.89 -15.85 -15.62
CA SER A 151 -6.06 -15.85 -14.18
C SER A 151 -7.31 -15.07 -13.81
N LYS A 152 -7.78 -15.30 -12.59
CA LYS A 152 -9.07 -14.76 -12.16
C LYS A 152 -9.04 -14.58 -10.65
N GLU A 153 -9.39 -13.39 -10.19
CA GLU A 153 -9.48 -13.16 -8.76
C GLU A 153 -10.55 -14.08 -8.17
N LYS A 154 -10.27 -14.63 -6.99
CA LYS A 154 -11.13 -15.67 -6.42
C LYS A 154 -12.56 -15.17 -6.27
N GLU A 155 -12.74 -13.97 -5.74
CA GLU A 155 -14.05 -13.33 -5.63
C GLU A 155 -13.85 -11.84 -5.99
N SER A 156 -13.88 -11.54 -7.28
CA SER A 156 -13.63 -10.19 -7.74
C SER A 156 -14.81 -9.28 -7.36
N ALA A 157 -14.53 -8.25 -6.57
CA ALA A 157 -15.57 -7.28 -6.23
C ALA A 157 -15.84 -6.33 -7.39
N ASP A 158 -14.83 -6.09 -8.22
CA ASP A 158 -14.96 -5.23 -9.40
C ASP A 158 -15.67 -5.91 -10.55
N GLY A 159 -16.04 -7.17 -10.42
CA GLY A 159 -16.69 -7.89 -11.50
C GLY A 159 -15.77 -8.27 -12.63
N TYR A 160 -14.47 -8.33 -12.37
CA TYR A 160 -13.50 -8.76 -13.37
C TYR A 160 -13.53 -10.28 -13.49
N ASN A 161 -13.91 -10.79 -14.66
CA ASN A 161 -13.89 -12.23 -14.89
C ASN A 161 -12.57 -12.72 -15.48
N VAL A 162 -11.63 -11.81 -15.76
CA VAL A 162 -10.28 -12.16 -16.18
C VAL A 162 -9.33 -11.12 -15.59
N ALA A 163 -8.31 -11.59 -14.87
CA ALA A 163 -7.26 -10.70 -14.37
C ALA A 163 -6.23 -10.48 -15.47
N CYS A 164 -5.39 -11.47 -15.72
CA CYS A 164 -4.45 -11.46 -16.83
C CYS A 164 -4.76 -12.63 -17.75
N ILE A 165 -4.55 -12.43 -19.05
CA ILE A 165 -4.81 -13.46 -20.05
C ILE A 165 -3.65 -13.49 -21.04
N LEU A 166 -3.24 -14.70 -21.41
CA LEU A 166 -2.07 -14.86 -22.28
C LEU A 166 -2.18 -16.15 -23.07
N THR A 167 -1.83 -16.08 -24.34
CA THR A 167 -1.55 -17.24 -25.17
C THR A 167 -0.04 -17.30 -25.38
N LEU A 168 0.56 -18.45 -25.05
CA LEU A 168 2.00 -18.58 -25.16
C LEU A 168 2.44 -18.32 -26.59
N PRO A 169 3.56 -17.60 -26.79
CA PRO A 169 3.90 -17.12 -28.13
C PRO A 169 4.04 -18.21 -29.18
N GLN A 170 4.52 -19.40 -28.81
CA GLN A 170 4.70 -20.45 -29.82
C GLN A 170 3.39 -21.07 -30.28
N TYR A 171 2.26 -20.67 -29.70
CA TYR A 171 0.96 -21.16 -30.10
C TYR A 171 0.07 -20.02 -30.58
N GLN A 172 0.70 -18.95 -31.05
CA GLN A 172 -0.03 -17.80 -31.56
C GLN A 172 -0.63 -18.13 -32.93
N ARG A 173 -1.64 -17.36 -33.31
CA ARG A 173 -2.24 -17.43 -34.63
C ARG A 173 -2.82 -18.81 -34.89
N MET A 174 -3.49 -19.36 -33.89
CA MET A 174 -4.15 -20.65 -34.03
C MET A 174 -5.54 -20.63 -33.41
N GLY A 175 -6.06 -19.45 -33.07
CA GLY A 175 -7.40 -19.31 -32.52
C GLY A 175 -7.54 -19.59 -31.05
N TYR A 176 -6.42 -19.72 -30.32
CA TYR A 176 -6.49 -20.07 -28.91
C TYR A 176 -7.00 -18.91 -28.06
N GLY A 177 -6.53 -17.70 -28.34
CA GLY A 177 -6.95 -16.55 -27.55
C GLY A 177 -8.45 -16.36 -27.56
N LYS A 178 -9.08 -16.64 -28.71
CA LYS A 178 -10.54 -16.54 -28.79
C LYS A 178 -11.22 -17.65 -28.00
N LEU A 179 -10.55 -18.78 -27.81
CA LEU A 179 -11.09 -19.84 -26.97
C LEU A 179 -10.97 -19.49 -25.49
N LEU A 180 -9.86 -18.87 -25.09
CA LEU A 180 -9.69 -18.44 -23.72
C LEU A 180 -10.79 -17.46 -23.31
N ILE A 181 -10.97 -16.40 -24.10
CA ILE A 181 -12.02 -15.41 -23.81
C ILE A 181 -13.39 -16.08 -23.75
N GLU A 182 -13.69 -16.93 -24.74
CA GLU A 182 -14.99 -17.59 -24.78
C GLU A 182 -15.21 -18.44 -23.54
N PHE A 183 -14.16 -19.14 -23.10
CA PHE A 183 -14.28 -19.96 -21.89
C PHE A 183 -14.45 -19.09 -20.65
N SER A 184 -13.77 -17.94 -20.62
CA SER A 184 -13.90 -17.05 -19.47
C SER A 184 -15.33 -16.54 -19.34
N TYR A 185 -15.97 -16.21 -20.46
CA TYR A 185 -17.37 -15.80 -20.43
C TYR A 185 -18.30 -16.99 -20.23
N GLU A 186 -17.83 -18.20 -20.56
CA GLU A 186 -18.62 -19.40 -20.29
C GLU A 186 -18.69 -19.65 -18.79
N LEU A 187 -17.57 -19.43 -18.09
CA LEU A 187 -17.58 -19.56 -16.63
C LEU A 187 -18.49 -18.51 -16.00
N SER A 188 -18.45 -17.28 -16.51
CA SER A 188 -19.29 -16.22 -15.98
C SER A 188 -20.76 -16.56 -16.13
N LYS A 189 -21.14 -17.13 -17.27
CA LYS A 189 -22.54 -17.50 -17.49
C LYS A 189 -22.98 -18.62 -16.56
N LYS A 190 -22.10 -19.60 -16.31
CA LYS A 190 -22.41 -20.65 -15.37
C LYS A 190 -22.45 -20.11 -13.94
N GLU A 191 -21.68 -19.06 -13.66
CA GLU A 191 -21.67 -18.42 -12.35
C GLU A 191 -22.87 -17.53 -12.12
N ASN A 192 -23.62 -17.20 -13.18
CA ASN A 192 -24.68 -16.21 -13.15
C ASN A 192 -24.14 -14.85 -12.69
N LYS A 193 -22.99 -14.46 -13.24
CA LYS A 193 -22.37 -13.19 -12.97
C LYS A 193 -21.96 -12.52 -14.28
N VAL A 194 -22.10 -11.20 -14.35
CA VAL A 194 -21.55 -10.44 -15.47
C VAL A 194 -20.08 -10.16 -15.20
N GLY A 195 -19.30 -9.96 -16.26
CA GLY A 195 -17.87 -9.82 -16.10
C GLY A 195 -17.25 -9.04 -17.24
N SER A 196 -16.03 -8.55 -16.97
CA SER A 196 -15.24 -7.78 -17.92
C SER A 196 -13.77 -8.06 -17.64
N PRO A 197 -12.93 -8.12 -18.67
CA PRO A 197 -11.49 -8.29 -18.44
C PRO A 197 -10.92 -7.12 -17.65
N GLU A 198 -9.91 -7.41 -16.82
CA GLU A 198 -9.27 -6.36 -16.06
C GLU A 198 -8.77 -5.27 -16.98
N LYS A 199 -8.92 -4.02 -16.51
CA LYS A 199 -8.90 -2.87 -17.42
C LYS A 199 -7.67 -2.74 -18.31
N PRO A 200 -6.42 -2.90 -17.83
CA PRO A 200 -5.30 -2.71 -18.76
C PRO A 200 -5.02 -3.92 -19.63
N LEU A 201 -5.41 -3.89 -20.90
CA LEU A 201 -5.18 -5.01 -21.80
C LEU A 201 -4.11 -4.67 -22.82
N SER A 202 -3.24 -5.63 -23.10
CA SER A 202 -2.24 -5.49 -24.14
C SER A 202 -2.89 -5.26 -25.49
N ASP A 203 -2.10 -4.73 -26.43
CA ASP A 203 -2.61 -4.44 -27.77
C ASP A 203 -3.18 -5.70 -28.42
N LEU A 204 -2.49 -6.83 -28.25
CA LEU A 204 -2.95 -8.09 -28.84
C LEU A 204 -4.28 -8.54 -28.21
N GLY A 205 -4.39 -8.40 -26.89
CA GLY A 205 -5.60 -8.84 -26.21
C GLY A 205 -6.81 -7.98 -26.51
N LEU A 206 -6.62 -6.66 -26.55
CA LEU A 206 -7.73 -5.75 -26.84
C LEU A 206 -8.31 -6.02 -28.23
N LEU A 207 -7.45 -6.39 -29.18
CA LEU A 207 -7.92 -6.82 -30.48
C LEU A 207 -8.77 -8.07 -30.35
N SER A 208 -8.24 -9.08 -29.65
CA SER A 208 -8.97 -10.34 -29.49
C SER A 208 -10.29 -10.16 -28.75
N TYR A 209 -10.35 -9.24 -27.80
CA TYR A 209 -11.61 -9.02 -27.08
C TYR A 209 -12.63 -8.28 -27.92
N ARG A 210 -12.18 -7.31 -28.73
CA ARG A 210 -13.11 -6.61 -29.61
C ARG A 210 -13.68 -7.54 -30.67
N ALA A 211 -12.88 -8.49 -31.14
CA ALA A 211 -13.38 -9.48 -32.09
C ALA A 211 -14.45 -10.34 -31.45
N TYR A 212 -14.18 -10.87 -30.25
CA TYR A 212 -15.15 -11.69 -29.55
C TYR A 212 -16.43 -10.90 -29.28
N TRP A 213 -16.29 -9.63 -28.88
CA TRP A 213 -17.46 -8.82 -28.56
C TRP A 213 -18.33 -8.60 -29.79
N SER A 214 -17.70 -8.22 -30.90
CA SER A 214 -18.46 -7.94 -32.12
C SER A 214 -19.07 -9.21 -32.70
N ASP A 215 -18.34 -10.33 -32.64
CA ASP A 215 -18.84 -11.58 -33.19
C ASP A 215 -20.05 -12.10 -32.43
N THR A 216 -19.95 -12.18 -31.10
CA THR A 216 -21.07 -12.71 -30.31
C THR A 216 -22.26 -11.77 -30.28
N LEU A 217 -22.06 -10.49 -30.56
CA LEU A 217 -23.16 -9.53 -30.53
C LEU A 217 -23.99 -9.61 -31.80
N ILE A 218 -23.33 -9.61 -32.96
CA ILE A 218 -24.06 -9.72 -34.23
C ILE A 218 -24.81 -11.05 -34.32
N THR A 219 -24.19 -12.13 -33.82
CA THR A 219 -24.86 -13.42 -33.82
C THR A 219 -26.10 -13.40 -32.94
N LEU A 220 -26.02 -12.75 -31.78
CA LEU A 220 -27.15 -12.68 -30.87
C LEU A 220 -28.27 -11.80 -31.43
N LEU A 221 -27.90 -10.64 -31.98
CA LEU A 221 -28.92 -9.69 -32.44
C LEU A 221 -29.70 -10.23 -33.63
N VAL A 222 -29.02 -10.87 -34.58
CA VAL A 222 -29.69 -11.40 -35.76
C VAL A 222 -30.68 -12.48 -35.36
N GLU A 223 -30.20 -13.51 -34.66
CA GLU A 223 -31.04 -14.66 -34.32
C GLU A 223 -32.08 -14.35 -33.25
N HIS A 224 -32.05 -13.15 -32.66
CA HIS A 224 -32.98 -12.84 -31.57
C HIS A 224 -34.40 -12.61 -32.08
N GLN A 225 -34.55 -11.93 -33.21
CA GLN A 225 -35.85 -11.65 -33.83
C GLN A 225 -36.68 -10.68 -33.00
N LYS A 226 -36.96 -11.04 -31.74
CA LYS A 226 -37.74 -10.21 -30.84
C LYS A 226 -36.96 -8.99 -30.38
N GLU A 227 -37.70 -7.98 -29.92
CA GLU A 227 -37.07 -6.79 -29.34
C GLU A 227 -36.28 -7.16 -28.10
N ILE A 228 -35.08 -6.58 -27.96
CA ILE A 228 -34.14 -6.92 -26.91
C ILE A 228 -33.85 -5.66 -26.11
N THR A 229 -33.33 -5.83 -24.90
CA THR A 229 -32.91 -4.70 -24.08
C THR A 229 -31.48 -4.91 -23.60
N ILE A 230 -30.79 -3.79 -23.35
CA ILE A 230 -29.39 -3.82 -22.95
C ILE A 230 -29.17 -4.78 -21.78
N ASP A 231 -30.04 -4.72 -20.78
CA ASP A 231 -29.90 -5.62 -19.63
C ASP A 231 -30.08 -7.09 -20.02
N GLU A 232 -30.93 -7.37 -21.00
CA GLU A 232 -31.13 -8.75 -21.43
C GLU A 232 -29.95 -9.27 -22.22
N ILE A 233 -29.32 -8.40 -23.02
CA ILE A 233 -28.08 -8.79 -23.70
C ILE A 233 -27.03 -9.19 -22.67
N SER A 234 -26.91 -8.40 -21.61
CA SER A 234 -25.95 -8.69 -20.55
C SER A 234 -26.24 -10.04 -19.88
N SER A 235 -27.52 -10.38 -19.71
CA SER A 235 -27.86 -11.63 -19.06
C SER A 235 -27.54 -12.84 -19.93
N MET A 236 -27.61 -12.69 -21.25
CA MET A 236 -27.38 -13.81 -22.15
C MET A 236 -25.90 -14.04 -22.43
N THR A 237 -25.09 -12.98 -22.43
CA THR A 237 -23.69 -13.07 -22.79
C THR A 237 -22.76 -12.88 -21.61
N SER A 238 -23.28 -12.49 -20.45
CA SER A 238 -22.49 -12.12 -19.28
C SER A 238 -21.53 -10.97 -19.57
N MET A 239 -21.77 -10.24 -20.65
CA MET A 239 -21.03 -9.03 -20.94
C MET A 239 -21.62 -7.88 -20.13
N THR A 240 -20.77 -6.93 -19.77
CA THR A 240 -21.29 -5.77 -19.06
C THR A 240 -21.99 -4.84 -20.04
N THR A 241 -22.92 -4.04 -19.51
CA THR A 241 -23.60 -3.05 -20.36
C THR A 241 -22.60 -2.08 -20.96
N THR A 242 -21.49 -1.84 -20.26
CA THR A 242 -20.47 -0.95 -20.77
C THR A 242 -19.78 -1.55 -22.00
N ASP A 243 -19.42 -2.83 -21.92
CA ASP A 243 -18.81 -3.51 -23.06
C ASP A 243 -19.79 -3.63 -24.21
N ILE A 244 -21.07 -3.85 -23.89
CA ILE A 244 -22.09 -4.00 -24.93
C ILE A 244 -22.26 -2.70 -25.70
N LEU A 245 -22.44 -1.59 -24.98
CA LEU A 245 -22.66 -0.31 -25.64
C LEU A 245 -21.44 0.15 -26.42
N HIS A 246 -20.24 -0.17 -25.93
CA HIS A 246 -19.03 0.18 -26.67
C HIS A 246 -18.91 -0.64 -27.95
N THR A 247 -19.29 -1.92 -27.90
CA THR A 247 -19.26 -2.74 -29.09
C THR A 247 -20.33 -2.32 -30.09
N ALA A 248 -21.49 -1.89 -29.58
CA ALA A 248 -22.53 -1.35 -30.45
C ALA A 248 -22.07 -0.06 -31.11
N LYS A 249 -21.15 0.68 -30.47
CA LYS A 249 -20.60 1.90 -31.04
C LYS A 249 -19.43 1.61 -31.98
N THR A 250 -18.67 0.54 -31.71
CA THR A 250 -17.63 0.13 -32.64
C THR A 250 -18.28 -0.29 -33.96
N LEU A 251 -19.40 -0.99 -33.87
CA LEU A 251 -20.27 -1.23 -35.02
C LEU A 251 -21.19 -0.02 -35.10
N ASN A 252 -22.11 0.04 -36.04
CA ASN A 252 -23.04 1.18 -36.03
C ASN A 252 -24.45 0.66 -35.76
N ILE A 253 -24.50 -0.35 -34.89
CA ILE A 253 -25.76 -0.96 -34.47
C ILE A 253 -26.71 0.07 -33.86
N LEU A 254 -26.17 1.02 -33.09
CA LEU A 254 -26.99 1.92 -32.30
C LEU A 254 -27.21 3.22 -33.07
N ARG A 255 -28.44 3.44 -33.52
CA ARG A 255 -28.84 4.63 -34.25
C ARG A 255 -29.99 5.33 -33.52
N TYR A 256 -29.99 6.66 -33.61
CA TYR A 256 -31.13 7.46 -33.16
C TYR A 256 -31.78 8.06 -34.40
N TYR A 257 -32.82 7.42 -34.91
CA TYR A 257 -33.45 7.86 -36.14
C TYR A 257 -34.91 8.16 -35.86
N LYS A 258 -35.31 9.42 -36.07
CA LYS A 258 -36.69 9.88 -35.91
C LYS A 258 -37.22 9.63 -34.50
N GLY A 259 -36.60 10.35 -33.56
CA GLY A 259 -37.11 10.47 -32.20
C GLY A 259 -37.13 9.23 -31.35
N GLN A 260 -36.27 8.25 -31.62
CA GLN A 260 -36.28 7.02 -30.82
C GLN A 260 -34.97 6.27 -31.04
N HIS A 261 -34.66 5.37 -30.11
CA HIS A 261 -33.47 4.53 -30.20
C HIS A 261 -33.78 3.19 -30.86
N ILE A 262 -32.90 2.76 -31.76
CA ILE A 262 -33.07 1.53 -32.51
C ILE A 262 -31.74 0.81 -32.69
N ILE A 263 -31.83 -0.49 -33.02
CA ILE A 263 -30.71 -1.37 -33.31
C ILE A 263 -30.65 -1.58 -34.82
N PHE A 264 -29.53 -1.27 -35.47
CA PHE A 264 -29.45 -1.36 -36.94
C PHE A 264 -28.45 -2.42 -37.39
N LEU A 265 -28.94 -3.52 -37.97
CA LEU A 265 -28.11 -4.60 -38.50
C LEU A 265 -27.98 -4.47 -40.02
N ASN A 266 -27.07 -3.61 -40.47
CA ASN A 266 -26.95 -3.36 -41.91
C ASN A 266 -26.30 -4.54 -42.64
N GLU A 267 -26.27 -4.43 -43.99
CA GLU A 267 -25.81 -5.52 -44.85
C GLU A 267 -24.34 -5.82 -44.63
N ASP A 268 -23.52 -4.79 -44.45
CA ASP A 268 -22.10 -5.03 -44.18
C ASP A 268 -21.92 -5.85 -42.92
N ILE A 269 -22.83 -5.67 -41.96
CA ILE A 269 -22.79 -6.46 -40.73
C ILE A 269 -23.26 -7.88 -41.01
N LEU A 270 -24.32 -8.02 -41.81
CA LEU A 270 -24.83 -9.35 -42.14
C LEU A 270 -23.89 -10.12 -43.06
N ASP A 271 -22.97 -9.43 -43.75
CA ASP A 271 -21.95 -10.14 -44.50
C ASP A 271 -20.97 -10.82 -43.56
N ARG A 272 -20.52 -10.09 -42.53
CA ARG A 272 -19.65 -10.69 -41.52
C ARG A 272 -20.37 -11.79 -40.76
N TYR A 273 -21.67 -11.63 -40.55
CA TYR A 273 -22.47 -12.66 -39.91
C TYR A 273 -22.44 -13.96 -40.71
N ASN A 274 -22.63 -13.85 -42.03
CA ASN A 274 -22.64 -15.04 -42.88
C ASN A 274 -21.24 -15.65 -43.02
N ARG A 275 -20.22 -14.82 -43.14
CA ARG A 275 -18.85 -15.32 -43.16
C ARG A 275 -18.53 -16.06 -41.87
N LEU A 276 -19.08 -15.58 -40.75
CA LEU A 276 -18.91 -16.24 -39.47
C LEU A 276 -19.61 -17.60 -39.47
N LYS A 277 -20.84 -17.66 -40.00
CA LYS A 277 -21.60 -18.90 -40.01
C LYS A 277 -20.98 -19.95 -40.93
N ALA A 278 -20.38 -19.54 -42.05
CA ALA A 278 -19.77 -20.53 -42.93
C ALA A 278 -18.45 -21.03 -42.38
N LYS A 279 -17.70 -20.17 -41.70
CA LYS A 279 -16.40 -20.53 -41.17
C LYS A 279 -16.53 -21.58 -40.08
N LYS A 280 -15.51 -22.44 -39.97
CA LYS A 280 -15.50 -23.49 -38.96
C LYS A 280 -14.56 -23.11 -37.82
N ARG A 281 -14.88 -21.99 -37.17
CA ARG A 281 -14.12 -21.56 -36.01
C ARG A 281 -14.28 -22.54 -34.87
N ARG A 282 -13.21 -22.71 -34.09
CA ARG A 282 -13.28 -23.57 -32.92
C ARG A 282 -14.07 -22.84 -31.84
N THR A 283 -15.01 -23.53 -31.21
CA THR A 283 -15.80 -22.92 -30.15
C THR A 283 -15.83 -23.80 -28.90
N ILE A 284 -16.23 -23.18 -27.80
CA ILE A 284 -16.37 -23.85 -26.52
C ILE A 284 -17.76 -24.48 -26.46
N ASP A 285 -17.81 -25.78 -26.13
CA ASP A 285 -19.07 -26.49 -26.07
C ASP A 285 -19.54 -26.51 -24.61
N PRO A 286 -20.53 -25.68 -24.24
CA PRO A 286 -20.92 -25.57 -22.83
C PRO A 286 -21.28 -26.88 -22.16
N ASN A 287 -21.74 -27.87 -22.92
CA ASN A 287 -22.15 -29.14 -22.32
C ASN A 287 -20.95 -29.99 -21.90
N ARG A 288 -19.76 -29.69 -22.41
CA ARG A 288 -18.54 -30.37 -22.02
C ARG A 288 -17.83 -29.66 -20.87
N LEU A 289 -18.47 -28.66 -20.28
CA LEU A 289 -17.96 -27.97 -19.10
C LEU A 289 -18.56 -28.64 -17.86
N ILE A 290 -17.78 -29.52 -17.23
CA ILE A 290 -18.19 -30.19 -16.00
C ILE A 290 -17.53 -29.41 -14.87
N TRP A 291 -18.23 -28.41 -14.35
CA TRP A 291 -17.58 -27.47 -13.42
C TRP A 291 -18.63 -26.69 -12.63
N LYS A 292 -18.58 -26.80 -11.28
CA LYS A 292 -19.30 -25.92 -10.36
C LYS A 292 -18.35 -24.88 -9.78
N PRO A 293 -18.80 -23.63 -9.73
CA PRO A 293 -17.95 -22.54 -9.23
C PRO A 293 -17.42 -22.83 -7.84
N PRO A 294 -16.15 -22.54 -7.59
CA PRO A 294 -15.58 -22.77 -6.25
C PRO A 294 -16.29 -21.94 -5.20
N VAL A 295 -16.54 -22.58 -4.05
CA VAL A 295 -17.13 -21.91 -2.90
C VAL A 295 -16.03 -21.65 -1.89
N PHE A 296 -15.80 -20.38 -1.56
CA PHE A 296 -14.77 -19.98 -0.60
C PHE A 296 -15.42 -19.41 0.65
N THR A 297 -14.92 -19.84 1.81
CA THR A 297 -15.31 -19.24 3.07
C THR A 297 -14.41 -18.07 3.39
N ALA A 298 -14.75 -17.36 4.48
CA ALA A 298 -13.99 -16.16 4.84
C ALA A 298 -12.54 -16.47 5.15
N SER A 299 -12.28 -17.63 5.75
CA SER A 299 -10.90 -17.99 6.08
C SER A 299 -10.13 -18.43 4.85
N GLN A 300 -10.83 -19.01 3.86
CA GLN A 300 -10.16 -19.40 2.62
C GLN A 300 -9.81 -18.21 1.75
N LEU A 301 -10.48 -17.07 1.94
CA LEU A 301 -10.16 -15.86 1.19
C LEU A 301 -9.09 -15.02 1.90
N ARG A 302 -8.02 -15.69 2.31
CA ARG A 302 -6.89 -15.06 2.95
C ARG A 302 -5.62 -15.66 2.39
N PHE A 303 -4.48 -15.08 2.75
CA PHE A 303 -3.21 -15.72 2.45
C PHE A 303 -2.94 -16.82 3.46
N ALA A 304 -2.29 -17.89 3.00
CA ALA A 304 -2.06 -19.05 3.85
C ALA A 304 -1.12 -18.70 5.01
N TRP A 305 -1.32 -19.41 6.12
CA TRP A 305 -0.53 -19.17 7.33
C TRP A 305 -0.05 -20.49 7.93
N MET B 1 21.52 -88.86 -15.04
CA MET B 1 20.15 -88.59 -15.43
C MET B 1 19.25 -88.50 -14.21
N THR B 2 19.80 -88.86 -13.04
CA THR B 2 19.06 -88.72 -11.80
C THR B 2 18.78 -87.26 -11.46
N ASP B 3 19.60 -86.35 -11.98
CA ASP B 3 19.35 -84.92 -11.78
C ASP B 3 18.04 -84.51 -12.44
N GLU B 4 17.76 -85.09 -13.61
CA GLU B 4 16.51 -84.82 -14.30
C GLU B 4 15.33 -85.39 -13.55
N LEU B 5 15.53 -86.48 -12.81
CA LEU B 5 14.50 -87.03 -11.95
C LEU B 5 14.33 -86.21 -10.67
N LYS B 6 15.41 -85.59 -10.19
CA LYS B 6 15.31 -84.74 -9.00
C LYS B 6 14.64 -83.41 -9.35
N SER B 7 14.89 -82.89 -10.55
CA SER B 7 14.16 -81.70 -11.00
C SER B 7 12.67 -81.96 -11.01
N TYR B 8 12.26 -83.17 -11.41
CA TYR B 8 10.85 -83.52 -11.40
C TYR B 8 10.32 -83.59 -9.97
N GLU B 9 11.11 -84.12 -9.04
CA GLU B 9 10.71 -84.14 -7.64
C GLU B 9 10.67 -82.75 -7.04
N ALA B 10 11.56 -81.86 -7.49
CA ALA B 10 11.56 -80.50 -6.98
C ALA B 10 10.38 -79.71 -7.53
N LEU B 11 10.14 -79.79 -8.84
CA LEU B 11 9.05 -79.03 -9.44
C LEU B 11 7.69 -79.48 -8.91
N LYS B 12 7.53 -80.78 -8.62
CA LYS B 12 6.26 -81.23 -8.04
C LYS B 12 6.02 -80.59 -6.68
N ALA B 13 7.05 -80.56 -5.84
CA ALA B 13 6.90 -79.96 -4.51
C ALA B 13 6.66 -78.46 -4.61
N GLU B 14 7.33 -77.80 -5.56
CA GLU B 14 7.10 -76.38 -5.77
C GLU B 14 5.69 -76.11 -6.25
N LEU B 15 5.10 -77.07 -6.98
CA LEU B 15 3.74 -76.91 -7.47
C LEU B 15 2.74 -77.30 -6.39
N LYS B 16 3.13 -78.20 -5.47
CA LYS B 16 2.35 -78.45 -4.26
C LYS B 16 2.12 -77.15 -3.50
N LYS B 17 3.17 -76.34 -3.41
CA LYS B 17 3.18 -75.16 -2.55
C LYS B 17 2.47 -73.99 -3.19
N SER B 18 2.72 -73.76 -4.49
CA SER B 18 2.08 -72.65 -5.19
C SER B 18 0.56 -72.84 -5.28
N LEU B 19 0.10 -74.09 -5.38
CA LEU B 19 -1.34 -74.33 -5.34
C LEU B 19 -1.91 -74.00 -3.98
N GLN B 20 -1.18 -74.34 -2.91
CA GLN B 20 -1.64 -74.01 -1.57
C GLN B 20 -1.67 -72.50 -1.37
N ASP B 21 -0.65 -71.81 -1.90
CA ASP B 21 -0.63 -70.35 -1.87
C ASP B 21 -1.82 -69.76 -2.62
N ARG B 22 -2.12 -70.30 -3.80
CA ARG B 22 -3.23 -69.77 -4.59
C ARG B 22 -4.54 -69.87 -3.83
N ARG B 23 -4.78 -70.98 -3.14
CA ARG B 23 -6.02 -71.13 -2.40
C ARG B 23 -6.10 -70.14 -1.25
N GLU B 24 -4.97 -69.93 -0.57
CA GLU B 24 -4.95 -68.95 0.52
C GLU B 24 -5.26 -67.55 0.00
N GLN B 25 -4.71 -67.19 -1.16
CA GLN B 25 -4.98 -65.88 -1.73
C GLN B 25 -6.44 -65.76 -2.15
N GLU B 26 -6.99 -66.83 -2.76
CA GLU B 26 -8.41 -66.86 -3.12
C GLU B 26 -9.27 -66.70 -1.89
N ASP B 27 -8.81 -67.22 -0.76
CA ASP B 27 -9.61 -67.29 0.45
C ASP B 27 -9.61 -65.97 1.19
N THR B 28 -8.44 -65.33 1.27
CA THR B 28 -8.33 -64.02 1.91
C THR B 28 -8.99 -62.94 1.07
N PHE B 29 -8.97 -63.10 -0.26
CA PHE B 29 -9.66 -62.16 -1.14
C PHE B 29 -11.14 -62.12 -0.81
N ASP B 30 -11.76 -63.28 -0.60
CA ASP B 30 -13.20 -63.32 -0.33
C ASP B 30 -13.53 -62.63 0.99
N ASN B 31 -12.64 -62.73 1.98
CA ASN B 31 -12.88 -62.07 3.27
C ASN B 31 -12.81 -60.56 3.13
N LEU B 32 -11.81 -60.06 2.40
CA LEU B 32 -11.60 -58.61 2.30
C LEU B 32 -12.82 -57.90 1.75
N GLN B 33 -13.36 -58.35 0.61
CA GLN B 33 -14.51 -57.66 0.03
C GLN B 33 -15.70 -57.63 0.97
N GLN B 34 -15.90 -58.68 1.75
CA GLN B 34 -16.98 -58.64 2.74
C GLN B 34 -16.63 -57.61 3.81
N GLU B 35 -15.38 -57.60 4.25
CA GLU B 35 -14.89 -56.60 5.20
C GLU B 35 -15.07 -55.20 4.62
N ILE B 36 -14.73 -55.02 3.33
CA ILE B 36 -14.92 -53.72 2.68
C ILE B 36 -16.39 -53.35 2.69
N TYR B 37 -17.26 -54.29 2.33
CA TYR B 37 -18.70 -54.02 2.31
C TYR B 37 -19.21 -53.70 3.72
N ASP B 38 -18.73 -54.45 4.73
CA ASP B 38 -19.19 -54.23 6.09
C ASP B 38 -18.73 -52.89 6.64
N LYS B 39 -17.49 -52.50 6.30
CA LYS B 39 -16.97 -51.22 6.78
C LYS B 39 -17.67 -50.04 6.11
N GLU B 40 -18.11 -50.20 4.86
CA GLU B 40 -18.91 -49.17 4.21
C GLU B 40 -20.19 -48.91 5.00
N THR B 41 -20.76 -49.97 5.56
CA THR B 41 -22.02 -49.87 6.29
C THR B 41 -21.82 -49.30 7.68
N GLU B 42 -20.75 -49.71 8.36
CA GLU B 42 -20.51 -49.22 9.72
C GLU B 42 -20.19 -47.73 9.73
N TYR B 43 -19.48 -47.25 8.71
CA TYR B 43 -18.98 -45.88 8.71
C TYR B 43 -19.92 -44.88 8.06
N PHE B 44 -20.66 -45.26 7.02
CA PHE B 44 -21.46 -44.31 6.24
C PHE B 44 -22.96 -44.52 6.36
N SER B 45 -23.44 -44.89 7.55
CA SER B 45 -24.88 -45.14 7.78
C SER B 45 -25.12 -45.61 9.21
N TYR B 65 -21.55 -32.93 12.97
CA TYR B 65 -20.67 -33.09 11.82
C TYR B 65 -21.03 -34.34 11.01
N SER B 66 -20.98 -34.21 9.68
CA SER B 66 -21.34 -35.31 8.79
C SER B 66 -20.53 -35.18 7.49
N GLY B 67 -19.23 -35.42 7.59
CA GLY B 67 -18.32 -35.37 6.44
C GLY B 67 -17.79 -36.75 6.10
N ASN B 68 -17.66 -37.03 4.81
CA ASN B 68 -17.20 -38.33 4.34
C ASN B 68 -16.23 -38.12 3.18
N ILE B 69 -15.81 -39.24 2.59
CA ILE B 69 -15.27 -39.21 1.24
C ILE B 69 -16.41 -39.39 0.24
N ILE B 70 -17.56 -39.86 0.70
CA ILE B 70 -18.71 -40.01 -0.18
C ILE B 70 -19.31 -38.65 -0.49
N LYS B 71 -19.56 -37.84 0.54
CA LYS B 71 -20.24 -36.55 0.39
C LYS B 71 -19.29 -35.37 0.30
N GLY B 72 -18.26 -35.34 1.13
CA GLY B 72 -17.34 -34.22 1.22
C GLY B 72 -17.06 -33.91 2.67
N PHE B 73 -16.01 -33.13 2.91
CA PHE B 73 -15.56 -32.86 4.27
C PHE B 73 -15.97 -31.49 4.81
N ASP B 74 -16.17 -30.49 3.96
CA ASP B 74 -16.43 -29.12 4.40
C ASP B 74 -17.92 -28.95 4.70
N THR B 75 -18.32 -29.39 5.89
CA THR B 75 -19.72 -29.32 6.30
C THR B 75 -20.07 -28.07 7.11
N PHE B 76 -19.08 -27.31 7.59
CA PHE B 76 -19.36 -26.25 8.54
C PHE B 76 -19.91 -24.97 7.90
N SER B 77 -20.60 -25.13 6.78
CA SER B 77 -21.31 -24.07 6.05
C SER B 77 -21.28 -22.67 6.65
N SER B 86 -29.06 -37.98 -1.47
CA SER B 86 -28.72 -37.33 -0.22
C SER B 86 -28.36 -38.35 0.86
N ALA B 87 -29.01 -39.51 0.81
CA ALA B 87 -28.74 -40.59 1.74
C ALA B 87 -27.70 -41.54 1.13
N PHE B 88 -27.40 -42.62 1.83
CA PHE B 88 -26.33 -43.53 1.41
C PHE B 88 -26.94 -44.69 0.62
N ASN B 89 -27.20 -44.42 -0.65
CA ASN B 89 -27.65 -45.48 -1.55
C ASN B 89 -26.52 -46.48 -1.78
N ASN B 90 -26.90 -47.71 -2.16
CA ASN B 90 -25.90 -48.70 -2.52
C ASN B 90 -25.15 -48.33 -3.79
N ASN B 91 -25.57 -47.28 -4.48
CA ASN B 91 -24.83 -46.73 -5.61
C ASN B 91 -23.65 -45.88 -5.15
N ASP B 92 -23.58 -45.55 -3.86
CA ASP B 92 -22.49 -44.76 -3.30
C ASP B 92 -21.41 -45.61 -2.65
N ARG B 93 -21.51 -46.94 -2.73
CA ARG B 93 -20.49 -47.84 -2.16
C ARG B 93 -19.30 -47.93 -3.12
N ILE B 94 -18.60 -46.80 -3.26
CA ILE B 94 -17.56 -46.65 -4.26
C ILE B 94 -16.42 -47.63 -4.07
N PHE B 95 -16.20 -48.13 -2.85
CA PHE B 95 -15.12 -49.08 -2.63
C PHE B 95 -15.50 -50.47 -3.11
N SER B 96 -16.74 -50.89 -2.84
CA SER B 96 -17.20 -52.18 -3.34
C SER B 96 -17.37 -52.16 -4.85
N LEU B 97 -17.88 -51.05 -5.39
CA LEU B 97 -18.13 -50.93 -6.82
C LEU B 97 -16.85 -50.84 -7.63
N SER B 98 -15.68 -50.87 -6.98
CA SER B 98 -14.40 -50.89 -7.67
C SER B 98 -13.95 -52.31 -7.98
N SER B 99 -14.73 -53.30 -7.56
CA SER B 99 -14.50 -54.70 -7.90
C SER B 99 -15.64 -55.19 -8.78
N ALA B 100 -15.30 -55.70 -9.96
CA ALA B 100 -16.32 -56.22 -10.86
C ALA B 100 -17.02 -57.45 -10.29
N THR B 101 -16.38 -58.14 -9.33
CA THR B 101 -16.99 -59.32 -8.73
C THR B 101 -18.22 -58.97 -7.92
N TYR B 102 -18.27 -57.75 -7.37
CA TYR B 102 -19.42 -57.28 -6.61
C TYR B 102 -20.42 -56.59 -7.55
N ARG C 9 0.13 2.68 -56.25
CA ARG C 9 1.17 3.14 -57.17
C ARG C 9 2.42 2.28 -57.05
N LYS C 10 3.52 2.70 -57.68
CA LYS C 10 4.74 1.93 -57.69
C LYS C 10 5.87 2.77 -58.29
N ILE C 11 7.10 2.38 -57.94
CA ILE C 11 8.36 2.87 -58.49
C ILE C 11 8.48 4.40 -58.40
N SER C 12 7.87 4.97 -57.38
CA SER C 12 8.21 6.33 -56.96
C SER C 12 9.31 6.22 -55.91
N VAL C 13 10.49 6.74 -56.22
CA VAL C 13 11.63 6.67 -55.31
C VAL C 13 11.78 8.02 -54.63
N LYS C 14 11.40 8.07 -53.36
CA LYS C 14 11.75 9.15 -52.45
C LYS C 14 12.04 8.45 -51.12
N GLN C 15 13.18 7.78 -51.06
CA GLN C 15 13.57 6.98 -49.91
C GLN C 15 12.47 5.98 -49.54
N HIS C 16 12.33 4.91 -50.31
CA HIS C 16 11.48 3.80 -49.92
C HIS C 16 12.40 2.79 -49.25
N LEU C 17 12.19 2.58 -47.95
CA LEU C 17 13.01 1.65 -47.19
C LEU C 17 12.25 0.36 -46.97
N LYS C 18 12.95 -0.76 -47.11
CA LYS C 18 12.39 -2.08 -46.86
C LYS C 18 12.80 -2.55 -45.48
N ILE C 19 11.90 -3.25 -44.80
CA ILE C 19 12.19 -3.78 -43.47
C ILE C 19 11.97 -5.28 -43.51
N TYR C 20 12.98 -6.05 -43.12
CA TYR C 20 12.72 -7.45 -42.86
C TYR C 20 12.34 -7.60 -41.39
N LEU C 21 11.67 -8.70 -41.08
CA LEU C 21 10.97 -8.75 -39.80
C LEU C 21 11.50 -9.78 -38.82
N PRO C 22 12.71 -9.61 -38.28
CA PRO C 22 13.04 -10.32 -37.03
C PRO C 22 12.17 -9.87 -35.88
N ASN C 23 11.55 -8.69 -35.99
CA ASN C 23 10.44 -8.27 -35.13
C ASN C 23 9.25 -7.97 -36.03
N ASP C 24 8.21 -8.80 -35.91
CA ASP C 24 7.05 -8.75 -36.79
C ASP C 24 6.11 -7.61 -36.45
N LEU C 25 5.16 -7.38 -37.35
CA LEU C 25 4.05 -6.45 -37.17
C LEU C 25 2.79 -7.12 -37.70
N LYS C 26 1.64 -6.80 -37.09
CA LYS C 26 0.39 -7.43 -37.47
C LYS C 26 -0.65 -6.38 -37.84
N HIS C 27 -1.15 -6.46 -39.06
CA HIS C 27 -2.38 -5.83 -39.54
C HIS C 27 -2.74 -6.44 -40.89
N ASP C 70 -3.22 2.05 -34.11
CA ASP C 70 -1.91 1.57 -33.68
C ASP C 70 -1.48 0.25 -34.32
N TYR C 71 -0.17 0.12 -34.47
CA TYR C 71 0.44 -1.11 -34.94
C TYR C 71 0.64 -2.05 -33.76
N ILE C 72 0.65 -3.34 -34.05
CA ILE C 72 0.72 -4.36 -33.01
C ILE C 72 1.95 -5.22 -33.27
N PRO C 73 2.90 -5.29 -32.36
CA PRO C 73 4.04 -6.20 -32.54
C PRO C 73 3.60 -7.64 -32.35
N THR C 74 4.27 -8.54 -33.06
CA THR C 74 3.86 -9.94 -33.04
C THR C 74 5.09 -10.83 -32.86
N PRO C 75 5.05 -11.80 -31.95
CA PRO C 75 6.15 -12.76 -31.86
C PRO C 75 6.27 -13.51 -33.16
N ASP C 76 7.51 -13.74 -33.60
CA ASP C 76 7.68 -14.53 -34.82
C ASP C 76 7.50 -16.02 -34.50
N ALA C 77 7.27 -16.80 -35.56
CA ALA C 77 7.10 -18.24 -35.41
C ALA C 77 8.28 -18.84 -34.66
N SER C 78 8.00 -19.79 -33.78
CA SER C 78 8.98 -20.37 -32.90
C SER C 78 9.63 -21.59 -33.52
N MET C 79 10.97 -21.59 -33.53
CA MET C 79 11.70 -22.76 -34.00
C MET C 79 11.53 -23.91 -33.03
N THR C 80 11.77 -25.12 -33.53
CA THR C 80 11.69 -26.32 -32.70
C THR C 80 13.04 -26.66 -32.10
N TRP C 81 13.01 -27.47 -31.05
CA TRP C 81 14.20 -27.85 -30.30
C TRP C 81 14.62 -29.26 -30.69
N ASN C 82 15.91 -29.42 -31.03
CA ASN C 82 16.38 -30.68 -31.59
C ASN C 82 16.26 -31.84 -30.61
N GLU C 83 16.70 -31.63 -29.36
CA GLU C 83 16.74 -32.70 -28.38
C GLU C 83 15.40 -33.01 -27.73
N TYR C 84 14.31 -32.40 -28.22
CA TYR C 84 13.01 -32.56 -27.59
C TYR C 84 12.66 -34.04 -27.38
N ASP C 85 12.86 -34.86 -28.41
CA ASP C 85 12.51 -36.28 -28.33
C ASP C 85 13.36 -37.04 -27.32
N LYS C 86 14.54 -36.50 -26.96
CA LYS C 86 15.38 -37.15 -25.97
C LYS C 86 14.97 -36.80 -24.56
N PHE C 87 14.45 -35.59 -24.34
CA PHE C 87 14.05 -35.14 -23.02
C PHE C 87 12.61 -35.50 -22.68
N TYR C 88 11.73 -35.53 -23.67
CA TYR C 88 10.31 -35.79 -23.45
C TYR C 88 9.96 -37.17 -24.01
N THR C 89 10.14 -38.18 -23.17
CA THR C 89 9.90 -39.57 -23.54
C THR C 89 8.87 -40.17 -22.59
N GLY C 90 7.82 -40.76 -23.14
CA GLY C 90 6.81 -41.42 -22.34
C GLY C 90 5.45 -41.31 -23.00
N SER C 91 4.43 -41.75 -22.25
CA SER C 91 3.06 -41.74 -22.72
C SER C 91 2.11 -41.44 -21.57
N PHE C 92 1.10 -40.62 -21.85
CA PHE C 92 0.02 -40.33 -20.91
C PHE C 92 -1.30 -40.81 -21.50
N GLN C 93 -1.87 -41.85 -20.91
CA GLN C 93 -3.15 -42.40 -21.38
C GLN C 93 -4.31 -41.55 -20.89
N GLU C 94 -5.14 -41.09 -21.83
CA GLU C 94 -6.35 -40.37 -21.48
C GLU C 94 -7.36 -41.30 -20.82
N THR C 95 -7.94 -40.87 -19.71
CA THR C 95 -8.95 -41.64 -19.01
C THR C 95 -10.34 -41.23 -19.48
N THR C 96 -11.32 -42.10 -19.23
CA THR C 96 -12.69 -41.86 -19.68
C THR C 96 -13.27 -40.61 -19.01
N SER C 97 -13.15 -40.51 -17.70
CA SER C 97 -13.66 -39.35 -16.97
C SER C 97 -12.58 -38.27 -16.87
N TYR C 98 -13.03 -37.05 -16.58
CA TYR C 98 -12.12 -35.92 -16.45
C TYR C 98 -11.17 -36.10 -15.27
N ILE C 99 -9.93 -35.63 -15.45
CA ILE C 99 -8.87 -35.80 -14.46
C ILE C 99 -9.25 -35.14 -13.14
N LYS C 100 -9.03 -35.87 -12.05
CA LYS C 100 -9.06 -35.31 -10.70
C LYS C 100 -7.66 -35.43 -10.10
N PHE C 101 -7.08 -34.30 -9.71
CA PHE C 101 -5.69 -34.26 -9.31
C PHE C 101 -5.49 -33.13 -8.30
N SER C 102 -4.65 -33.38 -7.29
CA SER C 102 -4.33 -32.33 -6.33
C SER C 102 -2.91 -32.43 -5.80
N ALA C 103 -2.08 -33.33 -6.31
CA ALA C 103 -0.68 -33.35 -5.90
C ALA C 103 0.04 -32.12 -6.42
N THR C 104 1.11 -31.76 -5.73
CA THR C 104 1.90 -30.59 -6.08
C THR C 104 3.10 -30.98 -6.96
N VAL C 105 3.74 -29.96 -7.53
CA VAL C 105 4.93 -30.19 -8.34
C VAL C 105 5.99 -30.94 -7.54
N GLU C 106 6.12 -30.60 -6.25
CA GLU C 106 7.09 -31.26 -5.38
C GLU C 106 6.83 -32.76 -5.29
N ASP C 107 5.54 -33.14 -5.22
CA ASP C 107 5.20 -34.56 -5.12
C ASP C 107 5.60 -35.35 -6.36
N CYS C 108 5.72 -34.69 -7.51
CA CYS C 108 5.94 -35.38 -8.79
C CYS C 108 7.36 -35.24 -9.33
N CYS C 109 8.29 -34.72 -8.54
CA CYS C 109 9.64 -34.45 -9.04
C CYS C 109 10.69 -35.43 -8.53
N GLY C 110 10.38 -36.20 -7.50
CA GLY C 110 11.35 -37.14 -6.96
C GLY C 110 12.39 -36.44 -6.11
N THR C 111 13.66 -36.65 -6.45
CA THR C 111 14.77 -36.16 -5.65
C THR C 111 14.99 -34.67 -5.86
N ASN C 112 15.27 -33.97 -4.74
CA ASN C 112 15.48 -32.53 -4.80
C ASN C 112 16.67 -32.17 -5.69
N TYR C 113 17.79 -32.88 -5.53
CA TYR C 113 19.03 -32.51 -6.20
C TYR C 113 19.02 -32.90 -7.67
N ASN C 114 19.64 -32.07 -8.50
CA ASN C 114 19.81 -32.34 -9.92
C ASN C 114 21.26 -32.08 -10.30
N MET C 115 21.92 -33.10 -10.84
CA MET C 115 23.31 -32.96 -11.25
C MET C 115 23.45 -31.95 -12.38
N ASP C 116 24.43 -31.05 -12.25
CA ASP C 116 24.79 -30.13 -13.31
C ASP C 116 25.99 -30.69 -14.07
N GLU C 117 26.48 -29.91 -15.02
CA GLU C 117 27.60 -30.36 -15.86
C GLU C 117 28.82 -30.71 -15.01
N ARG C 118 29.13 -29.87 -14.02
CA ARG C 118 30.29 -30.11 -13.17
C ARG C 118 30.11 -31.37 -12.32
N ASP C 119 28.89 -31.60 -11.83
CA ASP C 119 28.62 -32.84 -11.10
C ASP C 119 28.79 -34.06 -12.01
N GLU C 120 28.49 -33.89 -13.29
CA GLU C 120 28.56 -34.99 -14.25
C GLU C 120 30.01 -35.41 -14.49
N THR C 121 30.89 -34.43 -14.74
CA THR C 121 32.30 -34.74 -14.97
C THR C 121 32.96 -35.33 -13.72
N PHE C 122 32.58 -34.84 -12.54
CA PHE C 122 33.16 -35.37 -11.31
C PHE C 122 32.74 -36.82 -11.07
N LEU C 123 31.51 -37.18 -11.45
CA LEU C 123 31.06 -38.56 -11.29
C LEU C 123 31.84 -39.49 -12.21
N ASN C 124 31.98 -39.10 -13.48
CA ASN C 124 32.62 -39.97 -14.46
C ASN C 124 34.13 -40.02 -14.27
N GLU C 125 34.77 -38.87 -14.13
CA GLU C 125 36.22 -38.77 -14.16
C GLU C 125 36.88 -38.84 -12.78
N GLN C 126 36.12 -39.19 -11.74
CA GLN C 126 36.71 -39.29 -10.41
C GLN C 126 36.14 -40.48 -9.64
N VAL C 127 34.82 -40.48 -9.41
CA VAL C 127 34.20 -41.53 -8.60
C VAL C 127 34.04 -42.83 -9.39
N ASN C 128 33.70 -42.71 -10.67
CA ASN C 128 33.40 -43.87 -11.50
C ASN C 128 34.43 -44.10 -12.59
N LYS C 129 35.64 -43.54 -12.42
CA LYS C 129 36.65 -43.62 -13.46
C LYS C 129 37.07 -45.06 -13.73
N GLY C 130 37.49 -45.78 -12.69
CA GLY C 130 37.89 -47.17 -12.84
C GLY C 130 37.41 -48.01 -11.67
N SER C 131 36.41 -47.49 -10.96
CA SER C 131 35.91 -48.14 -9.77
C SER C 131 35.28 -49.50 -10.10
N SER C 132 35.48 -50.46 -9.21
CA SER C 132 34.78 -51.74 -9.32
C SER C 132 33.28 -51.51 -9.16
N ASP C 133 32.89 -50.63 -8.24
CA ASP C 133 31.50 -50.33 -7.97
C ASP C 133 31.21 -48.94 -8.50
N ILE C 134 30.22 -48.84 -9.39
CA ILE C 134 29.87 -47.56 -10.03
C ILE C 134 28.74 -46.91 -9.25
N LEU C 135 28.72 -45.58 -9.29
CA LEU C 135 27.73 -44.76 -8.60
C LEU C 135 26.73 -44.16 -9.57
N THR C 136 25.47 -44.55 -9.45
CA THR C 136 24.43 -44.10 -10.35
C THR C 136 24.14 -42.62 -10.14
N GLU C 137 23.78 -41.93 -11.24
CA GLU C 137 23.42 -40.52 -11.16
C GLU C 137 22.28 -40.30 -10.18
N ASP C 138 21.26 -41.17 -10.23
CA ASP C 138 20.17 -41.08 -9.27
C ASP C 138 20.68 -41.26 -7.85
N GLU C 139 21.67 -42.13 -7.67
CA GLU C 139 22.23 -42.37 -6.35
C GLU C 139 23.08 -41.19 -5.89
N PHE C 140 23.83 -40.59 -6.81
CA PHE C 140 24.62 -39.40 -6.47
C PHE C 140 23.74 -38.29 -5.94
N GLU C 141 22.57 -38.09 -6.57
CA GLU C 141 21.64 -37.07 -6.11
C GLU C 141 21.01 -37.41 -4.77
N ILE C 142 20.79 -38.70 -4.49
CA ILE C 142 20.22 -39.11 -3.21
C ILE C 142 21.13 -38.70 -2.06
N LEU C 143 22.45 -38.87 -2.25
CA LEU C 143 23.40 -38.46 -1.23
C LEU C 143 23.37 -36.95 -1.03
N CYS C 144 23.58 -36.20 -2.12
CA CYS C 144 23.59 -34.74 -2.04
C CYS C 144 22.29 -34.20 -1.49
N SER C 145 21.16 -34.78 -1.90
CA SER C 145 19.86 -34.35 -1.37
C SER C 145 19.82 -34.52 0.14
N SER C 146 20.47 -35.56 0.66
CA SER C 146 20.54 -35.77 2.11
C SER C 146 21.56 -34.84 2.76
N PHE C 147 22.65 -34.52 2.06
CA PHE C 147 23.62 -33.58 2.59
C PHE C 147 23.01 -32.21 2.76
N GLU C 148 22.29 -31.74 1.73
CA GLU C 148 21.65 -30.42 1.78
C GLU C 148 20.64 -30.34 2.91
N HIS C 149 19.83 -31.39 3.07
CA HIS C 149 18.82 -31.40 4.12
C HIS C 149 19.46 -31.41 5.50
N ALA C 150 20.55 -32.14 5.67
CA ALA C 150 21.20 -32.23 6.97
C ALA C 150 21.81 -30.90 7.38
N ILE C 151 22.56 -30.27 6.48
CA ILE C 151 23.19 -28.99 6.78
C ILE C 151 22.14 -27.92 7.01
N HIS C 152 21.06 -27.94 6.22
CA HIS C 152 19.97 -26.98 6.40
C HIS C 152 19.35 -27.07 7.78
N GLU C 153 19.42 -28.24 8.41
CA GLU C 153 18.83 -28.45 9.73
C GLU C 153 19.82 -28.21 10.85
N ARG C 154 21.06 -28.66 10.68
CA ARG C 154 22.06 -28.52 11.73
C ARG C 154 22.84 -27.21 11.68
N GLN C 155 23.05 -26.65 10.50
CA GLN C 155 23.80 -25.41 10.33
C GLN C 155 23.00 -24.41 9.51
N PRO C 156 21.87 -23.93 10.04
CA PRO C 156 21.03 -23.00 9.28
C PRO C 156 21.69 -21.66 9.04
N PHE C 157 22.70 -21.31 9.84
CA PHE C 157 23.39 -20.04 9.68
C PHE C 157 24.83 -20.29 9.24
N LEU C 158 24.97 -21.17 8.23
CA LEU C 158 26.29 -21.51 7.72
C LEU C 158 26.99 -20.30 7.14
N SER C 159 26.25 -19.44 6.44
CA SER C 159 26.85 -18.28 5.79
C SER C 159 27.52 -17.33 6.78
N MET C 160 27.21 -17.46 8.07
CA MET C 160 27.88 -16.66 9.08
C MET C 160 29.36 -17.04 9.15
N ASP C 161 29.66 -18.33 8.99
CA ASP C 161 31.03 -18.84 9.05
C ASP C 161 31.12 -20.04 8.14
N PRO C 162 31.23 -19.82 6.83
CA PRO C 162 31.17 -20.94 5.88
C PRO C 162 32.33 -21.90 6.04
N GLU C 163 33.50 -21.40 6.45
CA GLU C 163 34.67 -22.26 6.60
C GLU C 163 34.47 -23.31 7.68
N SER C 164 33.58 -23.06 8.65
CA SER C 164 33.35 -23.96 9.76
C SER C 164 32.22 -24.95 9.49
N ILE C 165 32.00 -25.29 8.21
CA ILE C 165 30.97 -26.26 7.88
C ILE C 165 31.34 -27.61 8.49
N LEU C 166 30.31 -28.36 8.91
CA LEU C 166 30.50 -29.63 9.58
C LEU C 166 31.34 -30.57 8.71
N SER C 167 32.15 -31.41 9.38
CA SER C 167 32.89 -32.45 8.68
C SER C 167 31.96 -33.63 8.38
N PHE C 168 32.43 -34.51 7.50
CA PHE C 168 31.63 -35.69 7.15
C PHE C 168 31.40 -36.58 8.36
N GLU C 169 32.45 -36.88 9.12
CA GLU C 169 32.30 -37.69 10.32
C GLU C 169 31.37 -37.00 11.32
N GLU C 170 31.44 -35.67 11.42
CA GLU C 170 30.54 -34.96 12.32
C GLU C 170 29.10 -35.04 11.84
N LEU C 171 28.90 -35.21 10.53
CA LEU C 171 27.56 -35.22 9.96
C LEU C 171 26.95 -36.60 9.91
N LYS C 172 27.77 -37.64 9.77
CA LYS C 172 27.26 -39.01 9.58
C LYS C 172 26.16 -39.40 10.56
N PRO C 173 26.24 -39.11 11.87
CA PRO C 173 25.10 -39.43 12.74
C PRO C 173 23.78 -38.85 12.27
N THR C 174 23.78 -37.59 11.82
CA THR C 174 22.55 -36.94 11.41
C THR C 174 22.03 -37.49 10.09
N LEU C 175 22.94 -37.93 9.22
CA LEU C 175 22.53 -38.53 7.96
C LEU C 175 21.73 -39.81 8.18
N ILE C 176 22.07 -40.56 9.23
CA ILE C 176 21.37 -41.81 9.53
C ILE C 176 19.93 -41.54 9.98
N LYS C 177 19.75 -40.57 10.88
CA LYS C 177 18.42 -40.30 11.42
C LYS C 177 17.44 -39.79 10.37
N SER C 178 17.93 -39.29 9.24
CA SER C 178 17.08 -38.71 8.20
C SER C 178 15.97 -39.66 7.74
N ASP C 182 9.33 -38.95 1.99
CA ASP C 182 8.46 -39.76 2.83
C ASP C 182 8.81 -41.24 2.73
N PHE C 183 10.07 -41.55 3.03
CA PHE C 183 10.53 -42.93 2.99
C PHE C 183 9.86 -43.77 4.07
N ASN C 184 9.73 -43.21 5.27
CA ASN C 184 9.14 -43.95 6.39
C ASN C 184 7.69 -44.29 6.13
N LEU C 185 6.92 -43.34 5.59
CA LEU C 185 5.51 -43.57 5.32
C LEU C 185 5.33 -44.58 4.20
N ARG C 186 6.17 -44.50 3.17
CA ARG C 186 6.12 -45.46 2.08
C ARG C 186 6.37 -46.88 2.61
N ASN C 187 7.33 -47.04 3.53
CA ASN C 187 7.61 -48.35 4.11
C ASN C 187 6.50 -48.79 5.07
N GLN C 188 5.93 -47.85 5.83
CA GLN C 188 4.84 -48.20 6.73
C GLN C 188 3.64 -48.72 5.97
N LEU C 189 3.31 -48.09 4.85
CA LEU C 189 2.19 -48.55 4.03
C LEU C 189 2.48 -49.92 3.43
N ASN C 190 3.71 -50.15 2.98
CA ASN C 190 4.08 -51.45 2.41
C ASN C 190 3.86 -52.58 3.40
N HIS C 191 4.06 -52.32 4.69
CA HIS C 191 3.81 -53.34 5.71
C HIS C 191 2.31 -53.50 5.97
N GLU C 192 1.58 -52.38 6.06
CA GLU C 192 0.14 -52.46 6.33
C GLU C 192 -0.61 -53.16 5.21
N ILE C 193 -0.19 -52.95 3.96
CA ILE C 193 -0.81 -53.68 2.85
C ILE C 193 -0.52 -55.16 2.97
N ASN C 194 0.51 -55.53 3.73
CA ASN C 194 1.05 -56.88 3.80
C ASN C 194 1.66 -57.28 2.47
N SER C 195 2.02 -56.29 1.66
CA SER C 195 2.80 -56.57 0.47
C SER C 195 4.15 -57.14 0.87
N HIS C 196 4.93 -56.38 1.64
CA HIS C 196 6.22 -56.82 2.15
C HIS C 196 7.15 -57.28 1.02
N LYS C 197 7.01 -56.67 -0.15
CA LYS C 197 7.87 -56.98 -1.28
C LYS C 197 8.30 -55.69 -1.95
N THR C 198 9.60 -55.59 -2.22
CA THR C 198 10.20 -54.53 -3.02
C THR C 198 9.79 -53.15 -2.49
N HIS C 199 9.23 -52.29 -3.32
CA HIS C 199 8.94 -50.91 -2.99
C HIS C 199 7.44 -50.68 -3.09
N PHE C 200 6.96 -49.62 -2.43
CA PHE C 200 5.57 -49.23 -2.54
C PHE C 200 5.44 -48.26 -3.71
N ILE C 201 4.65 -48.65 -4.72
CA ILE C 201 4.60 -47.95 -5.99
C ILE C 201 3.31 -47.17 -6.08
N THR C 202 3.41 -45.89 -6.42
CA THR C 202 2.27 -45.01 -6.66
C THR C 202 2.39 -44.43 -8.07
N GLN C 203 1.45 -43.54 -8.39
CA GLN C 203 1.49 -42.84 -9.67
C GLN C 203 2.64 -41.84 -9.72
N PHE C 204 3.18 -41.47 -8.57
CA PHE C 204 4.22 -40.46 -8.47
C PHE C 204 5.62 -41.04 -8.53
N ASP C 205 5.75 -42.28 -9.00
CA ASP C 205 7.04 -42.96 -8.99
C ASP C 205 7.44 -43.40 -10.40
N PRO C 206 8.58 -42.95 -10.92
CA PRO C 206 9.09 -43.53 -12.16
C PRO C 206 9.73 -44.88 -11.90
N VAL C 207 9.69 -45.74 -12.90
CA VAL C 207 10.23 -47.09 -12.76
C VAL C 207 11.76 -47.11 -12.70
N SER C 208 12.42 -46.01 -13.07
CA SER C 208 13.88 -45.98 -13.06
C SER C 208 14.46 -45.80 -11.66
N GLN C 209 13.65 -45.34 -10.70
CA GLN C 209 14.12 -45.16 -9.33
C GLN C 209 14.16 -46.46 -8.54
N MET C 210 13.65 -47.55 -9.09
CA MET C 210 13.62 -48.82 -8.37
C MET C 210 15.00 -49.47 -8.30
N ASN C 211 15.86 -49.22 -9.28
CA ASN C 211 17.19 -49.82 -9.34
C ASN C 211 18.23 -49.01 -8.59
N THR C 212 17.81 -48.14 -7.67
CA THR C 212 18.72 -47.29 -6.91
C THR C 212 18.88 -47.82 -5.50
N ARG C 213 20.12 -47.84 -5.01
CA ARG C 213 20.38 -48.37 -3.68
C ARG C 213 19.80 -47.46 -2.60
N PRO C 214 19.41 -48.03 -1.46
CA PRO C 214 18.95 -47.21 -0.33
C PRO C 214 20.05 -46.31 0.20
N LEU C 215 19.62 -45.26 0.90
CA LEU C 215 20.53 -44.22 1.37
C LEU C 215 21.54 -44.76 2.40
N ILE C 216 21.05 -45.53 3.37
CA ILE C 216 21.88 -45.92 4.52
C ILE C 216 23.13 -46.69 4.09
N GLN C 217 23.06 -47.41 2.97
CA GLN C 217 24.23 -48.13 2.48
C GLN C 217 25.05 -47.30 1.52
N LEU C 218 24.43 -46.30 0.86
CA LEU C 218 25.15 -45.41 -0.01
C LEU C 218 26.10 -44.52 0.79
N ILE C 219 25.78 -44.26 2.06
CA ILE C 219 26.66 -43.50 2.92
C ILE C 219 27.98 -44.25 3.11
N GLU C 220 27.89 -45.55 3.41
CA GLU C 220 29.07 -46.34 3.69
C GLU C 220 29.95 -46.50 2.46
N LYS C 221 29.33 -46.72 1.30
CA LYS C 221 30.09 -47.07 0.10
C LYS C 221 30.74 -45.84 -0.54
N PHE C 222 30.00 -44.73 -0.64
CA PHE C 222 30.46 -43.56 -1.36
C PHE C 222 30.39 -42.26 -0.57
N GLY C 223 29.84 -42.28 0.65
CA GLY C 223 29.52 -41.03 1.34
C GLY C 223 30.70 -40.09 1.51
N SER C 224 31.82 -40.60 2.01
CA SER C 224 32.95 -39.73 2.31
C SER C 224 33.54 -39.11 1.05
N LYS C 225 33.50 -39.82 -0.08
CA LYS C 225 34.09 -39.30 -1.30
C LYS C 225 33.22 -38.21 -1.92
N ILE C 226 31.89 -38.39 -1.88
CA ILE C 226 30.99 -37.43 -2.49
C ILE C 226 30.89 -36.17 -1.63
N TYR C 227 30.73 -36.35 -0.31
CA TYR C 227 30.55 -35.22 0.58
C TYR C 227 31.72 -34.25 0.53
N ASP C 228 32.95 -34.77 0.37
CA ASP C 228 34.11 -33.89 0.28
C ASP C 228 34.01 -32.98 -0.95
N TYR C 229 33.40 -33.48 -2.02
CA TYR C 229 33.19 -32.66 -3.21
C TYR C 229 32.04 -31.68 -3.01
N TRP C 230 30.92 -32.18 -2.46
CA TRP C 230 29.79 -31.31 -2.15
C TRP C 230 30.19 -30.22 -1.18
N ARG C 231 31.00 -30.58 -0.18
CA ARG C 231 31.46 -29.62 0.81
C ARG C 231 32.18 -28.45 0.15
N GLU C 232 33.02 -28.73 -0.86
CA GLU C 232 33.75 -27.65 -1.53
C GLU C 232 32.82 -26.72 -2.29
N ARG C 233 31.72 -27.26 -2.84
CA ARG C 233 30.75 -26.40 -3.53
C ARG C 233 30.09 -25.43 -2.56
N LYS C 234 29.64 -25.94 -1.41
CA LYS C 234 29.05 -25.06 -0.40
C LYS C 234 30.05 -24.00 0.06
N ILE C 235 31.34 -24.36 0.12
CA ILE C 235 32.34 -23.38 0.53
C ILE C 235 32.50 -22.28 -0.53
N GLU C 236 32.45 -22.66 -1.82
CA GLU C 236 32.62 -21.67 -2.88
C GLU C 236 31.49 -20.65 -2.86
N VAL C 237 30.29 -21.08 -2.52
CA VAL C 237 29.12 -20.20 -2.53
C VAL C 237 28.94 -19.61 -1.13
N ASN C 238 29.98 -19.71 -0.30
CA ASN C 238 30.03 -19.05 1.00
C ASN C 238 28.87 -19.44 1.90
N GLY C 239 28.49 -20.71 1.85
CA GLY C 239 27.46 -21.23 2.71
C GLY C 239 26.05 -20.99 2.20
N TYR C 240 25.91 -20.23 1.12
CA TYR C 240 24.60 -19.95 0.54
C TYR C 240 24.18 -21.12 -0.35
N GLU C 241 23.14 -20.91 -1.15
CA GLU C 241 22.59 -21.98 -1.96
C GLU C 241 23.44 -22.20 -3.21
N ILE C 242 23.75 -23.47 -3.48
CA ILE C 242 24.60 -23.81 -4.62
C ILE C 242 23.95 -23.42 -5.94
N PHE C 243 22.63 -23.59 -6.05
CA PHE C 243 21.97 -23.35 -7.33
C PHE C 243 21.01 -22.16 -7.27
N PRO C 244 20.77 -21.51 -8.43
CA PRO C 244 19.94 -20.30 -8.45
C PRO C 244 18.61 -20.45 -7.73
N GLN C 245 18.33 -19.48 -6.86
CA GLN C 245 17.07 -19.42 -6.11
C GLN C 245 16.32 -18.13 -6.44
N LEU C 246 15.02 -18.16 -6.15
CA LEU C 246 14.19 -16.98 -6.25
C LEU C 246 14.51 -16.05 -5.09
N LYS C 247 14.27 -14.76 -5.30
CA LYS C 247 14.60 -13.76 -4.28
C LYS C 247 13.31 -13.40 -3.55
N PHE C 248 13.25 -13.72 -2.26
CA PHE C 248 12.04 -13.51 -1.47
C PHE C 248 12.27 -12.48 -0.37
N GLU C 249 11.19 -11.84 0.03
CA GLU C 249 11.20 -10.86 1.10
C GLU C 249 11.15 -11.55 2.46
N ARG C 250 12.06 -11.16 3.35
CA ARG C 250 12.13 -11.78 4.66
C ARG C 250 10.90 -11.45 5.51
N PRO C 251 10.39 -12.39 6.29
CA PRO C 251 9.19 -12.16 7.09
C PRO C 251 9.37 -11.01 8.08
N GLY C 252 8.40 -10.11 8.08
CA GLY C 252 8.44 -8.94 8.94
C GLY C 252 9.15 -7.75 8.32
N GLU C 253 10.00 -8.00 7.34
CA GLU C 253 10.65 -6.94 6.58
C GLU C 253 9.82 -6.60 5.36
N LYS C 254 10.02 -5.38 4.85
CA LYS C 254 9.33 -4.93 3.65
C LYS C 254 10.35 -4.31 2.71
N GLU C 255 10.52 -4.90 1.53
CA GLU C 255 11.40 -4.38 0.51
C GLU C 255 10.58 -3.91 -0.68
N GLU C 256 10.98 -2.79 -1.28
CA GLU C 256 10.24 -2.17 -2.37
C GLU C 256 11.09 -1.83 -3.57
N ILE C 257 12.40 -1.66 -3.39
CA ILE C 257 13.28 -1.21 -4.47
C ILE C 257 13.78 -2.37 -5.31
N ASP C 258 14.24 -3.43 -4.66
CA ASP C 258 14.83 -4.59 -5.33
C ASP C 258 13.87 -5.18 -6.36
N PRO C 259 14.22 -5.20 -7.65
CA PRO C 259 13.29 -5.70 -8.67
C PRO C 259 13.12 -7.20 -8.65
N TYR C 260 14.03 -7.93 -8.03
CA TYR C 260 13.99 -9.39 -8.04
C TYR C 260 13.19 -10.00 -6.90
N VAL C 261 12.62 -9.17 -6.02
CA VAL C 261 11.80 -9.68 -4.93
C VAL C 261 10.41 -10.05 -5.47
N CYS C 262 9.99 -11.28 -5.24
CA CYS C 262 8.74 -11.79 -5.80
C CYS C 262 7.82 -12.28 -4.68
N PHE C 263 6.55 -12.43 -5.05
CA PHE C 263 5.54 -13.16 -4.29
C PHE C 263 5.59 -12.86 -2.80
N ARG C 264 5.49 -11.56 -2.48
CA ARG C 264 5.43 -11.13 -1.10
C ARG C 264 4.16 -11.66 -0.42
N ARG C 265 4.27 -11.93 0.87
CA ARG C 265 3.14 -12.36 1.70
C ARG C 265 3.10 -11.46 2.93
N ARG C 266 2.21 -10.47 2.91
CA ARG C 266 2.16 -9.45 3.94
C ARG C 266 1.04 -9.67 4.95
N GLU C 267 0.17 -10.64 4.70
CA GLU C 267 -0.87 -10.98 5.66
C GLU C 267 -0.25 -11.49 6.96
N VAL C 268 -0.95 -11.28 8.06
CA VAL C 268 -0.49 -11.74 9.36
C VAL C 268 -1.70 -12.07 10.22
N ARG C 269 -1.65 -13.21 10.92
CA ARG C 269 -2.72 -13.68 11.78
C ARG C 269 -2.31 -13.49 13.23
N HIS C 270 -3.20 -12.91 14.02
CA HIS C 270 -2.85 -12.72 15.43
C HIS C 270 -3.71 -13.60 16.33
N PRO C 271 -3.12 -14.13 17.41
CA PRO C 271 -3.89 -14.96 18.34
C PRO C 271 -4.98 -14.16 19.03
N ARG C 272 -6.05 -14.85 19.39
CA ARG C 272 -7.15 -14.22 20.12
C ARG C 272 -6.69 -13.85 21.53
N LYS C 273 -7.27 -12.77 22.06
CA LYS C 273 -6.87 -12.23 23.35
C LYS C 273 -7.50 -13.03 24.49
N THR C 274 -7.26 -14.35 24.48
CA THR C 274 -7.85 -15.22 25.49
C THR C 274 -6.97 -16.46 25.65
N ARG C 275 -7.03 -17.04 26.84
CA ARG C 275 -6.32 -18.28 27.14
C ARG C 275 -7.24 -19.48 27.11
N ARG C 276 -8.55 -19.27 27.01
CA ARG C 276 -9.54 -20.34 27.02
C ARG C 276 -9.28 -21.33 25.88
N ILE C 277 -9.81 -22.54 26.05
CA ILE C 277 -9.71 -23.58 25.03
C ILE C 277 -10.82 -23.41 24.01
N ASP C 278 -10.45 -23.46 22.73
CA ASP C 278 -11.42 -23.42 21.63
C ASP C 278 -12.12 -24.78 21.57
N ILE C 279 -13.14 -24.94 22.41
CA ILE C 279 -13.87 -26.21 22.47
C ILE C 279 -14.51 -26.52 21.14
N LEU C 280 -15.13 -25.53 20.52
CA LEU C 280 -15.89 -25.75 19.29
C LEU C 280 -14.99 -26.26 18.17
N ASN C 281 -13.94 -25.50 17.85
CA ASN C 281 -13.07 -25.87 16.73
C ASN C 281 -12.16 -27.04 17.06
N SER C 282 -12.17 -27.56 18.28
CA SER C 282 -11.41 -28.76 18.61
C SER C 282 -12.27 -30.01 18.54
N GLN C 283 -13.58 -29.89 18.81
CA GLN C 283 -14.49 -31.01 18.57
C GLN C 283 -14.58 -31.32 17.08
N ARG C 284 -14.72 -30.28 16.26
CA ARG C 284 -14.84 -30.49 14.82
C ARG C 284 -13.52 -30.90 14.21
N LEU C 285 -12.40 -30.52 14.83
CA LEU C 285 -11.12 -31.05 14.38
C LEU C 285 -11.01 -32.53 14.70
N ARG C 286 -11.47 -32.93 15.89
CA ARG C 286 -11.49 -34.33 16.28
C ARG C 286 -12.45 -35.14 15.41
N ALA C 287 -13.59 -34.54 15.07
CA ALA C 287 -14.56 -35.23 14.21
C ALA C 287 -13.96 -35.49 12.83
N LEU C 288 -13.30 -34.47 12.27
CA LEU C 288 -12.66 -34.63 10.96
C LEU C 288 -11.53 -35.65 11.03
N HIS C 289 -10.81 -35.69 12.15
CA HIS C 289 -9.72 -36.67 12.29
C HIS C 289 -10.26 -38.09 12.27
N GLN C 290 -11.48 -38.29 12.80
CA GLN C 290 -12.09 -39.61 12.77
C GLN C 290 -12.47 -40.01 11.36
N GLU C 291 -13.14 -39.10 10.63
CA GLU C 291 -13.57 -39.41 9.27
C GLU C 291 -12.39 -39.65 8.34
N LEU C 292 -11.23 -39.09 8.65
CA LEU C 292 -10.03 -39.38 7.87
C LEU C 292 -9.45 -40.74 8.26
N LYS C 293 -9.77 -41.24 9.45
CA LYS C 293 -9.29 -42.54 9.89
C LYS C 293 -10.14 -43.66 9.29
N ASN C 294 -11.46 -43.46 9.27
CA ASN C 294 -12.33 -44.37 8.55
C ASN C 294 -12.00 -44.35 7.07
N ALA C 295 -11.66 -43.16 6.56
CA ALA C 295 -11.21 -43.01 5.19
C ALA C 295 -10.03 -43.93 4.88
N LYS C 296 -9.02 -43.91 5.76
CA LYS C 296 -7.80 -44.66 5.53
C LYS C 296 -8.03 -46.17 5.67
N ASP C 297 -8.95 -46.57 6.54
CA ASP C 297 -9.24 -47.99 6.74
C ASP C 297 -9.74 -48.65 5.44
N LEU C 298 -10.71 -48.01 4.77
CA LEU C 298 -11.24 -48.59 3.54
C LEU C 298 -10.21 -48.55 2.42
N ALA C 299 -9.49 -47.44 2.27
CA ALA C 299 -8.47 -47.34 1.23
C ALA C 299 -7.40 -48.40 1.43
N LEU C 300 -7.10 -48.74 2.69
CA LEU C 300 -6.13 -49.80 2.97
C LEU C 300 -6.66 -51.16 2.50
N LEU C 301 -7.93 -51.45 2.83
CA LEU C 301 -8.55 -52.69 2.40
C LEU C 301 -8.49 -52.84 0.88
N VAL C 302 -8.88 -51.80 0.14
CA VAL C 302 -8.85 -51.86 -1.31
C VAL C 302 -7.43 -52.12 -1.81
N ALA C 303 -6.44 -51.52 -1.15
CA ALA C 303 -5.05 -51.76 -1.53
C ALA C 303 -4.61 -53.16 -1.12
N LYS C 304 -5.22 -53.70 -0.06
CA LYS C 304 -4.98 -55.10 0.30
C LYS C 304 -5.62 -56.03 -0.72
N ARG C 305 -6.85 -55.72 -1.12
CA ARG C 305 -7.59 -56.54 -2.07
C ARG C 305 -6.84 -56.69 -3.38
N GLU C 306 -6.36 -55.57 -3.94
CA GLU C 306 -5.63 -55.65 -5.20
C GLU C 306 -4.27 -56.33 -5.02
N ASN C 307 -3.70 -56.29 -3.81
CA ASN C 307 -2.42 -56.92 -3.59
C ASN C 307 -2.54 -58.44 -3.61
N VAL C 308 -3.57 -58.99 -2.97
CA VAL C 308 -3.79 -60.44 -3.03
C VAL C 308 -4.23 -60.83 -4.44
N SER C 309 -5.03 -59.99 -5.09
CA SER C 309 -5.40 -60.25 -6.48
C SER C 309 -4.16 -60.31 -7.37
N LEU C 310 -3.12 -59.56 -7.01
CA LEU C 310 -1.86 -59.63 -7.75
C LEU C 310 -1.07 -60.88 -7.38
N ASN C 311 -1.11 -61.28 -6.11
CA ASN C 311 -0.45 -62.53 -5.71
C ASN C 311 -1.13 -63.73 -6.36
N TRP C 312 -2.46 -63.72 -6.38
CA TRP C 312 -3.20 -64.81 -6.99
C TRP C 312 -2.79 -65.03 -8.43
N ILE C 313 -2.77 -63.96 -9.22
CA ILE C 313 -2.41 -64.09 -10.63
C ILE C 313 -0.92 -64.37 -10.81
N ASN C 314 -0.08 -63.83 -9.93
CA ASN C 314 1.34 -64.19 -9.98
C ASN C 314 1.52 -65.68 -9.67
N ASP C 315 0.61 -66.24 -8.87
CA ASP C 315 0.61 -67.67 -8.63
C ASP C 315 0.16 -68.43 -9.88
N GLU C 316 -0.98 -68.03 -10.46
CA GLU C 316 -1.48 -68.67 -11.67
C GLU C 316 -0.44 -68.70 -12.77
N LEU C 317 0.26 -67.57 -12.97
CA LEU C 317 1.28 -67.50 -14.00
C LEU C 317 2.47 -68.39 -13.67
N LYS C 318 2.70 -68.64 -12.39
CA LYS C 318 3.76 -69.53 -11.94
C LYS C 318 3.30 -70.98 -11.93
N ILE C 319 2.08 -71.22 -11.45
CA ILE C 319 1.49 -72.57 -11.51
C ILE C 319 1.47 -73.07 -12.94
N PHE C 320 1.06 -72.20 -13.88
CA PHE C 320 1.07 -72.55 -15.29
C PHE C 320 2.46 -72.93 -15.77
N ASP C 321 3.44 -72.07 -15.51
CA ASP C 321 4.80 -72.32 -15.97
C ASP C 321 5.40 -73.55 -15.30
N GLN C 322 4.87 -73.95 -14.14
CA GLN C 322 5.33 -75.18 -13.50
C GLN C 322 4.65 -76.40 -14.09
N ARG C 323 3.36 -76.29 -14.43
CA ARG C 323 2.63 -77.42 -14.99
C ARG C 323 3.19 -77.80 -16.36
N VAL C 324 3.58 -76.81 -17.16
CA VAL C 324 4.12 -77.11 -18.50
C VAL C 324 5.53 -77.67 -18.40
N LYS C 325 6.30 -77.25 -17.40
CA LYS C 325 7.64 -77.82 -17.24
C LYS C 325 7.56 -79.25 -16.74
N ILE C 326 6.64 -79.53 -15.81
CA ILE C 326 6.45 -80.89 -15.33
C ILE C 326 6.01 -81.81 -16.46
N LYS C 327 5.09 -81.35 -17.30
CA LYS C 327 4.60 -82.17 -18.41
C LYS C 327 5.72 -82.47 -19.41
N ASN C 328 6.50 -81.44 -19.78
CA ASN C 328 7.64 -81.67 -20.66
C ASN C 328 8.69 -82.56 -20.00
N LEU C 329 8.71 -82.57 -18.66
CA LEU C 329 9.61 -83.43 -17.90
C LEU C 329 9.02 -84.81 -17.70
N LYS C 330 7.70 -84.88 -17.56
CA LYS C 330 6.99 -86.14 -17.38
C LYS C 330 7.08 -87.01 -18.63
N ARG C 331 7.01 -86.39 -19.80
CA ARG C 331 7.06 -87.13 -21.06
C ARG C 331 8.46 -87.59 -21.41
N SER C 332 9.49 -86.92 -20.88
CA SER C 332 10.87 -87.35 -21.11
C SER C 332 11.23 -88.56 -20.25
N LEU C 333 10.59 -88.74 -19.10
CA LEU C 333 10.87 -89.84 -18.20
C LEU C 333 9.81 -90.94 -18.26
N ASN C 334 8.79 -90.78 -19.10
CA ASN C 334 7.72 -91.76 -19.30
C ASN C 334 6.99 -92.11 -17.99
N ILE C 335 6.89 -91.13 -17.09
CA ILE C 335 6.18 -91.33 -15.82
C ILE C 335 4.69 -91.10 -16.06
N SER C 336 3.85 -92.05 -15.65
CA SER C 336 2.42 -91.95 -15.84
C SER C 336 1.73 -91.44 -14.56
N GLY C 337 0.40 -91.48 -14.56
CA GLY C 337 -0.42 -90.93 -13.48
C GLY C 337 -0.15 -89.45 -13.28
N GLU C 338 -0.22 -89.03 -12.00
CA GLU C 338 0.32 -87.74 -11.56
C GLU C 338 -0.42 -86.53 -12.13
N ASP C 339 -1.74 -86.60 -12.25
CA ASP C 339 -2.46 -85.49 -12.86
C ASP C 339 -3.34 -84.71 -11.89
N ASP C 340 -3.22 -84.94 -10.58
CA ASP C 340 -4.09 -84.26 -9.64
C ASP C 340 -3.80 -82.76 -9.62
N ASP C 341 -2.52 -82.38 -9.55
CA ASP C 341 -2.11 -80.99 -9.47
C ASP C 341 -1.87 -80.34 -10.83
N LEU C 342 -2.10 -81.04 -11.93
CA LEU C 342 -1.92 -80.46 -13.25
C LEU C 342 -3.22 -79.92 -13.84
N ILE C 343 -4.34 -80.11 -13.16
CA ILE C 343 -5.64 -79.62 -13.60
C ILE C 343 -6.30 -78.92 -12.43
N ASN C 344 -7.09 -77.90 -12.73
CA ASN C 344 -7.83 -77.17 -11.71
C ASN C 344 -9.06 -77.96 -11.27
N HIS C 345 -9.31 -77.98 -9.97
CA HIS C 345 -10.47 -78.66 -9.41
C HIS C 345 -11.50 -77.60 -9.03
N LYS C 346 -12.64 -78.05 -8.51
CA LYS C 346 -13.74 -77.15 -8.20
C LYS C 346 -14.00 -77.17 -6.69
N ARG C 347 -13.84 -76.00 -6.07
CA ARG C 347 -14.14 -75.81 -4.66
C ARG C 347 -15.18 -74.70 -4.50
N LYS C 348 -15.48 -74.36 -3.25
CA LYS C 348 -16.59 -73.48 -2.93
C LYS C 348 -16.12 -72.02 -2.89
N ARG C 349 -16.86 -71.15 -3.57
CA ARG C 349 -16.58 -69.72 -3.56
C ARG C 349 -17.88 -68.93 -3.73
N PRO C 350 -18.23 -68.07 -2.78
CA PRO C 350 -19.45 -67.26 -2.84
C PRO C 350 -19.34 -66.09 -3.82
N MET D 14 12.61 13.64 17.49
CA MET D 14 11.44 13.64 16.62
C MET D 14 10.19 14.08 17.39
N THR D 15 10.10 15.38 17.67
CA THR D 15 8.98 15.94 18.41
C THR D 15 8.34 17.05 17.59
N GLN D 16 7.05 16.91 17.32
CA GLN D 16 6.31 17.89 16.54
C GLN D 16 5.00 18.25 17.24
N ASN D 17 4.62 19.52 17.15
CA ASN D 17 3.41 20.02 17.82
C ASN D 17 2.15 19.47 17.16
N PRO D 18 1.29 18.76 17.89
CA PRO D 18 0.05 18.23 17.29
C PRO D 18 -1.05 19.26 17.12
N HIS D 19 -1.01 20.38 17.83
CA HIS D 19 -2.07 21.39 17.74
C HIS D 19 -1.76 22.45 16.69
N GLU D 20 -0.69 22.27 15.91
CA GLU D 20 -0.39 23.17 14.81
C GLU D 20 -1.41 22.98 13.69
N VAL D 21 -1.95 24.09 13.18
CA VAL D 21 -2.99 24.03 12.16
C VAL D 21 -2.35 23.62 10.83
N ALA D 22 -2.82 22.50 10.28
CA ALA D 22 -2.35 21.97 9.00
C ALA D 22 -3.38 22.29 7.93
N ARG D 23 -3.07 23.28 7.08
CA ARG D 23 -3.97 23.69 6.01
C ARG D 23 -3.20 23.77 4.70
N VAL D 24 -3.77 23.19 3.64
CA VAL D 24 -3.11 23.12 2.34
C VAL D 24 -3.24 24.47 1.63
N ARG D 25 -2.10 25.08 1.33
CA ARG D 25 -2.08 26.30 0.52
C ARG D 25 -0.76 26.36 -0.23
N ASN D 26 -0.83 26.73 -1.51
CA ASN D 26 0.36 26.87 -2.34
C ASN D 26 1.18 28.07 -1.87
N LEU D 27 2.46 28.05 -2.24
CA LEU D 27 3.34 29.15 -1.88
C LEU D 27 3.02 30.39 -2.70
N ASN D 28 3.09 31.56 -2.05
CA ASN D 28 2.76 32.81 -2.73
C ASN D 28 3.73 33.07 -3.88
N ARG D 29 5.03 33.16 -3.58
CA ARG D 29 6.03 33.38 -4.61
C ARG D 29 7.39 33.01 -4.06
N ILE D 30 8.13 32.20 -4.83
CA ILE D 30 9.47 31.77 -4.45
C ILE D 30 10.51 32.57 -5.22
N ILE D 31 11.68 32.74 -4.63
CA ILE D 31 12.80 33.44 -5.26
C ILE D 31 13.99 32.48 -5.23
N MET D 32 14.14 31.69 -6.29
CA MET D 32 15.20 30.69 -6.41
C MET D 32 16.38 31.31 -7.15
N GLY D 33 17.46 31.61 -6.42
CA GLY D 33 18.59 32.27 -7.01
C GLY D 33 18.27 33.71 -7.35
N LYS D 34 18.35 34.07 -8.63
CA LYS D 34 18.02 35.41 -9.07
C LYS D 34 16.61 35.54 -9.63
N TYR D 35 15.90 34.43 -9.82
CA TYR D 35 14.61 34.46 -10.48
C TYR D 35 13.46 34.30 -9.50
N GLU D 36 12.36 34.99 -9.80
CA GLU D 36 11.14 34.99 -8.98
C GLU D 36 10.10 34.14 -9.70
N ILE D 37 9.78 32.99 -9.12
CA ILE D 37 8.91 32.01 -9.78
C ILE D 37 7.60 31.88 -9.01
N GLU D 38 6.56 31.44 -9.72
CA GLU D 38 5.24 31.23 -9.12
C GLU D 38 4.88 29.75 -9.12
N PRO D 39 4.61 29.16 -7.96
CA PRO D 39 4.30 27.72 -7.91
C PRO D 39 2.93 27.43 -8.50
N TRP D 40 2.83 26.27 -9.14
CA TRP D 40 1.58 25.80 -9.72
C TRP D 40 0.83 24.83 -8.82
N TYR D 41 1.53 23.97 -8.10
CA TYR D 41 0.91 22.92 -7.32
C TYR D 41 1.40 22.97 -5.88
N PHE D 42 0.70 22.23 -5.01
CA PHE D 42 1.07 22.17 -3.61
C PHE D 42 2.34 21.34 -3.42
N SER D 43 3.15 21.74 -2.43
CA SER D 43 4.33 20.97 -2.07
C SER D 43 4.50 21.10 -0.56
N PRO D 44 4.78 20.00 0.13
CA PRO D 44 4.77 20.03 1.61
C PRO D 44 5.98 20.72 2.24
N TYR D 45 6.24 21.97 1.87
CA TYR D 45 7.18 22.76 2.63
C TYR D 45 6.58 22.99 4.02
N PRO D 46 7.38 23.40 5.00
CA PRO D 46 6.83 23.61 6.35
C PRO D 46 5.62 24.53 6.34
N ILE D 47 4.63 24.20 7.17
CA ILE D 47 3.38 24.96 7.21
C ILE D 47 3.63 26.40 7.63
N GLU D 48 4.63 26.62 8.49
CA GLU D 48 4.95 27.97 8.92
C GLU D 48 5.36 28.84 7.74
N LEU D 49 6.07 28.26 6.77
CA LEU D 49 6.51 29.00 5.60
C LEU D 49 5.36 29.29 4.64
N THR D 50 4.36 28.40 4.59
CA THR D 50 3.38 28.42 3.52
C THR D 50 2.51 29.68 3.52
N ASP D 51 2.42 30.40 4.64
CA ASP D 51 1.69 31.65 4.64
C ASP D 51 2.68 32.81 4.79
N GLU D 52 3.59 32.92 3.83
CA GLU D 52 4.57 34.00 3.75
C GLU D 52 4.49 34.64 2.38
N ASP D 53 4.89 35.91 2.32
CA ASP D 53 4.84 36.62 1.04
C ASP D 53 5.91 36.09 0.10
N PHE D 54 7.15 36.00 0.57
CA PHE D 54 8.24 35.46 -0.24
C PHE D 54 8.94 34.32 0.47
N ILE D 55 9.30 33.30 -0.30
CA ILE D 55 10.13 32.18 0.16
C ILE D 55 11.38 32.14 -0.69
N TYR D 56 12.53 32.00 -0.04
CA TYR D 56 13.83 32.03 -0.70
C TYR D 56 14.38 30.62 -0.84
N ILE D 57 14.73 30.24 -2.07
CA ILE D 57 15.33 28.94 -2.36
C ILE D 57 16.75 29.19 -2.80
N ASP D 58 17.70 28.84 -1.94
CA ASP D 58 19.12 28.86 -2.30
C ASP D 58 19.33 28.11 -3.61
N ASP D 59 20.12 28.70 -4.49
CA ASP D 59 20.25 28.18 -5.84
C ASP D 59 21.31 27.09 -5.94
N PHE D 60 21.93 26.71 -4.82
CA PHE D 60 22.97 25.68 -4.78
C PHE D 60 22.57 24.47 -3.94
N THR D 61 22.02 24.70 -2.75
CA THR D 61 21.58 23.61 -1.88
C THR D 61 20.08 23.38 -1.97
N LEU D 62 19.36 24.24 -2.67
CA LEU D 62 17.91 24.17 -2.81
C LEU D 62 17.21 24.31 -1.46
N GLN D 63 17.91 24.92 -0.49
CA GLN D 63 17.36 25.12 0.84
C GLN D 63 16.27 26.19 0.82
N TYR D 64 15.22 25.97 1.59
CA TYR D 64 14.08 26.87 1.66
C TYR D 64 14.19 27.77 2.88
N PHE D 65 13.72 29.02 2.73
CA PHE D 65 13.80 30.00 3.80
C PHE D 65 12.59 30.91 3.78
N GLY D 66 12.10 31.24 4.97
CA GLY D 66 11.01 32.17 5.12
C GLY D 66 11.49 33.52 5.62
N SER D 67 12.65 33.52 6.29
CA SER D 67 13.25 34.74 6.81
C SER D 67 14.37 35.16 5.87
N LYS D 68 14.24 36.36 5.31
CA LYS D 68 15.28 36.90 4.41
C LYS D 68 16.59 37.08 5.14
N LYS D 69 16.54 37.33 6.47
CA LYS D 69 17.76 37.45 7.24
C LYS D 69 18.50 36.12 7.32
N GLN D 70 17.75 35.03 7.52
CA GLN D 70 18.36 33.71 7.55
C GLN D 70 18.93 33.35 6.17
N TYR D 71 18.22 33.72 5.10
CA TYR D 71 18.74 33.50 3.76
C TYR D 71 20.07 34.23 3.58
N GLU D 72 20.17 35.44 4.13
CA GLU D 72 21.42 36.20 4.07
C GLU D 72 22.51 35.52 4.87
N ARG D 73 22.23 35.14 6.12
CA ARG D 73 23.24 34.48 6.94
C ARG D 73 23.66 33.15 6.34
N TYR D 74 22.74 32.46 5.67
CA TYR D 74 23.03 31.17 5.06
C TYR D 74 23.98 31.33 3.88
N ARG D 75 23.71 32.30 3.00
CA ARG D 75 24.54 32.49 1.81
C ARG D 75 25.97 32.85 2.17
N LYS D 76 26.16 33.63 3.24
CA LYS D 76 27.51 34.00 3.66
C LYS D 76 28.31 32.82 4.17
N LYS D 77 27.65 31.71 4.55
CA LYS D 77 28.32 30.56 5.12
C LYS D 77 28.36 29.34 4.20
N CYS D 78 27.47 29.27 3.21
CA CYS D 78 27.38 28.09 2.36
C CYS D 78 28.49 28.08 1.33
N THR D 79 29.28 26.99 1.31
CA THR D 79 30.42 26.86 0.41
C THR D 79 30.11 26.00 -0.81
N LEU D 80 28.94 25.38 -0.88
CA LEU D 80 28.58 24.56 -2.02
C LEU D 80 28.21 25.44 -3.20
N ARG D 81 28.70 25.09 -4.39
CA ARG D 81 28.44 25.87 -5.59
C ARG D 81 28.05 25.00 -6.78
N HIS D 82 27.63 23.77 -6.53
CA HIS D 82 27.18 22.86 -7.59
C HIS D 82 26.44 21.69 -6.93
N PRO D 83 25.63 20.96 -7.69
CA PRO D 83 24.98 19.75 -7.16
C PRO D 83 25.96 18.84 -6.44
N PRO D 84 25.61 18.38 -5.23
CA PRO D 84 26.53 17.55 -4.44
C PRO D 84 26.74 16.16 -5.00
N GLY D 85 27.54 16.05 -6.05
CA GLY D 85 27.83 14.75 -6.64
C GLY D 85 28.88 14.86 -7.71
N ASN D 86 29.15 13.74 -8.36
CA ASN D 86 30.14 13.70 -9.42
C ASN D 86 29.60 14.34 -10.69
N GLU D 87 30.48 15.09 -11.37
CA GLU D 87 30.19 15.59 -12.70
C GLU D 87 30.43 14.47 -13.70
N ILE D 88 29.39 14.06 -14.43
CA ILE D 88 29.50 12.96 -15.37
C ILE D 88 29.38 13.41 -16.81
N TYR D 89 29.12 14.70 -17.04
CA TYR D 89 29.03 15.22 -18.40
C TYR D 89 29.32 16.71 -18.39
N ARG D 90 30.18 17.16 -19.29
CA ARG D 90 30.45 18.59 -19.43
C ARG D 90 30.82 18.92 -20.87
N ASP D 91 30.01 19.76 -21.50
CA ASP D 91 30.42 20.50 -22.68
C ASP D 91 30.42 21.98 -22.31
N ASP D 92 30.67 22.84 -23.30
CA ASP D 92 30.75 24.27 -23.03
C ASP D 92 29.39 24.88 -22.74
N TYR D 93 28.31 24.12 -22.89
CA TYR D 93 26.95 24.61 -22.69
C TYR D 93 26.39 24.23 -21.32
N VAL D 94 26.23 22.93 -21.05
CA VAL D 94 25.65 22.45 -19.81
C VAL D 94 26.57 21.41 -19.17
N SER D 95 26.28 21.10 -17.91
CA SER D 95 26.89 19.99 -17.19
C SER D 95 25.81 19.10 -16.59
N PHE D 96 26.14 17.83 -16.39
CA PHE D 96 25.25 16.89 -15.73
C PHE D 96 25.93 16.32 -14.49
N PHE D 97 25.19 16.29 -13.38
CA PHE D 97 25.66 15.68 -12.15
C PHE D 97 24.75 14.49 -11.81
N GLU D 98 25.38 13.39 -11.39
CA GLU D 98 24.66 12.20 -10.94
C GLU D 98 24.67 12.14 -9.42
N ILE D 99 23.49 12.11 -8.81
CA ILE D 99 23.36 12.16 -7.36
C ILE D 99 22.47 11.01 -6.88
N ASP D 100 22.96 10.28 -5.89
CA ASP D 100 22.20 9.21 -5.24
C ASP D 100 21.36 9.81 -4.13
N GLY D 101 20.05 9.53 -4.15
CA GLY D 101 19.17 10.02 -3.11
C GLY D 101 19.48 9.45 -1.74
N ARG D 102 20.15 8.30 -1.70
CA ARG D 102 20.52 7.68 -0.43
C ARG D 102 21.76 8.32 0.17
N LYS D 103 22.63 8.90 -0.66
CA LYS D 103 23.82 9.58 -0.17
C LYS D 103 23.56 11.04 0.16
N GLN D 104 22.76 11.72 -0.66
CA GLN D 104 22.46 13.14 -0.48
C GLN D 104 20.98 13.31 -0.15
N ARG D 105 20.61 12.90 1.06
CA ARG D 105 19.20 12.90 1.44
C ARG D 105 18.63 14.32 1.48
N THR D 106 19.28 15.22 2.23
CA THR D 106 18.77 16.58 2.37
C THR D 106 18.65 17.29 1.02
N TRP D 107 19.69 17.20 0.19
CA TRP D 107 19.66 17.88 -1.10
C TRP D 107 18.56 17.32 -1.98
N CYS D 108 18.50 16.00 -2.13
CA CYS D 108 17.51 15.39 -3.01
C CYS D 108 16.09 15.64 -2.51
N ARG D 109 15.90 15.71 -1.19
CA ARG D 109 14.61 16.10 -0.65
C ARG D 109 14.27 17.52 -1.07
N ASN D 110 15.22 18.45 -0.88
CA ASN D 110 15.01 19.83 -1.27
C ASN D 110 14.69 19.94 -2.75
N LEU D 111 15.36 19.13 -3.58
CA LEU D 111 15.04 19.12 -5.01
C LEU D 111 13.62 18.61 -5.25
N CYS D 112 13.22 17.58 -4.51
CA CYS D 112 11.89 16.99 -4.70
C CYS D 112 10.80 17.95 -4.22
N LEU D 113 11.02 18.62 -3.09
CA LEU D 113 10.08 19.64 -2.64
C LEU D 113 9.91 20.73 -3.69
N LEU D 114 11.04 21.20 -4.25
CA LEU D 114 11.00 22.21 -5.29
C LEU D 114 10.27 21.70 -6.53
N SER D 115 10.63 20.49 -6.97
CA SER D 115 10.02 19.92 -8.17
C SER D 115 8.50 19.77 -8.02
N LYS D 116 8.04 19.37 -6.83
CA LYS D 116 6.61 19.17 -6.63
C LYS D 116 5.82 20.45 -6.86
N LEU D 117 6.45 21.62 -6.66
CA LEU D 117 5.78 22.88 -6.94
C LEU D 117 5.40 23.02 -8.40
N PHE D 118 6.09 22.31 -9.30
CA PHE D 118 5.88 22.45 -10.73
C PHE D 118 5.52 21.12 -11.40
N LEU D 119 5.51 20.02 -10.66
CA LEU D 119 5.05 18.74 -11.14
C LEU D 119 3.81 18.31 -10.36
N ASP D 120 2.73 18.01 -11.09
CA ASP D 120 1.47 17.67 -10.45
C ASP D 120 1.41 16.21 -10.00
N HIS D 121 2.12 15.32 -10.68
CA HIS D 121 2.02 13.89 -10.42
C HIS D 121 3.23 13.31 -9.69
OH ALY D 122 11.61 11.80 -8.42
CH ALY D 122 10.98 12.54 -7.64
CH3 ALY D 122 10.45 12.01 -6.33
NZ ALY D 122 10.73 13.86 -7.94
CE ALY D 122 10.00 14.73 -7.05
CD ALY D 122 8.72 15.33 -7.65
CG ALY D 122 7.78 14.22 -8.03
CB ALY D 122 6.48 14.79 -8.53
CA ALY D 122 5.32 13.77 -8.57
N ALY D 122 4.17 14.18 -9.35
C ALY D 122 4.88 13.48 -7.16
O ALY D 122 4.10 14.20 -6.52
N THR D 123 5.37 12.36 -6.63
CA THR D 123 4.98 11.92 -5.29
C THR D 123 6.11 12.08 -4.28
N LEU D 124 5.78 12.57 -3.09
CA LEU D 124 6.73 12.71 -2.01
C LEU D 124 6.34 11.82 -0.83
N TYR D 125 5.66 10.71 -1.11
CA TYR D 125 5.18 9.81 -0.07
C TYR D 125 6.35 9.14 0.63
N TYR D 126 7.19 8.45 -0.14
CA TYR D 126 8.35 7.77 0.43
C TYR D 126 9.57 8.68 0.36
N ASP D 127 10.62 8.27 1.06
CA ASP D 127 11.86 9.06 1.04
C ASP D 127 12.56 8.85 -0.30
N VAL D 128 13.64 9.62 -0.50
CA VAL D 128 14.30 9.70 -1.80
C VAL D 128 15.31 8.60 -2.04
N ASP D 129 15.42 7.63 -1.12
CA ASP D 129 16.41 6.56 -1.25
C ASP D 129 16.40 5.84 -2.59
N PRO D 130 15.26 5.42 -3.16
CA PRO D 130 15.32 4.59 -4.36
C PRO D 130 15.66 5.29 -5.67
N PHE D 131 15.96 6.60 -5.67
CA PHE D 131 16.08 7.33 -6.92
C PHE D 131 17.50 7.81 -7.19
N LEU D 132 17.84 7.89 -8.47
CA LEU D 132 19.02 8.59 -8.95
C LEU D 132 18.60 9.90 -9.59
N PHE D 133 19.30 10.99 -9.27
CA PHE D 133 18.94 12.32 -9.74
C PHE D 133 20.02 12.83 -10.69
N TYR D 134 19.66 13.03 -11.95
CA TYR D 134 20.56 13.55 -12.98
C TYR D 134 20.22 15.02 -13.23
N CYS D 135 21.12 15.91 -12.87
CA CYS D 135 20.86 17.34 -12.81
C CYS D 135 21.67 18.10 -13.86
N MET D 136 20.98 18.90 -14.67
CA MET D 136 21.61 19.70 -15.72
C MET D 136 21.86 21.12 -15.22
N THR D 137 23.10 21.59 -15.38
CA THR D 137 23.51 22.88 -14.82
C THR D 137 24.11 23.79 -15.89
N ARG D 138 24.14 25.09 -15.58
CA ARG D 138 24.79 26.11 -16.38
C ARG D 138 25.88 26.78 -15.55
N ARG D 139 27.14 26.59 -15.94
CA ARG D 139 28.20 27.16 -15.14
C ARG D 139 28.26 28.67 -15.32
N ASP D 140 28.71 29.34 -14.27
CA ASP D 140 28.75 30.78 -14.17
C ASP D 140 30.03 31.12 -13.43
N GLU D 141 30.32 32.41 -13.25
CA GLU D 141 31.44 32.74 -12.38
C GLU D 141 31.11 32.36 -10.94
N LEU D 142 29.81 32.39 -10.60
CA LEU D 142 29.38 32.00 -9.26
C LEU D 142 29.41 30.49 -9.06
N GLY D 143 29.13 29.71 -10.09
CA GLY D 143 29.14 28.26 -9.98
C GLY D 143 28.16 27.63 -10.94
N HIS D 144 27.84 26.36 -10.67
CA HIS D 144 26.88 25.61 -11.47
C HIS D 144 25.46 25.90 -11.02
N HIS D 145 24.60 26.26 -11.97
CA HIS D 145 23.22 26.63 -11.68
C HIS D 145 22.27 25.57 -12.21
N LEU D 146 21.54 24.91 -11.31
CA LEU D 146 20.57 23.91 -11.70
C LEU D 146 19.48 24.54 -12.58
N VAL D 147 19.25 23.94 -13.75
CA VAL D 147 18.20 24.40 -14.64
C VAL D 147 17.12 23.35 -14.84
N GLY D 148 17.41 22.08 -14.60
CA GLY D 148 16.44 21.02 -14.78
C GLY D 148 17.06 19.72 -14.35
N TYR D 149 16.21 18.71 -14.21
CA TYR D 149 16.67 17.40 -13.77
C TYR D 149 15.72 16.33 -14.30
N PHE D 150 16.17 15.08 -14.20
CA PHE D 150 15.25 13.96 -14.29
C PHE D 150 15.68 12.90 -13.29
N SER D 151 14.72 12.33 -12.59
CA SER D 151 14.98 11.27 -11.63
C SER D 151 14.82 9.91 -12.30
N LYS D 152 15.37 8.89 -11.65
CA LYS D 152 15.47 7.58 -12.26
C LYS D 152 15.49 6.53 -11.16
N GLU D 153 14.59 5.56 -11.25
CA GLU D 153 14.60 4.45 -10.29
C GLU D 153 15.90 3.68 -10.45
N LYS D 154 16.48 3.25 -9.32
CA LYS D 154 17.80 2.65 -9.34
C LYS D 154 17.87 1.45 -10.28
N GLU D 155 16.89 0.54 -10.16
CA GLU D 155 16.81 -0.61 -11.06
C GLU D 155 15.33 -0.82 -11.43
N SER D 156 14.86 -0.10 -12.44
CA SER D 156 13.46 -0.17 -12.81
C SER D 156 13.16 -1.52 -13.44
N ALA D 157 12.22 -2.26 -12.84
CA ALA D 157 11.77 -3.51 -13.44
C ALA D 157 10.86 -3.23 -14.62
N ASP D 158 10.18 -2.09 -14.61
CA ASP D 158 9.30 -1.68 -15.69
C ASP D 158 10.07 -1.14 -16.88
N GLY D 159 11.40 -1.02 -16.78
CA GLY D 159 12.20 -0.50 -17.86
C GLY D 159 12.05 0.98 -18.07
N TYR D 160 11.59 1.72 -17.06
CA TYR D 160 11.46 3.16 -17.14
C TYR D 160 12.83 3.80 -16.95
N ASN D 161 13.30 4.52 -17.97
CA ASN D 161 14.57 5.23 -17.90
C ASN D 161 14.42 6.65 -17.38
N VAL D 162 13.20 7.10 -17.10
CA VAL D 162 12.94 8.40 -16.50
C VAL D 162 11.77 8.28 -15.53
N ALA D 163 11.99 8.69 -14.29
CA ALA D 163 10.92 8.74 -13.30
C ALA D 163 10.14 10.05 -13.47
N CYS D 164 10.73 11.15 -13.01
CA CYS D 164 10.18 12.48 -13.21
C CYS D 164 11.19 13.30 -13.99
N ILE D 165 10.68 14.23 -14.81
CA ILE D 165 11.53 15.10 -15.63
C ILE D 165 10.97 16.52 -15.55
N LEU D 166 11.86 17.50 -15.39
CA LEU D 166 11.43 18.87 -15.16
C LEU D 166 12.46 19.87 -15.64
N THR D 167 11.99 20.92 -16.30
CA THR D 167 12.77 22.14 -16.53
C THR D 167 12.19 23.24 -15.65
N LEU D 168 13.04 23.84 -14.82
CA LEU D 168 12.57 24.88 -13.92
C LEU D 168 11.99 26.05 -14.71
N PRO D 169 10.86 26.62 -14.26
CA PRO D 169 10.12 27.58 -15.10
C PRO D 169 10.94 28.79 -15.56
N GLN D 170 11.90 29.24 -14.76
CA GLN D 170 12.69 30.40 -15.17
C GLN D 170 13.64 30.08 -16.31
N TYR D 171 13.71 28.82 -16.74
CA TYR D 171 14.53 28.40 -17.87
C TYR D 171 13.67 27.75 -18.94
N GLN D 172 12.39 28.09 -19.00
CA GLN D 172 11.50 27.51 -19.99
C GLN D 172 11.80 28.06 -21.38
N ARG D 173 11.45 27.27 -22.40
CA ARG D 173 11.52 27.69 -23.80
C ARG D 173 12.94 28.10 -24.20
N MET D 174 13.92 27.29 -23.82
CA MET D 174 15.30 27.51 -24.22
C MET D 174 15.96 26.21 -24.69
N GLY D 175 15.18 25.16 -24.90
CA GLY D 175 15.69 23.90 -25.40
C GLY D 175 16.30 22.99 -24.35
N TYR D 176 16.11 23.30 -23.07
CA TYR D 176 16.71 22.47 -22.02
C TYR D 176 15.99 21.13 -21.90
N GLY D 177 14.66 21.15 -21.97
CA GLY D 177 13.90 19.92 -21.82
C GLY D 177 14.27 18.86 -22.86
N LYS D 178 14.54 19.30 -24.08
CA LYS D 178 14.94 18.36 -25.13
C LYS D 178 16.34 17.81 -24.87
N LEU D 179 17.16 18.56 -24.12
CA LEU D 179 18.47 18.05 -23.73
C LEU D 179 18.35 17.02 -22.62
N LEU D 180 17.44 17.23 -21.68
CA LEU D 180 17.20 16.23 -20.64
C LEU D 180 16.78 14.90 -21.26
N ILE D 181 15.76 14.94 -22.12
CA ILE D 181 15.31 13.73 -22.81
C ILE D 181 16.45 13.08 -23.57
N GLU D 182 17.22 13.88 -24.32
CA GLU D 182 18.34 13.33 -25.08
C GLU D 182 19.38 12.69 -24.17
N PHE D 183 19.68 13.34 -23.05
CA PHE D 183 20.66 12.79 -22.12
C PHE D 183 20.13 11.54 -21.44
N SER D 184 18.84 11.51 -21.13
CA SER D 184 18.25 10.34 -20.48
C SER D 184 18.36 9.11 -21.37
N TYR D 185 18.12 9.28 -22.68
CA TYR D 185 18.29 8.19 -23.62
C TYR D 185 19.76 7.89 -23.91
N GLU D 186 20.65 8.85 -23.65
CA GLU D 186 22.07 8.57 -23.80
C GLU D 186 22.57 7.63 -22.71
N LEU D 187 22.09 7.80 -21.47
CA LEU D 187 22.47 6.89 -20.40
C LEU D 187 21.99 5.47 -20.71
N SER D 188 20.77 5.34 -21.24
CA SER D 188 20.24 4.02 -21.57
C SER D 188 21.10 3.32 -22.61
N LYS D 189 21.60 4.07 -23.60
CA LYS D 189 22.44 3.47 -24.64
C LYS D 189 23.75 2.98 -24.06
N LYS D 190 24.34 3.72 -23.12
CA LYS D 190 25.54 3.24 -22.44
C LYS D 190 25.23 2.07 -21.53
N GLU D 191 24.01 1.99 -21.01
CA GLU D 191 23.59 0.89 -20.17
C GLU D 191 23.28 -0.38 -20.95
N ASN D 192 23.18 -0.29 -22.28
CA ASN D 192 22.69 -1.38 -23.12
C ASN D 192 21.30 -1.82 -22.66
N LYS D 193 20.44 -0.84 -22.38
CA LYS D 193 19.06 -1.07 -21.98
C LYS D 193 18.13 -0.19 -22.79
N VAL D 194 16.97 -0.73 -23.13
CA VAL D 194 15.90 0.08 -23.69
C VAL D 194 15.16 0.76 -22.56
N GLY D 195 14.55 1.90 -22.85
CA GLY D 195 13.90 2.67 -21.81
C GLY D 195 12.79 3.53 -22.36
N SER D 196 11.91 3.94 -21.46
CA SER D 196 10.77 4.78 -21.79
C SER D 196 10.48 5.63 -20.57
N PRO D 197 10.07 6.88 -20.75
CA PRO D 197 9.69 7.70 -19.59
C PRO D 197 8.49 7.09 -18.88
N GLU D 198 8.46 7.24 -17.56
CA GLU D 198 7.32 6.76 -16.80
C GLU D 198 6.06 7.39 -17.37
N LYS D 199 5.04 6.55 -17.63
CA LYS D 199 4.00 6.91 -18.60
C LYS D 199 3.21 8.19 -18.30
N PRO D 200 2.80 8.50 -17.06
CA PRO D 200 2.06 9.75 -16.87
C PRO D 200 3.00 10.92 -17.11
N LEU D 201 2.92 11.45 -18.33
CA LEU D 201 3.78 12.53 -18.78
C LEU D 201 2.97 13.80 -18.88
N SER D 202 3.51 14.91 -18.36
CA SER D 202 2.79 16.17 -18.47
C SER D 202 2.58 16.53 -19.94
N ASP D 203 1.61 17.41 -20.19
CA ASP D 203 1.27 17.77 -21.57
C ASP D 203 2.48 18.32 -22.31
N LEU D 204 3.25 19.21 -21.68
CA LEU D 204 4.45 19.73 -22.31
C LEU D 204 5.49 18.63 -22.51
N GLY D 205 5.62 17.75 -21.52
CA GLY D 205 6.61 16.69 -21.61
C GLY D 205 6.28 15.70 -22.72
N LEU D 206 5.00 15.36 -22.85
CA LEU D 206 4.60 14.47 -23.93
C LEU D 206 4.90 15.09 -25.29
N LEU D 207 4.77 16.41 -25.40
CA LEU D 207 5.17 17.10 -26.62
C LEU D 207 6.67 16.93 -26.88
N SER D 208 7.48 17.25 -25.88
CA SER D 208 8.94 17.18 -26.04
C SER D 208 9.40 15.76 -26.34
N TYR D 209 8.73 14.76 -25.78
CA TYR D 209 9.12 13.37 -26.04
C TYR D 209 8.71 12.95 -27.45
N ARG D 210 7.54 13.41 -27.91
CA ARG D 210 7.13 13.13 -29.28
C ARG D 210 8.06 13.81 -30.28
N ALA D 211 8.55 15.00 -29.93
CA ALA D 211 9.51 15.68 -30.79
C ALA D 211 10.82 14.90 -30.87
N TYR D 212 11.36 14.50 -29.71
CA TYR D 212 12.60 13.74 -29.68
C TYR D 212 12.46 12.41 -30.42
N TRP D 213 11.33 11.73 -30.25
CA TRP D 213 11.13 10.42 -30.87
C TRP D 213 11.09 10.54 -32.39
N SER D 214 10.32 11.49 -32.91
CA SER D 214 10.20 11.63 -34.35
C SER D 214 11.50 12.14 -34.97
N ASP D 215 12.19 13.05 -34.29
CA ASP D 215 13.44 13.59 -34.80
C ASP D 215 14.52 12.52 -34.88
N THR D 216 14.73 11.79 -33.79
CA THR D 216 15.74 10.74 -33.79
C THR D 216 15.36 9.57 -34.69
N LEU D 217 14.07 9.42 -35.00
CA LEU D 217 13.64 8.32 -35.86
C LEU D 217 13.85 8.65 -37.33
N ILE D 218 13.41 9.83 -37.78
CA ILE D 218 13.58 10.21 -39.19
C ILE D 218 15.05 10.29 -39.57
N THR D 219 15.88 10.80 -38.66
CA THR D 219 17.32 10.88 -38.92
C THR D 219 17.90 9.49 -39.11
N LEU D 220 17.47 8.54 -38.28
CA LEU D 220 17.99 7.17 -38.37
C LEU D 220 17.55 6.49 -39.65
N LEU D 221 16.27 6.62 -40.00
CA LEU D 221 15.72 5.90 -41.15
C LEU D 221 16.31 6.39 -42.46
N VAL D 222 16.47 7.72 -42.62
CA VAL D 222 17.01 8.27 -43.85
C VAL D 222 18.43 7.78 -44.09
N GLU D 223 19.30 7.99 -43.12
CA GLU D 223 20.73 7.68 -43.28
C GLU D 223 21.02 6.19 -43.31
N HIS D 224 20.04 5.32 -43.00
CA HIS D 224 20.36 3.91 -42.89
C HIS D 224 20.52 3.25 -44.25
N GLN D 225 19.65 3.58 -45.21
CA GLN D 225 19.69 3.03 -46.57
C GLN D 225 19.41 1.52 -46.60
N LYS D 226 20.16 0.75 -45.82
CA LYS D 226 19.95 -0.70 -45.76
C LYS D 226 18.61 -1.01 -45.10
N GLU D 227 18.11 -2.21 -45.36
CA GLU D 227 16.88 -2.66 -44.72
C GLU D 227 17.06 -2.72 -43.20
N ILE D 228 16.04 -2.24 -42.48
CA ILE D 228 16.11 -2.03 -41.04
C ILE D 228 15.07 -2.89 -40.34
N THR D 229 15.29 -3.13 -39.05
CA THR D 229 14.37 -3.90 -38.22
C THR D 229 14.01 -3.12 -36.97
N ILE D 230 12.76 -3.31 -36.50
CA ILE D 230 12.28 -2.63 -35.30
C ILE D 230 13.20 -2.91 -34.12
N ASP D 231 13.59 -4.18 -33.96
CA ASP D 231 14.52 -4.53 -32.89
C ASP D 231 15.86 -3.84 -33.07
N GLU D 232 16.28 -3.63 -34.33
CA GLU D 232 17.54 -2.96 -34.58
C GLU D 232 17.42 -1.46 -34.30
N ILE D 233 16.27 -0.86 -34.63
CA ILE D 233 16.04 0.53 -34.28
C ILE D 233 16.08 0.68 -32.76
N SER D 234 15.44 -0.25 -32.05
CA SER D 234 15.43 -0.23 -30.60
C SER D 234 16.84 -0.37 -30.04
N SER D 235 17.67 -1.19 -30.69
CA SER D 235 19.05 -1.37 -30.21
C SER D 235 19.90 -0.14 -30.45
N MET D 236 19.61 0.62 -31.52
CA MET D 236 20.41 1.79 -31.83
C MET D 236 19.97 3.02 -31.04
N THR D 237 18.68 3.11 -30.70
CA THR D 237 18.13 4.29 -30.05
C THR D 237 17.76 4.07 -28.59
N SER D 238 17.78 2.83 -28.11
CA SER D 238 17.27 2.47 -26.78
C SER D 238 15.81 2.83 -26.59
N MET D 239 15.09 3.05 -27.68
CA MET D 239 13.64 3.25 -27.62
C MET D 239 12.93 1.90 -27.54
N THR D 240 11.79 1.88 -26.87
CA THR D 240 11.00 0.66 -26.81
C THR D 240 10.30 0.44 -28.14
N THR D 241 9.95 -0.82 -28.41
CA THR D 241 9.19 -1.13 -29.62
C THR D 241 7.86 -0.40 -29.63
N THR D 242 7.30 -0.15 -28.45
CA THR D 242 6.04 0.57 -28.36
C THR D 242 6.21 2.04 -28.75
N ASP D 243 7.26 2.68 -28.25
CA ASP D 243 7.51 4.08 -28.60
C ASP D 243 7.84 4.22 -30.07
N ILE D 244 8.54 3.25 -30.64
CA ILE D 244 8.90 3.30 -32.06
C ILE D 244 7.66 3.19 -32.94
N LEU D 245 6.84 2.16 -32.71
CA LEU D 245 5.67 1.96 -33.56
C LEU D 245 4.66 3.08 -33.42
N HIS D 246 4.53 3.66 -32.22
CA HIS D 246 3.62 4.79 -32.06
C HIS D 246 4.15 6.01 -32.81
N THR D 247 5.46 6.21 -32.79
CA THR D 247 6.06 7.30 -33.54
C THR D 247 5.94 7.04 -35.04
N ALA D 248 6.03 5.78 -35.44
CA ALA D 248 5.85 5.39 -36.82
C ALA D 248 4.42 5.65 -37.29
N LYS D 249 3.44 5.57 -36.39
CA LYS D 249 2.05 5.85 -36.74
C LYS D 249 1.72 7.33 -36.69
N THR D 250 2.39 8.09 -35.81
CA THR D 250 2.20 9.53 -35.80
C THR D 250 2.68 10.13 -37.12
N LEU D 251 3.81 9.64 -37.62
CA LEU D 251 4.22 9.91 -38.98
C LEU D 251 3.52 8.88 -39.86
N ASN D 252 3.77 8.89 -41.16
CA ASN D 252 3.18 7.88 -42.03
C ASN D 252 4.27 6.97 -42.57
N ILE D 253 5.28 6.69 -41.73
CA ILE D 253 6.45 5.92 -42.14
C ILE D 253 6.07 4.54 -42.62
N LEU D 254 5.15 3.89 -41.91
CA LEU D 254 4.86 2.49 -42.13
C LEU D 254 3.65 2.33 -43.03
N ARG D 255 3.88 1.77 -44.23
CA ARG D 255 2.86 1.55 -45.22
C ARG D 255 2.78 0.05 -45.48
N TYR D 256 1.59 -0.44 -45.80
CA TYR D 256 1.41 -1.84 -46.16
C TYR D 256 1.19 -1.93 -47.66
N TYR D 257 2.26 -2.29 -48.37
CA TYR D 257 2.26 -2.32 -49.83
C TYR D 257 2.55 -3.72 -50.36
N LYS D 258 1.58 -4.29 -51.05
CA LYS D 258 1.69 -5.57 -51.77
C LYS D 258 2.24 -6.69 -50.86
N GLY D 259 1.40 -7.03 -49.87
CA GLY D 259 1.65 -8.21 -49.07
C GLY D 259 2.87 -8.17 -48.18
N GLN D 260 3.32 -6.97 -47.81
CA GLN D 260 4.49 -6.84 -46.95
C GLN D 260 4.50 -5.45 -46.34
N HIS D 261 5.26 -5.31 -45.25
CA HIS D 261 5.42 -4.04 -44.56
C HIS D 261 6.67 -3.32 -45.07
N ILE D 262 6.56 -2.02 -45.31
CA ILE D 262 7.66 -1.21 -45.82
C ILE D 262 7.64 0.15 -45.13
N ILE D 263 8.76 0.87 -45.27
CA ILE D 263 8.91 2.24 -44.77
C ILE D 263 8.87 3.20 -45.96
N PHE D 264 7.95 4.17 -45.89
CA PHE D 264 7.80 5.20 -46.92
C PHE D 264 8.14 6.55 -46.31
N LEU D 265 9.26 7.13 -46.76
CA LEU D 265 9.71 8.44 -46.32
C LEU D 265 9.32 9.47 -47.37
N ASN D 266 8.06 9.93 -47.31
CA ASN D 266 7.55 10.82 -48.34
C ASN D 266 8.26 12.18 -48.29
N GLU D 267 7.90 13.04 -49.24
CA GLU D 267 8.57 14.34 -49.39
C GLU D 267 8.42 15.21 -48.15
N ASP D 268 7.25 15.15 -47.51
CA ASP D 268 7.03 15.93 -46.29
C ASP D 268 8.02 15.54 -45.21
N ILE D 269 8.42 14.27 -45.17
CA ILE D 269 9.37 13.80 -44.18
C ILE D 269 10.78 14.27 -44.52
N LEU D 270 11.16 14.18 -45.79
CA LEU D 270 12.50 14.57 -46.17
C LEU D 270 12.68 16.09 -46.12
N ASP D 271 11.59 16.85 -46.11
CA ASP D 271 11.68 18.28 -45.83
C ASP D 271 12.04 18.53 -44.36
N ARG D 272 11.39 17.81 -43.44
CA ARG D 272 11.71 17.94 -42.02
C ARG D 272 13.11 17.43 -41.73
N TYR D 273 13.55 16.39 -42.43
CA TYR D 273 14.90 15.87 -42.24
C TYR D 273 15.94 16.94 -42.59
N ASN D 274 15.74 17.64 -43.71
CA ASN D 274 16.70 18.65 -44.13
C ASN D 274 16.70 19.82 -43.16
N ARG D 275 15.52 20.23 -42.69
CA ARG D 275 15.41 21.25 -41.66
C ARG D 275 16.11 20.82 -40.38
N LEU D 276 16.01 19.53 -40.05
CA LEU D 276 16.63 19.01 -38.82
C LEU D 276 18.14 19.12 -38.88
N LYS D 277 18.75 18.71 -40.01
CA LYS D 277 20.20 18.80 -40.14
C LYS D 277 20.67 20.24 -40.17
N ALA D 278 19.85 21.14 -40.72
CA ALA D 278 20.21 22.55 -40.78
C ALA D 278 20.04 23.24 -39.43
N LYS D 279 19.16 22.73 -38.59
CA LYS D 279 18.82 23.40 -37.33
C LYS D 279 20.05 23.56 -36.44
N LYS D 280 20.04 24.66 -35.69
CA LYS D 280 21.17 25.00 -34.81
C LYS D 280 20.83 24.78 -33.36
N ARG D 281 20.44 23.55 -33.02
CA ARG D 281 20.15 23.16 -31.65
C ARG D 281 21.40 22.64 -30.93
N ARG D 282 21.45 22.90 -29.63
CA ARG D 282 22.43 22.25 -28.78
C ARG D 282 22.04 20.79 -28.57
N THR D 283 23.02 19.89 -28.68
CA THR D 283 22.77 18.46 -28.49
C THR D 283 23.76 17.89 -27.49
N ILE D 284 23.45 16.67 -27.03
CA ILE D 284 24.30 15.96 -26.09
C ILE D 284 25.39 15.24 -26.86
N ASP D 285 26.64 15.44 -26.46
CA ASP D 285 27.78 14.84 -27.14
C ASP D 285 28.17 13.57 -26.40
N PRO D 286 27.84 12.38 -26.93
CA PRO D 286 28.10 11.13 -26.19
C PRO D 286 29.55 10.95 -25.74
N ASN D 287 30.51 11.55 -26.45
CA ASN D 287 31.91 11.37 -26.11
C ASN D 287 32.33 12.17 -24.88
N ARG D 288 31.53 13.14 -24.46
CA ARG D 288 31.81 13.92 -23.26
C ARG D 288 31.12 13.34 -22.04
N LEU D 289 30.52 12.15 -22.16
CA LEU D 289 29.90 11.44 -21.05
C LEU D 289 30.91 10.48 -20.45
N ILE D 290 31.53 10.88 -19.34
CA ILE D 290 32.46 10.03 -18.59
C ILE D 290 31.68 9.45 -17.43
N TRP D 291 31.12 8.26 -17.64
CA TRP D 291 30.17 7.69 -16.69
C TRP D 291 30.05 6.19 -16.91
N LYS D 292 30.36 5.39 -15.87
CA LYS D 292 30.06 3.97 -15.87
C LYS D 292 28.78 3.73 -15.08
N PRO D 293 27.86 2.91 -15.59
CA PRO D 293 26.58 2.72 -14.91
C PRO D 293 26.76 2.23 -13.49
N PRO D 294 26.01 2.79 -12.53
CA PRO D 294 26.11 2.33 -11.15
C PRO D 294 25.72 0.87 -11.02
N VAL D 295 26.51 0.13 -10.23
CA VAL D 295 26.24 -1.26 -9.91
C VAL D 295 25.72 -1.32 -8.48
N PHE D 296 24.49 -1.85 -8.32
CA PHE D 296 23.87 -1.96 -7.01
C PHE D 296 23.76 -3.43 -6.60
N THR D 297 24.13 -3.72 -5.36
CA THR D 297 23.91 -5.03 -4.78
C THR D 297 22.55 -5.10 -4.10
N ALA D 298 22.19 -6.30 -3.63
CA ALA D 298 20.87 -6.50 -3.05
C ALA D 298 20.65 -5.65 -1.80
N SER D 299 21.69 -5.48 -0.98
CA SER D 299 21.54 -4.67 0.23
C SER D 299 21.51 -3.18 -0.07
N GLN D 300 22.16 -2.75 -1.15
CA GLN D 300 22.15 -1.35 -1.53
C GLN D 300 20.80 -0.90 -2.09
N LEU D 301 20.00 -1.84 -2.57
CA LEU D 301 18.67 -1.52 -3.11
C LEU D 301 17.61 -1.57 -2.02
N ARG D 302 17.88 -0.91 -0.90
CA ARG D 302 16.96 -0.81 0.22
C ARG D 302 17.02 0.60 0.78
N PHE D 303 16.12 0.89 1.72
CA PHE D 303 16.21 2.12 2.48
C PHE D 303 17.24 1.96 3.59
N ALA D 304 17.92 3.06 3.92
CA ALA D 304 18.99 3.02 4.90
C ALA D 304 18.46 2.65 6.28
N TRP D 305 19.32 2.00 7.08
CA TRP D 305 18.94 1.56 8.41
C TRP D 305 20.02 1.89 9.43
N MET E 14 -14.94 -10.19 20.11
CA MET E 14 -15.67 -9.54 19.04
C MET E 14 -15.13 -9.97 17.68
N THR E 15 -15.42 -11.19 17.28
CA THR E 15 -14.93 -11.77 16.04
C THR E 15 -16.12 -12.21 15.19
N GLN E 16 -15.83 -12.72 14.00
CA GLN E 16 -16.82 -13.12 13.01
C GLN E 16 -16.53 -14.56 12.58
N ASN E 17 -17.58 -15.27 12.20
CA ASN E 17 -17.46 -16.68 11.85
C ASN E 17 -16.57 -16.87 10.62
N PRO E 18 -15.46 -17.62 10.76
CA PRO E 18 -14.55 -17.83 9.62
C PRO E 18 -15.06 -18.85 8.61
N HIS E 19 -16.01 -19.69 8.97
CA HIS E 19 -16.55 -20.69 8.07
C HIS E 19 -17.76 -20.19 7.29
N GLU E 20 -18.05 -18.89 7.42
CA GLU E 20 -19.09 -18.23 6.65
C GLU E 20 -18.70 -18.13 5.18
N VAL E 21 -19.62 -18.52 4.29
CA VAL E 21 -19.33 -18.51 2.86
C VAL E 21 -19.36 -17.08 2.34
N ALA E 22 -18.23 -16.64 1.77
CA ALA E 22 -18.10 -15.30 1.19
C ALA E 22 -18.20 -15.40 -0.32
N ARG E 23 -19.34 -14.99 -0.87
CA ARG E 23 -19.58 -15.01 -2.31
C ARG E 23 -20.11 -13.65 -2.75
N VAL E 24 -19.57 -13.13 -3.84
CA VAL E 24 -19.93 -11.79 -4.31
C VAL E 24 -21.29 -11.85 -4.98
N ARG E 25 -22.24 -11.12 -4.41
CA ARG E 25 -23.59 -11.00 -4.97
C ARG E 25 -24.05 -9.57 -4.81
N ASN E 26 -24.50 -8.96 -5.90
CA ASN E 26 -25.16 -7.67 -5.79
C ASN E 26 -26.51 -7.85 -5.11
N LEU E 27 -27.01 -6.76 -4.53
CA LEU E 27 -28.31 -6.83 -3.87
C LEU E 27 -29.42 -6.93 -4.92
N ASN E 28 -30.43 -7.74 -4.62
CA ASN E 28 -31.52 -7.96 -5.56
C ASN E 28 -32.28 -6.66 -5.83
N ARG E 29 -32.80 -6.04 -4.78
CA ARG E 29 -33.52 -4.78 -4.91
C ARG E 29 -33.61 -4.11 -3.56
N ILE E 30 -33.25 -2.82 -3.51
CA ILE E 30 -33.28 -2.04 -2.29
C ILE E 30 -34.53 -1.17 -2.27
N ILE E 31 -35.02 -0.88 -1.07
CA ILE E 31 -36.16 0.00 -0.86
C ILE E 31 -35.71 1.08 0.11
N MET E 32 -35.19 2.18 -0.44
CA MET E 32 -34.70 3.30 0.36
C MET E 32 -35.81 4.34 0.49
N GLY E 33 -36.39 4.43 1.68
CA GLY E 33 -37.51 5.32 1.89
C GLY E 33 -38.75 4.83 1.19
N LYS E 34 -39.29 5.63 0.27
CA LYS E 34 -40.47 5.26 -0.48
C LYS E 34 -40.17 4.67 -1.85
N TYR E 35 -38.92 4.75 -2.31
CA TYR E 35 -38.59 4.35 -3.66
C TYR E 35 -37.88 3.00 -3.69
N GLU E 36 -38.16 2.25 -4.76
CA GLU E 36 -37.60 0.91 -4.97
C GLU E 36 -36.51 1.04 -6.03
N ILE E 37 -35.26 0.88 -5.62
CA ILE E 37 -34.12 1.13 -6.48
C ILE E 37 -33.41 -0.19 -6.78
N GLU E 38 -32.71 -0.23 -7.91
CA GLU E 38 -31.95 -1.41 -8.31
C GLU E 38 -30.47 -1.10 -8.32
N PRO E 39 -29.66 -1.84 -7.57
CA PRO E 39 -28.21 -1.55 -7.54
C PRO E 39 -27.53 -1.95 -8.83
N TRP E 40 -26.51 -1.18 -9.20
CA TRP E 40 -25.70 -1.45 -10.38
C TRP E 40 -24.42 -2.21 -10.07
N TYR E 41 -23.79 -1.94 -8.93
CA TYR E 41 -22.50 -2.51 -8.62
C TYR E 41 -22.53 -3.18 -7.25
N PHE E 42 -21.49 -3.96 -6.99
CA PHE E 42 -21.38 -4.66 -5.71
C PHE E 42 -21.04 -3.68 -4.59
N SER E 43 -21.53 -4.01 -3.39
CA SER E 43 -21.22 -3.24 -2.19
C SER E 43 -21.12 -4.21 -1.02
N PRO E 44 -20.10 -4.06 -0.18
CA PRO E 44 -19.84 -5.07 0.86
C PRO E 44 -20.83 -4.99 2.02
N TYR E 45 -22.12 -5.07 1.73
CA TYR E 45 -23.11 -5.26 2.77
C TYR E 45 -22.92 -6.63 3.40
N PRO E 46 -23.49 -6.88 4.58
CA PRO E 46 -23.32 -8.20 5.21
C PRO E 46 -23.73 -9.33 4.27
N ILE E 47 -22.98 -10.42 4.34
CA ILE E 47 -23.15 -11.52 3.38
C ILE E 47 -24.53 -12.13 3.46
N GLU E 48 -25.12 -12.19 4.66
CA GLU E 48 -26.46 -12.73 4.81
C GLU E 48 -27.49 -11.91 4.03
N LEU E 49 -27.30 -10.59 3.98
CA LEU E 49 -28.25 -9.73 3.27
C LEU E 49 -28.19 -9.91 1.77
N THR E 50 -27.04 -10.28 1.21
CA THR E 50 -26.87 -10.29 -0.24
C THR E 50 -27.77 -11.30 -0.93
N ASP E 51 -28.25 -12.31 -0.21
CA ASP E 51 -29.23 -13.23 -0.78
C ASP E 51 -30.58 -13.05 -0.12
N GLU E 52 -31.13 -11.84 -0.23
CA GLU E 52 -32.47 -11.54 0.26
C GLU E 52 -33.23 -10.88 -0.88
N ASP E 53 -34.55 -11.01 -0.87
CA ASP E 53 -35.35 -10.46 -1.95
C ASP E 53 -35.37 -8.94 -1.90
N PHE E 54 -35.66 -8.37 -0.73
CA PHE E 54 -35.72 -6.93 -0.54
C PHE E 54 -34.80 -6.54 0.60
N ILE E 55 -34.08 -5.43 0.43
CA ILE E 55 -33.27 -4.85 1.49
C ILE E 55 -33.76 -3.42 1.76
N TYR E 56 -33.96 -3.10 3.03
CA TYR E 56 -34.57 -1.85 3.44
C TYR E 56 -33.51 -0.87 3.95
N ILE E 57 -33.52 0.33 3.39
CA ILE E 57 -32.61 1.41 3.78
C ILE E 57 -33.43 2.52 4.41
N ASP E 58 -33.28 2.69 5.74
CA ASP E 58 -33.84 3.85 6.40
C ASP E 58 -33.46 5.12 5.66
N ASP E 59 -34.43 6.00 5.45
CA ASP E 59 -34.22 7.15 4.58
C ASP E 59 -33.59 8.32 5.34
N PHE E 60 -33.28 8.13 6.63
CA PHE E 60 -32.63 9.14 7.47
C PHE E 60 -31.26 8.70 7.94
N THR E 61 -31.12 7.46 8.41
CA THR E 61 -29.86 6.94 8.91
C THR E 61 -29.14 6.06 7.90
N LEU E 62 -29.77 5.72 6.78
CA LEU E 62 -29.19 4.87 5.74
C LEU E 62 -28.86 3.47 6.26
N GLN E 63 -29.53 3.06 7.33
CA GLN E 63 -29.32 1.74 7.91
C GLN E 63 -29.90 0.65 7.03
N TYR E 64 -29.21 -0.48 6.96
CA TYR E 64 -29.61 -1.61 6.13
C TYR E 64 -30.35 -2.66 6.96
N PHE E 65 -31.36 -3.27 6.35
CA PHE E 65 -32.21 -4.27 7.00
C PHE E 65 -32.61 -5.33 5.99
N GLY E 66 -32.63 -6.59 6.43
CA GLY E 66 -33.09 -7.67 5.59
C GLY E 66 -34.46 -8.16 5.99
N SER E 67 -34.82 -7.97 7.25
CA SER E 67 -36.12 -8.37 7.78
C SER E 67 -37.01 -7.13 7.86
N LYS E 68 -38.15 -7.18 7.17
CA LYS E 68 -39.09 -6.06 7.19
C LYS E 68 -39.58 -5.77 8.60
N LYS E 69 -39.59 -6.77 9.48
CA LYS E 69 -40.07 -6.55 10.83
C LYS E 69 -39.13 -5.63 11.61
N GLN E 70 -37.81 -5.82 11.47
CA GLN E 70 -36.85 -4.97 12.15
C GLN E 70 -36.91 -3.54 11.62
N TYR E 71 -37.07 -3.39 10.30
CA TYR E 71 -37.22 -2.07 9.71
C TYR E 71 -38.43 -1.36 10.32
N GLU E 72 -39.51 -2.12 10.58
CA GLU E 72 -40.68 -1.55 11.25
C GLU E 72 -40.33 -1.14 12.68
N ARG E 73 -39.68 -2.04 13.42
CA ARG E 73 -39.29 -1.72 14.79
C ARG E 73 -38.30 -0.57 14.83
N TYR E 74 -37.44 -0.47 13.82
CA TYR E 74 -36.43 0.59 13.77
C TYR E 74 -37.06 1.96 13.56
N ARG E 75 -38.00 2.05 12.61
CA ARG E 75 -38.61 3.34 12.29
C ARG E 75 -39.38 3.90 13.48
N LYS E 76 -40.04 3.03 14.24
CA LYS E 76 -40.82 3.49 15.39
C LYS E 76 -39.93 4.08 16.49
N LYS E 77 -38.64 3.77 16.49
CA LYS E 77 -37.73 4.23 17.53
C LYS E 77 -36.74 5.29 17.07
N CYS E 78 -36.51 5.41 15.76
CA CYS E 78 -35.51 6.34 15.23
C CYS E 78 -36.04 7.77 15.28
N THR E 79 -35.32 8.66 15.96
CA THR E 79 -35.73 10.05 16.11
C THR E 79 -34.99 10.99 15.18
N LEU E 80 -34.00 10.50 14.43
CA LEU E 80 -33.25 11.33 13.51
C LEU E 80 -34.06 11.56 12.25
N ARG E 81 -34.07 12.81 11.78
CA ARG E 81 -34.85 13.18 10.60
C ARG E 81 -34.06 14.05 9.62
N HIS E 82 -32.75 14.01 9.71
CA HIS E 82 -31.87 14.76 8.82
C HIS E 82 -30.45 14.21 8.98
N PRO E 83 -29.58 14.44 8.00
CA PRO E 83 -28.18 14.05 8.14
C PRO E 83 -27.61 14.51 9.48
N PRO E 84 -26.94 13.61 10.21
CA PRO E 84 -26.46 13.95 11.55
C PRO E 84 -25.31 14.95 11.54
N GLY E 85 -25.64 16.22 11.29
CA GLY E 85 -24.63 17.24 11.26
C GLY E 85 -25.25 18.62 11.12
N ASN E 86 -24.40 19.61 11.02
CA ASN E 86 -24.85 21.00 10.91
C ASN E 86 -25.37 21.31 9.51
N GLU E 87 -26.42 22.13 9.47
CA GLU E 87 -26.92 22.71 8.23
C GLU E 87 -26.07 23.94 7.87
N ILE E 88 -25.42 23.90 6.71
CA ILE E 88 -24.57 25.01 6.28
C ILE E 88 -25.14 25.77 5.09
N TYR E 89 -26.26 25.31 4.53
CA TYR E 89 -26.89 26.00 3.41
C TYR E 89 -28.37 25.63 3.39
N ARG E 90 -29.23 26.63 3.28
CA ARG E 90 -30.67 26.38 3.16
C ARG E 90 -31.30 27.48 2.32
N ASP E 91 -31.87 27.08 1.18
CA ASP E 91 -32.87 27.87 0.48
C ASP E 91 -34.18 27.11 0.51
N ASP E 92 -35.20 27.65 -0.17
CA ASP E 92 -36.51 27.01 -0.14
C ASP E 92 -36.54 25.73 -0.97
N TYR E 93 -35.48 25.41 -1.70
CA TYR E 93 -35.44 24.23 -2.54
C TYR E 93 -34.70 23.07 -1.88
N VAL E 94 -33.40 23.23 -1.60
CA VAL E 94 -32.59 22.18 -1.01
C VAL E 94 -31.87 22.72 0.22
N SER E 95 -31.32 21.79 1.01
CA SER E 95 -30.41 22.11 2.10
C SER E 95 -29.15 21.28 1.95
N PHE E 96 -28.04 21.80 2.50
CA PHE E 96 -26.77 21.10 2.53
C PHE E 96 -26.31 20.90 3.97
N PHE E 97 -25.89 19.68 4.29
CA PHE E 97 -25.32 19.35 5.59
C PHE E 97 -23.85 18.97 5.45
N GLU E 98 -23.05 19.45 6.39
CA GLU E 98 -21.63 19.11 6.46
C GLU E 98 -21.45 18.04 7.54
N ILE E 99 -20.90 16.89 7.16
CA ILE E 99 -20.75 15.77 8.06
C ILE E 99 -19.31 15.28 8.04
N ASP E 100 -18.71 15.17 9.21
CA ASP E 100 -17.36 14.65 9.37
C ASP E 100 -17.41 13.13 9.51
N GLY E 101 -16.63 12.44 8.66
CA GLY E 101 -16.57 10.99 8.75
C GLY E 101 -15.97 10.49 10.05
N ARG E 102 -15.17 11.31 10.73
CA ARG E 102 -14.58 10.89 11.99
C ARG E 102 -15.57 11.07 13.14
N LYS E 103 -16.52 11.98 13.01
CA LYS E 103 -17.54 12.18 14.04
C LYS E 103 -18.76 11.28 13.85
N GLN E 104 -19.18 11.07 12.60
CA GLN E 104 -20.37 10.26 12.30
C GLN E 104 -19.96 9.00 11.57
N ARG E 105 -19.30 8.10 12.29
CA ARG E 105 -18.76 6.89 11.67
C ARG E 105 -19.88 6.01 11.11
N THR E 106 -20.86 5.67 11.94
CA THR E 106 -21.95 4.78 11.51
C THR E 106 -22.69 5.37 10.31
N TRP E 107 -23.06 6.65 10.38
CA TRP E 107 -23.82 7.26 9.30
C TRP E 107 -23.01 7.30 8.00
N CYS E 108 -21.77 7.80 8.07
CA CYS E 108 -20.97 7.94 6.87
C CYS E 108 -20.66 6.59 6.24
N ARG E 109 -20.48 5.56 7.06
CA ARG E 109 -20.32 4.21 6.52
C ARG E 109 -21.57 3.77 5.78
N ASN E 110 -22.73 3.95 6.41
CA ASN E 110 -24.00 3.60 5.77
C ASN E 110 -24.16 4.34 4.44
N LEU E 111 -23.74 5.61 4.40
CA LEU E 111 -23.76 6.35 3.15
C LEU E 111 -22.80 5.75 2.14
N CYS E 112 -21.61 5.35 2.58
CA CYS E 112 -20.61 4.84 1.65
C CYS E 112 -21.02 3.48 1.09
N LEU E 113 -21.60 2.62 1.92
CA LEU E 113 -22.15 1.36 1.42
C LEU E 113 -23.22 1.61 0.37
N LEU E 114 -24.13 2.55 0.66
CA LEU E 114 -25.18 2.89 -0.29
C LEU E 114 -24.60 3.46 -1.58
N SER E 115 -23.68 4.41 -1.47
CA SER E 115 -23.10 5.03 -2.66
C SER E 115 -22.39 4.00 -3.52
N LYS E 116 -21.70 3.05 -2.87
CA LYS E 116 -20.96 2.02 -3.61
C LYS E 116 -21.88 1.16 -4.46
N LEU E 117 -23.17 1.07 -4.09
CA LEU E 117 -24.12 0.32 -4.90
C LEU E 117 -24.28 0.93 -6.29
N PHE E 118 -24.00 2.23 -6.43
CA PHE E 118 -24.22 2.92 -7.69
C PHE E 118 -22.97 3.58 -8.25
N LEU E 119 -21.84 3.51 -7.54
CA LEU E 119 -20.57 3.99 -8.06
C LEU E 119 -19.59 2.84 -8.22
N ASP E 120 -19.03 2.70 -9.42
CA ASP E 120 -18.15 1.59 -9.73
C ASP E 120 -16.73 1.81 -9.23
N HIS E 121 -16.29 3.06 -9.14
CA HIS E 121 -14.91 3.37 -8.80
C HIS E 121 -14.72 3.90 -7.38
OH ALY E 122 -17.11 9.31 -1.14
CH ALY E 122 -17.00 8.10 -0.84
CH3 ALY E 122 -15.83 7.59 -0.03
NZ ALY E 122 -17.96 7.20 -1.25
CE ALY E 122 -17.97 5.80 -0.99
CD ALY E 122 -18.03 4.98 -2.28
CG ALY E 122 -16.84 5.24 -3.18
CB ALY E 122 -16.96 4.35 -4.39
CA ALY E 122 -15.64 4.10 -5.14
N ALY E 122 -15.73 3.73 -6.54
C ALY E 122 -15.01 2.94 -4.39
O ALY E 122 -15.10 1.76 -4.75
N THR E 123 -14.34 3.28 -3.31
CA THR E 123 -13.66 2.28 -2.48
C THR E 123 -14.00 2.43 -1.01
N LEU E 124 -14.18 1.28 -0.36
CA LEU E 124 -14.44 1.22 1.07
C LEU E 124 -13.28 0.54 1.78
N TYR E 125 -12.08 0.68 1.23
CA TYR E 125 -10.91 0.01 1.77
C TYR E 125 -10.59 0.53 3.15
N TYR E 126 -10.38 1.84 3.29
CA TYR E 126 -10.12 2.44 4.58
C TYR E 126 -11.42 2.96 5.20
N ASP E 127 -11.33 3.34 6.47
CA ASP E 127 -12.50 3.88 7.15
C ASP E 127 -12.80 5.29 6.63
N VAL E 128 -13.94 5.84 7.07
CA VAL E 128 -14.43 7.10 6.55
C VAL E 128 -13.82 8.30 7.25
N ASP E 129 -12.88 8.08 8.17
CA ASP E 129 -12.26 9.17 8.91
C ASP E 129 -11.74 10.33 8.05
N PRO E 130 -11.02 10.10 6.95
CA PRO E 130 -10.41 11.23 6.24
C PRO E 130 -11.37 12.09 5.43
N PHE E 131 -12.67 11.84 5.46
CA PHE E 131 -13.59 12.48 4.53
C PHE E 131 -14.59 13.40 5.22
N LEU E 132 -14.95 14.46 4.49
CA LEU E 132 -16.07 15.32 4.81
C LEU E 132 -17.21 15.01 3.83
N PHE E 133 -18.42 14.88 4.34
CA PHE E 133 -19.57 14.52 3.54
C PHE E 133 -20.55 15.68 3.47
N TYR E 134 -20.74 16.22 2.26
CA TYR E 134 -21.68 17.29 2.01
C TYR E 134 -22.92 16.70 1.36
N CYS E 135 -24.03 16.71 2.10
CA CYS E 135 -25.23 15.98 1.73
C CYS E 135 -26.34 16.96 1.41
N MET E 136 -26.93 16.80 0.22
CA MET E 136 -28.01 17.65 -0.24
C MET E 136 -29.34 17.00 0.08
N THR E 137 -30.24 17.76 0.71
CA THR E 137 -31.51 17.23 1.16
C THR E 137 -32.65 18.04 0.54
N ARG E 138 -33.81 17.39 0.45
CA ARG E 138 -35.05 18.01 -0.01
C ARG E 138 -36.03 17.89 1.15
N ARG E 139 -36.38 19.02 1.77
CA ARG E 139 -37.18 18.96 2.98
C ARG E 139 -38.63 18.61 2.70
N ASP E 140 -39.25 17.99 3.70
CA ASP E 140 -40.59 17.45 3.64
C ASP E 140 -41.23 17.71 5.00
N GLU E 141 -42.51 17.35 5.16
CA GLU E 141 -43.09 17.43 6.49
C GLU E 141 -42.45 16.39 7.41
N LEU E 142 -41.99 15.28 6.84
CA LEU E 142 -41.35 14.24 7.62
C LEU E 142 -39.96 14.64 8.08
N GLY E 143 -39.24 15.41 7.27
CA GLY E 143 -37.90 15.84 7.60
C GLY E 143 -37.08 16.05 6.35
N HIS E 144 -35.76 16.11 6.54
CA HIS E 144 -34.84 16.31 5.43
C HIS E 144 -34.54 14.97 4.77
N HIS E 145 -34.74 14.90 3.45
CA HIS E 145 -34.55 13.67 2.69
C HIS E 145 -33.32 13.79 1.82
N LEU E 146 -32.34 12.93 2.08
CA LEU E 146 -31.12 12.90 1.28
C LEU E 146 -31.43 12.59 -0.18
N VAL E 147 -30.94 13.44 -1.08
CA VAL E 147 -31.09 13.22 -2.51
C VAL E 147 -29.76 13.00 -3.21
N GLY E 148 -28.66 13.47 -2.64
CA GLY E 148 -27.36 13.30 -3.25
C GLY E 148 -26.31 13.87 -2.33
N TYR E 149 -25.06 13.55 -2.63
CA TYR E 149 -23.96 14.02 -1.81
C TYR E 149 -22.70 14.10 -2.65
N PHE E 150 -21.68 14.75 -2.10
CA PHE E 150 -20.32 14.60 -2.60
C PHE E 150 -19.37 14.59 -1.42
N SER E 151 -18.40 13.68 -1.47
CA SER E 151 -17.38 13.57 -0.44
C SER E 151 -16.15 14.37 -0.83
N LYS E 152 -15.32 14.65 0.16
CA LYS E 152 -14.20 15.56 -0.02
C LYS E 152 -13.10 15.24 0.97
N GLU E 153 -11.87 15.08 0.46
CA GLU E 153 -10.74 14.88 1.35
C GLU E 153 -10.58 16.11 2.23
N LYS E 154 -10.27 15.89 3.51
CA LYS E 154 -10.25 16.98 4.48
C LYS E 154 -9.30 18.09 4.06
N GLU E 155 -8.08 17.71 3.66
CA GLU E 155 -7.09 18.65 3.13
C GLU E 155 -6.44 17.97 1.94
N SER E 156 -7.08 18.07 0.78
CA SER E 156 -6.56 17.40 -0.40
C SER E 156 -5.31 18.11 -0.89
N ALA E 157 -4.20 17.38 -0.95
CA ALA E 157 -2.98 17.93 -1.53
C ALA E 157 -3.08 18.02 -3.04
N ASP E 158 -3.88 17.14 -3.64
CA ASP E 158 -4.09 17.11 -5.08
C ASP E 158 -5.03 18.20 -5.57
N GLY E 159 -5.60 18.98 -4.66
CA GLY E 159 -6.54 20.02 -5.06
C GLY E 159 -7.87 19.50 -5.51
N TYR E 160 -8.24 18.28 -5.11
CA TYR E 160 -9.55 17.72 -5.44
C TYR E 160 -10.60 18.31 -4.51
N ASN E 161 -11.56 19.04 -5.08
CA ASN E 161 -12.65 19.58 -4.28
C ASN E 161 -13.85 18.65 -4.22
N VAL E 162 -13.79 17.51 -4.91
CA VAL E 162 -14.79 16.46 -4.84
C VAL E 162 -14.10 15.11 -4.95
N ALA E 163 -14.33 14.24 -3.97
CA ALA E 163 -13.83 12.88 -4.03
C ALA E 163 -14.75 12.03 -4.88
N CYS E 164 -15.91 11.67 -4.32
CA CYS E 164 -16.97 11.00 -5.06
C CYS E 164 -18.22 11.89 -5.04
N ILE E 165 -18.99 11.82 -6.12
CA ILE E 165 -20.21 12.61 -6.25
C ILE E 165 -21.31 11.71 -6.78
N LEU E 166 -22.51 11.82 -6.20
CA LEU E 166 -23.59 10.92 -6.55
C LEU E 166 -24.95 11.57 -6.31
N THR E 167 -25.83 11.39 -7.29
CA THR E 167 -27.26 11.65 -7.13
C THR E 167 -27.96 10.30 -7.10
N LEU E 168 -28.73 10.05 -6.04
CA LEU E 168 -29.41 8.77 -5.89
C LEU E 168 -30.35 8.52 -7.05
N PRO E 169 -30.40 7.28 -7.57
CA PRO E 169 -31.14 7.02 -8.82
C PRO E 169 -32.60 7.43 -8.77
N GLN E 170 -33.25 7.36 -7.61
CA GLN E 170 -34.66 7.73 -7.54
C GLN E 170 -34.88 9.24 -7.66
N TYR E 171 -33.82 10.02 -7.77
CA TYR E 171 -33.91 11.47 -7.96
C TYR E 171 -33.18 11.89 -9.24
N GLN E 172 -33.08 10.97 -10.19
CA GLN E 172 -32.37 11.24 -11.43
C GLN E 172 -33.16 12.20 -12.32
N ARG E 173 -32.43 12.91 -13.18
CA ARG E 173 -33.01 13.77 -14.21
C ARG E 173 -33.92 14.85 -13.61
N MET E 174 -33.44 15.49 -12.55
CA MET E 174 -34.15 16.60 -11.94
C MET E 174 -33.22 17.77 -11.64
N GLY E 175 -31.99 17.74 -12.15
CA GLY E 175 -31.07 18.84 -11.96
C GLY E 175 -30.38 18.86 -10.62
N TYR E 176 -30.48 17.78 -9.83
CA TYR E 176 -29.86 17.77 -8.51
C TYR E 176 -28.34 17.69 -8.60
N GLY E 177 -27.84 16.83 -9.49
CA GLY E 177 -26.39 16.68 -9.62
C GLY E 177 -25.70 17.98 -9.98
N LYS E 178 -26.36 18.80 -10.81
CA LYS E 178 -25.78 20.07 -11.21
C LYS E 178 -25.75 21.06 -10.04
N LEU E 179 -26.62 20.86 -9.05
CA LEU E 179 -26.56 21.68 -7.84
C LEU E 179 -25.39 21.24 -6.96
N LEU E 180 -25.13 19.93 -6.89
CA LEU E 180 -23.99 19.43 -6.14
C LEU E 180 -22.68 20.01 -6.67
N ILE E 181 -22.46 19.87 -7.99
CA ILE E 181 -21.26 20.41 -8.61
C ILE E 181 -21.14 21.90 -8.33
N GLU E 182 -22.24 22.63 -8.51
CA GLU E 182 -22.24 24.06 -8.26
C GLU E 182 -21.93 24.38 -6.80
N PHE E 183 -22.50 23.60 -5.88
CA PHE E 183 -22.23 23.82 -4.45
C PHE E 183 -20.79 23.45 -4.11
N SER E 184 -20.27 22.41 -4.77
CA SER E 184 -18.89 22.00 -4.50
C SER E 184 -17.90 23.09 -4.87
N TYR E 185 -18.13 23.77 -5.99
CA TYR E 185 -17.25 24.88 -6.37
C TYR E 185 -17.50 26.12 -5.52
N GLU E 186 -18.67 26.22 -4.89
CA GLU E 186 -18.93 27.34 -3.99
C GLU E 186 -18.10 27.22 -2.72
N LEU E 187 -17.93 25.99 -2.21
CA LEU E 187 -17.06 25.79 -1.07
C LEU E 187 -15.63 26.16 -1.41
N SER E 188 -15.18 25.79 -2.61
CA SER E 188 -13.84 26.13 -3.05
C SER E 188 -13.65 27.64 -3.13
N LYS E 189 -14.67 28.35 -3.64
CA LYS E 189 -14.57 29.80 -3.75
C LYS E 189 -14.57 30.46 -2.37
N LYS E 190 -15.35 29.94 -1.43
CA LYS E 190 -15.32 30.46 -0.07
C LYS E 190 -13.99 30.12 0.61
N GLU E 191 -13.36 29.01 0.22
CA GLU E 191 -12.08 28.59 0.75
C GLU E 191 -10.90 29.34 0.16
N ASN E 192 -11.11 30.08 -0.93
CA ASN E 192 -10.02 30.66 -1.72
C ASN E 192 -9.06 29.57 -2.21
N LYS E 193 -9.62 28.48 -2.72
CA LYS E 193 -8.86 27.38 -3.29
C LYS E 193 -9.45 27.00 -4.64
N VAL E 194 -8.58 26.67 -5.59
CA VAL E 194 -9.01 26.10 -6.87
C VAL E 194 -9.20 24.60 -6.70
N GLY E 195 -10.06 24.02 -7.53
CA GLY E 195 -10.40 22.62 -7.36
C GLY E 195 -10.87 21.98 -8.64
N SER E 196 -10.83 20.65 -8.65
CA SER E 196 -11.23 19.81 -9.76
C SER E 196 -11.77 18.52 -9.17
N PRO E 197 -12.79 17.92 -9.78
CA PRO E 197 -13.27 16.62 -9.27
C PRO E 197 -12.19 15.56 -9.41
N GLU E 198 -12.17 14.63 -8.45
CA GLU E 198 -11.22 13.53 -8.49
C GLU E 198 -11.36 12.80 -9.82
N LYS E 199 -10.23 12.54 -10.47
CA LYS E 199 -10.14 12.38 -11.92
C LYS E 199 -11.03 11.32 -12.58
N PRO E 200 -11.21 10.11 -12.03
CA PRO E 200 -12.09 9.14 -12.71
C PRO E 200 -13.56 9.41 -12.47
N LEU E 201 -14.25 9.95 -13.48
CA LEU E 201 -15.66 10.30 -13.38
C LEU E 201 -16.55 9.34 -14.14
N SER E 202 -17.69 9.04 -13.53
CA SER E 202 -18.69 8.21 -14.17
C SER E 202 -19.14 8.88 -15.47
N ASP E 203 -19.69 8.06 -16.37
CA ASP E 203 -20.10 8.59 -17.67
C ASP E 203 -21.09 9.72 -17.51
N LEU E 204 -22.09 9.55 -16.63
CA LEU E 204 -23.07 10.60 -16.40
C LEU E 204 -22.43 11.81 -15.72
N GLY E 205 -21.52 11.58 -14.78
CA GLY E 205 -20.92 12.69 -14.04
C GLY E 205 -20.07 13.58 -14.92
N LEU E 206 -19.30 12.98 -15.83
CA LEU E 206 -18.49 13.78 -16.75
C LEU E 206 -19.36 14.68 -17.61
N LEU E 207 -20.55 14.22 -17.98
CA LEU E 207 -21.50 15.07 -18.69
C LEU E 207 -21.91 16.27 -17.85
N SER E 208 -22.35 16.01 -16.62
CA SER E 208 -22.80 17.09 -15.75
C SER E 208 -21.67 18.06 -15.44
N TYR E 209 -20.44 17.58 -15.36
CA TYR E 209 -19.31 18.47 -15.10
C TYR E 209 -18.96 19.30 -16.34
N ARG E 210 -19.05 18.69 -17.52
CA ARG E 210 -18.81 19.46 -18.75
C ARG E 210 -19.89 20.50 -18.95
N ALA E 211 -21.12 20.18 -18.55
CA ALA E 211 -22.23 21.14 -18.63
C ALA E 211 -21.99 22.31 -17.69
N TYR E 212 -21.66 22.02 -16.42
CA TYR E 212 -21.42 23.10 -15.46
C TYR E 212 -20.26 23.99 -15.88
N TRP E 213 -19.18 23.39 -16.39
CA TRP E 213 -18.00 24.16 -16.75
C TRP E 213 -18.29 25.12 -17.90
N SER E 214 -18.92 24.61 -18.96
CA SER E 214 -19.18 25.44 -20.14
C SER E 214 -20.20 26.52 -19.85
N ASP E 215 -21.22 26.21 -19.03
CA ASP E 215 -22.24 27.20 -18.71
C ASP E 215 -21.64 28.35 -17.91
N THR E 216 -20.88 28.04 -16.85
CA THR E 216 -20.26 29.09 -16.05
C THR E 216 -19.16 29.81 -16.83
N LEU E 217 -18.64 29.18 -17.88
CA LEU E 217 -17.58 29.78 -18.68
C LEU E 217 -18.14 30.79 -19.68
N ILE E 218 -19.19 30.40 -20.41
CA ILE E 218 -19.80 31.32 -21.38
C ILE E 218 -20.36 32.55 -20.67
N THR E 219 -20.94 32.35 -19.48
CA THR E 219 -21.46 33.48 -18.72
C THR E 219 -20.34 34.44 -18.32
N LEU E 220 -19.20 33.90 -17.90
CA LEU E 220 -18.09 34.75 -17.50
C LEU E 220 -17.50 35.49 -18.69
N LEU E 221 -17.31 34.79 -19.80
CA LEU E 221 -16.65 35.39 -20.96
C LEU E 221 -17.50 36.48 -21.59
N VAL E 222 -18.80 36.25 -21.72
CA VAL E 222 -19.68 37.24 -22.34
C VAL E 222 -19.75 38.51 -21.49
N GLU E 223 -20.14 38.38 -20.23
CA GLU E 223 -20.37 39.53 -19.38
C GLU E 223 -19.09 40.23 -18.92
N HIS E 224 -17.91 39.66 -19.19
CA HIS E 224 -16.69 40.27 -18.66
C HIS E 224 -16.31 41.53 -19.43
N GLN E 225 -16.44 41.51 -20.76
CA GLN E 225 -16.12 42.64 -21.63
C GLN E 225 -14.65 42.99 -21.64
N LYS E 226 -14.05 43.24 -20.48
CA LYS E 226 -12.63 43.57 -20.40
C LYS E 226 -11.79 42.34 -20.73
N GLU E 227 -10.53 42.59 -21.12
CA GLU E 227 -9.61 41.51 -21.39
C GLU E 227 -9.33 40.67 -20.14
N ILE E 228 -9.34 39.35 -20.32
CA ILE E 228 -9.25 38.38 -19.24
C ILE E 228 -8.04 37.49 -19.46
N THR E 229 -7.58 36.84 -18.40
CA THR E 229 -6.51 35.85 -18.50
C THR E 229 -6.94 34.56 -17.84
N ILE E 230 -6.38 33.45 -18.34
CA ILE E 230 -6.72 32.12 -17.83
C ILE E 230 -6.55 32.07 -16.31
N ASP E 231 -5.47 32.67 -15.80
CA ASP E 231 -5.25 32.70 -14.35
C ASP E 231 -6.35 33.46 -13.64
N GLU E 232 -6.88 34.51 -14.26
CA GLU E 232 -7.98 35.27 -13.65
C GLU E 232 -9.30 34.53 -13.73
N ILE E 233 -9.53 33.81 -14.83
CA ILE E 233 -10.72 32.97 -14.93
C ILE E 233 -10.72 31.93 -13.82
N SER E 234 -9.56 31.30 -13.59
CA SER E 234 -9.43 30.32 -12.52
C SER E 234 -9.70 30.94 -11.16
N SER E 235 -9.28 32.19 -10.96
CA SER E 235 -9.50 32.86 -9.68
C SER E 235 -10.97 33.22 -9.46
N MET E 236 -11.72 33.45 -10.54
CA MET E 236 -13.11 33.85 -10.39
C MET E 236 -14.05 32.67 -10.19
N THR E 237 -13.72 31.52 -10.78
CA THR E 237 -14.59 30.36 -10.74
C THR E 237 -14.06 29.22 -9.87
N SER E 238 -12.83 29.34 -9.37
CA SER E 238 -12.12 28.26 -8.67
C SER E 238 -11.97 27.01 -9.54
N MET E 239 -12.11 27.16 -10.85
CA MET E 239 -11.81 26.09 -11.78
C MET E 239 -10.31 26.03 -12.04
N THR E 240 -9.82 24.84 -12.34
CA THR E 240 -8.41 24.69 -12.66
C THR E 240 -8.12 25.21 -14.06
N THR E 241 -6.87 25.59 -14.29
CA THR E 241 -6.46 26.01 -15.63
C THR E 241 -6.65 24.89 -16.64
N THR E 242 -6.52 23.64 -16.19
CA THR E 242 -6.71 22.50 -17.08
C THR E 242 -8.18 22.35 -17.47
N ASP E 243 -9.09 22.46 -16.50
CA ASP E 243 -10.52 22.35 -16.81
C ASP E 243 -10.97 23.49 -17.70
N ILE E 244 -10.40 24.68 -17.51
CA ILE E 244 -10.77 25.84 -18.33
C ILE E 244 -10.39 25.61 -19.78
N LEU E 245 -9.14 25.20 -20.03
CA LEU E 245 -8.66 25.05 -21.40
C LEU E 245 -9.36 23.92 -22.13
N HIS E 246 -9.70 22.83 -21.43
CA HIS E 246 -10.42 21.75 -22.10
C HIS E 246 -11.84 22.16 -22.43
N THR E 247 -12.48 22.92 -21.54
CA THR E 247 -13.83 23.42 -21.81
C THR E 247 -13.80 24.49 -22.89
N ALA E 248 -12.75 25.31 -22.92
CA ALA E 248 -12.63 26.32 -23.96
C ALA E 248 -12.47 25.70 -25.34
N LYS E 249 -11.90 24.49 -25.41
CA LYS E 249 -11.75 23.81 -26.69
C LYS E 249 -13.02 23.10 -27.12
N THR E 250 -13.83 22.65 -26.16
CA THR E 250 -15.10 22.02 -26.48
C THR E 250 -16.07 22.99 -27.14
N LEU E 251 -16.11 24.23 -26.65
CA LEU E 251 -16.92 25.29 -27.23
C LEU E 251 -16.23 26.04 -28.37
N ASN E 252 -15.01 25.64 -28.74
CA ASN E 252 -14.23 26.30 -29.78
C ASN E 252 -14.06 27.79 -29.50
N ILE E 253 -14.08 28.15 -28.21
CA ILE E 253 -13.92 29.53 -27.78
C ILE E 253 -12.56 30.05 -28.16
N LEU E 254 -11.55 29.18 -28.11
CA LEU E 254 -10.15 29.56 -28.20
C LEU E 254 -9.70 29.50 -29.65
N ARG E 255 -9.40 30.66 -30.23
CA ARG E 255 -8.98 30.77 -31.62
C ARG E 255 -7.61 31.44 -31.70
N TYR E 256 -6.81 31.01 -32.67
CA TYR E 256 -5.55 31.66 -33.00
C TYR E 256 -5.75 32.35 -34.35
N TYR E 257 -6.03 33.65 -34.31
CA TYR E 257 -6.36 34.43 -35.50
C TYR E 257 -5.34 35.54 -35.67
N LYS E 258 -4.63 35.52 -36.80
CA LYS E 258 -3.65 36.53 -37.17
C LYS E 258 -2.55 36.67 -36.10
N GLY E 259 -1.79 35.60 -35.94
CA GLY E 259 -0.58 35.64 -35.14
C GLY E 259 -0.79 35.87 -33.66
N GLN E 260 -1.94 35.50 -33.13
CA GLN E 260 -2.23 35.71 -31.72
C GLN E 260 -3.37 34.80 -31.28
N HIS E 261 -3.46 34.58 -29.97
CA HIS E 261 -4.56 33.82 -29.39
C HIS E 261 -5.67 34.75 -28.94
N ILE E 262 -6.91 34.38 -29.24
CA ILE E 262 -8.09 35.18 -28.90
C ILE E 262 -9.22 34.26 -28.49
N ILE E 263 -10.23 34.84 -27.87
CA ILE E 263 -11.46 34.17 -27.49
C ILE E 263 -12.56 34.59 -28.47
N PHE E 264 -13.21 33.61 -29.10
CA PHE E 264 -14.25 33.84 -30.10
C PHE E 264 -15.59 33.32 -29.59
N LEU E 265 -16.53 34.23 -29.30
CA LEU E 265 -17.87 33.88 -28.83
C LEU E 265 -18.89 33.92 -29.96
N ASN E 266 -18.99 32.83 -30.72
CA ASN E 266 -19.86 32.86 -31.90
C ASN E 266 -21.36 32.83 -31.52
N GLU E 267 -22.22 32.97 -32.55
CA GLU E 267 -23.68 33.02 -32.35
C GLU E 267 -24.25 31.73 -31.74
N ASP E 268 -23.73 30.58 -32.16
CA ASP E 268 -24.15 29.34 -31.54
C ASP E 268 -23.83 29.40 -30.05
N ILE E 269 -22.78 30.14 -29.70
CA ILE E 269 -22.42 30.31 -28.30
C ILE E 269 -23.37 31.28 -27.61
N LEU E 270 -23.60 32.46 -28.23
CA LEU E 270 -24.49 33.46 -27.62
C LEU E 270 -25.96 33.08 -27.71
N ASP E 271 -26.35 32.18 -28.61
CA ASP E 271 -27.70 31.65 -28.54
C ASP E 271 -27.84 30.78 -27.30
N ARG E 272 -26.83 29.96 -27.04
CA ARG E 272 -26.80 29.17 -25.81
C ARG E 272 -26.67 30.06 -24.58
N TYR E 273 -25.95 31.18 -24.70
CA TYR E 273 -25.86 32.13 -23.59
C TYR E 273 -27.23 32.69 -23.22
N ASN E 274 -28.02 33.09 -24.22
CA ASN E 274 -29.32 33.69 -23.92
C ASN E 274 -30.28 32.69 -23.30
N ARG E 275 -30.28 31.44 -23.77
CA ARG E 275 -31.10 30.44 -23.10
C ARG E 275 -30.66 30.28 -21.65
N LEU E 276 -29.36 30.36 -21.40
CA LEU E 276 -28.84 30.17 -20.05
C LEU E 276 -29.32 31.27 -19.11
N LYS E 277 -29.25 32.53 -19.55
CA LYS E 277 -29.69 33.62 -18.71
C LYS E 277 -31.21 33.60 -18.53
N ALA E 278 -31.93 33.16 -19.56
CA ALA E 278 -33.38 33.08 -19.52
C ALA E 278 -33.87 31.82 -18.79
N LYS E 279 -33.11 30.73 -18.82
CA LYS E 279 -33.59 29.46 -18.30
C LYS E 279 -33.92 29.54 -16.82
N LYS E 280 -34.92 28.75 -16.43
CA LYS E 280 -35.48 28.77 -15.08
C LYS E 280 -35.04 27.56 -14.27
N ARG E 281 -33.74 27.30 -14.21
CA ARG E 281 -33.19 26.24 -13.39
C ARG E 281 -32.86 26.77 -11.99
N ARG E 282 -32.92 25.86 -11.01
CA ARG E 282 -32.52 26.19 -9.65
C ARG E 282 -31.00 26.25 -9.52
N THR E 283 -30.51 27.27 -8.83
CA THR E 283 -29.08 27.46 -8.61
C THR E 283 -28.80 27.71 -7.13
N ILE E 284 -27.51 27.61 -6.78
CA ILE E 284 -27.04 27.80 -5.42
C ILE E 284 -26.81 29.29 -5.16
N ASP E 285 -27.37 29.80 -4.06
CA ASP E 285 -27.26 31.20 -3.68
C ASP E 285 -26.15 31.38 -2.66
N PRO E 286 -24.99 31.92 -3.05
CA PRO E 286 -23.85 32.03 -2.12
C PRO E 286 -24.17 32.76 -0.83
N ASN E 287 -25.16 33.66 -0.81
CA ASN E 287 -25.46 34.41 0.40
C ASN E 287 -26.19 33.55 1.43
N ARG E 288 -26.76 32.42 1.01
CA ARG E 288 -27.39 31.48 1.91
C ARG E 288 -26.44 30.38 2.35
N LEU E 289 -25.16 30.51 2.03
CA LEU E 289 -24.12 29.59 2.47
C LEU E 289 -23.51 30.15 3.75
N ILE E 290 -23.96 29.65 4.89
CA ILE E 290 -23.44 30.05 6.20
C ILE E 290 -22.44 28.98 6.61
N TRP E 291 -21.17 29.19 6.29
CA TRP E 291 -20.18 28.12 6.43
C TRP E 291 -18.77 28.69 6.44
N LYS E 292 -18.04 28.45 7.53
CA LYS E 292 -16.60 28.69 7.59
C LYS E 292 -15.87 27.38 7.39
N PRO E 293 -14.83 27.35 6.56
CA PRO E 293 -14.10 26.09 6.29
C PRO E 293 -13.58 25.46 7.56
N PRO E 294 -13.69 24.14 7.70
CA PRO E 294 -13.18 23.47 8.90
C PRO E 294 -11.68 23.65 9.05
N VAL E 295 -11.25 23.91 10.28
CA VAL E 295 -9.84 24.01 10.61
C VAL E 295 -9.42 22.73 11.33
N PHE E 296 -8.44 22.04 10.76
CA PHE E 296 -7.92 20.80 11.31
C PHE E 296 -6.49 21.00 11.79
N THR E 297 -6.19 20.50 12.97
CA THR E 297 -4.81 20.46 13.43
C THR E 297 -4.17 19.15 12.96
N ALA E 298 -2.87 19.02 13.19
CA ALA E 298 -2.14 17.85 12.72
C ALA E 298 -2.68 16.58 13.36
N SER E 299 -3.07 16.65 14.63
CA SER E 299 -3.59 15.46 15.30
C SER E 299 -5.00 15.13 14.85
N GLN E 300 -5.79 16.12 14.46
CA GLN E 300 -7.12 15.87 13.95
C GLN E 300 -7.09 15.26 12.54
N LEU E 301 -6.00 15.44 11.82
CA LEU E 301 -5.84 14.87 10.48
C LEU E 301 -5.23 13.47 10.56
N ARG E 302 -5.81 12.64 11.41
CA ARG E 302 -5.40 11.25 11.56
C ARG E 302 -6.65 10.39 11.71
N PHE E 303 -6.45 9.08 11.71
CA PHE E 303 -7.53 8.18 12.06
C PHE E 303 -7.68 8.15 13.57
N ALA E 304 -8.92 7.98 14.03
CA ALA E 304 -9.19 8.02 15.46
C ALA E 304 -8.51 6.87 16.18
N TRP E 305 -8.16 7.11 17.45
CA TRP E 305 -7.47 6.11 18.25
C TRP E 305 -8.08 5.98 19.64
N ARG F 9 -35.44 7.85 -44.65
CA ARG F 9 -34.79 6.65 -45.19
C ARG F 9 -35.47 5.41 -44.64
N LYS F 10 -36.79 5.50 -44.50
CA LYS F 10 -37.63 4.50 -43.84
C LYS F 10 -37.70 3.21 -44.66
N ILE F 11 -38.20 2.16 -44.00
CA ILE F 11 -38.60 0.85 -44.52
C ILE F 11 -37.50 0.21 -45.36
N SER F 12 -36.42 -0.18 -44.70
CA SER F 12 -35.38 -0.96 -45.31
C SER F 12 -35.71 -2.45 -45.20
N VAL F 13 -35.56 -3.17 -46.32
CA VAL F 13 -35.52 -4.63 -46.31
C VAL F 13 -34.75 -5.11 -45.11
N LYS F 14 -33.55 -4.54 -44.99
CA LYS F 14 -32.52 -4.95 -44.06
C LYS F 14 -32.99 -5.02 -42.63
N GLN F 15 -32.77 -6.18 -42.00
CA GLN F 15 -33.13 -6.36 -40.60
C GLN F 15 -32.51 -5.31 -39.69
N HIS F 16 -33.38 -4.60 -38.98
CA HIS F 16 -32.96 -3.83 -37.83
C HIS F 16 -33.87 -4.20 -36.67
N LEU F 17 -33.30 -4.49 -35.51
CA LEU F 17 -34.12 -4.82 -34.36
C LEU F 17 -34.46 -3.56 -33.59
N LYS F 18 -35.69 -3.48 -33.10
CA LYS F 18 -36.10 -2.35 -32.29
C LYS F 18 -36.02 -2.75 -30.83
N ILE F 19 -35.59 -1.81 -29.98
CA ILE F 19 -35.36 -2.11 -28.57
C ILE F 19 -36.18 -1.20 -27.67
N TYR F 20 -36.91 -1.82 -26.76
CA TYR F 20 -37.50 -1.09 -25.65
C TYR F 20 -36.49 -1.03 -24.50
N LEU F 21 -36.70 -0.08 -23.59
CA LEU F 21 -35.67 0.32 -22.64
C LEU F 21 -35.99 0.03 -21.18
N PRO F 22 -36.02 -1.24 -20.73
CA PRO F 22 -35.96 -1.50 -19.28
C PRO F 22 -34.64 -1.07 -18.71
N ASN F 23 -33.63 -0.91 -19.55
CA ASN F 23 -32.40 -0.22 -19.21
C ASN F 23 -32.26 0.95 -20.17
N ASP F 24 -32.40 2.16 -19.65
CA ASP F 24 -32.38 3.31 -20.53
C ASP F 24 -30.95 3.59 -20.98
N LEU F 25 -30.84 4.32 -22.08
CA LEU F 25 -29.56 4.86 -22.52
C LEU F 25 -29.83 6.21 -23.15
N LYS F 26 -28.90 7.15 -22.97
CA LYS F 26 -29.10 8.52 -23.42
C LYS F 26 -27.92 9.00 -24.26
N HIS F 27 -28.22 9.48 -25.46
CA HIS F 27 -27.33 10.29 -26.29
C HIS F 27 -28.14 10.94 -27.41
N LEU F 28 -27.82 12.20 -27.67
CA LEU F 28 -28.50 13.01 -28.67
C LEU F 28 -27.85 14.39 -28.67
N LYS F 69 -18.52 10.46 -27.30
CA LYS F 69 -19.63 10.08 -28.18
C LYS F 69 -20.08 8.65 -27.87
N ASP F 70 -19.42 8.05 -26.89
CA ASP F 70 -19.70 6.66 -26.52
C ASP F 70 -21.02 6.63 -25.76
N TYR F 71 -21.71 5.49 -25.79
CA TYR F 71 -23.05 5.43 -25.21
C TYR F 71 -23.06 5.25 -23.69
N ILE F 72 -24.12 5.75 -23.07
CA ILE F 72 -24.25 5.85 -21.62
C ILE F 72 -25.52 5.15 -21.14
N PRO F 73 -25.41 4.16 -20.24
CA PRO F 73 -26.61 3.55 -19.65
C PRO F 73 -27.24 4.46 -18.61
N THR F 74 -28.56 4.31 -18.42
CA THR F 74 -29.35 5.15 -17.51
C THR F 74 -30.26 4.27 -16.65
N PRO F 75 -30.32 4.52 -15.34
CA PRO F 75 -31.26 3.77 -14.48
C PRO F 75 -32.70 3.94 -14.92
N ASP F 76 -33.48 2.87 -14.82
CA ASP F 76 -34.90 2.98 -15.11
C ASP F 76 -35.63 3.64 -13.94
N ALA F 77 -36.82 4.17 -14.24
CA ALA F 77 -37.64 4.84 -13.23
C ALA F 77 -37.89 3.92 -12.03
N SER F 78 -37.83 4.51 -10.83
CA SER F 78 -37.95 3.76 -9.59
C SER F 78 -39.41 3.76 -9.13
N MET F 79 -39.94 2.57 -8.86
CA MET F 79 -41.29 2.43 -8.34
C MET F 79 -41.38 2.94 -6.90
N THR F 80 -42.60 3.28 -6.50
CA THR F 80 -42.85 3.72 -5.13
C THR F 80 -43.23 2.53 -4.25
N TRP F 81 -43.08 2.73 -2.94
CA TRP F 81 -43.34 1.68 -1.95
C TRP F 81 -44.67 1.93 -1.25
N ASN F 82 -45.52 0.91 -1.23
CA ASN F 82 -46.88 1.08 -0.74
C ASN F 82 -46.92 1.42 0.74
N GLU F 83 -46.14 0.71 1.56
CA GLU F 83 -46.20 0.85 3.01
C GLU F 83 -45.46 2.08 3.54
N TYR F 84 -44.98 2.95 2.64
CA TYR F 84 -44.17 4.10 3.07
C TYR F 84 -44.86 4.90 4.16
N ASP F 85 -46.14 5.22 3.97
CA ASP F 85 -46.86 6.05 4.93
C ASP F 85 -47.04 5.35 6.27
N LYS F 86 -46.92 4.02 6.30
CA LYS F 86 -47.03 3.29 7.56
C LYS F 86 -45.73 3.31 8.34
N PHE F 87 -44.60 3.33 7.65
CA PHE F 87 -43.29 3.32 8.28
C PHE F 87 -42.79 4.72 8.59
N TYR F 88 -43.11 5.70 7.75
CA TYR F 88 -42.61 7.06 7.90
C TYR F 88 -43.75 7.96 8.35
N THR F 89 -43.96 8.00 9.66
CA THR F 89 -45.02 8.76 10.31
C THR F 89 -44.39 9.74 11.27
N GLY F 90 -44.76 11.00 11.16
CA GLY F 90 -44.28 12.00 12.09
C GLY F 90 -44.14 13.35 11.40
N SER F 91 -43.50 14.27 12.12
CA SER F 91 -43.33 15.64 11.66
C SER F 91 -41.99 16.17 12.15
N PHE F 92 -41.30 16.89 11.27
CA PHE F 92 -40.08 17.61 11.62
C PHE F 92 -40.34 19.09 11.43
N GLN F 93 -40.37 19.83 12.53
CA GLN F 93 -40.60 21.26 12.47
C GLN F 93 -39.31 21.97 12.05
N GLU F 94 -39.38 22.72 10.96
CA GLU F 94 -38.24 23.51 10.53
C GLU F 94 -38.00 24.67 11.51
N THR F 95 -36.75 24.85 11.91
CA THR F 95 -36.41 25.93 12.83
C THR F 95 -35.94 27.16 12.07
N THR F 96 -36.00 28.30 12.75
CA THR F 96 -35.60 29.57 12.15
C THR F 96 -34.12 29.56 11.77
N SER F 97 -33.27 29.10 12.68
CA SER F 97 -31.84 29.03 12.44
C SER F 97 -31.46 27.70 11.80
N TYR F 98 -30.28 27.67 11.18
CA TYR F 98 -29.77 26.44 10.60
C TYR F 98 -29.51 25.42 11.70
N ILE F 99 -29.75 24.14 11.37
CA ILE F 99 -29.62 23.06 12.35
C ILE F 99 -28.21 23.00 12.92
N LYS F 100 -28.12 22.87 14.25
CA LYS F 100 -26.89 22.53 14.94
C LYS F 100 -27.08 21.16 15.55
N PHE F 101 -26.23 20.21 15.16
CA PHE F 101 -26.42 18.82 15.54
C PHE F 101 -25.07 18.10 15.54
N SER F 102 -24.87 17.24 16.54
CA SER F 102 -23.64 16.44 16.57
C SER F 102 -23.84 15.07 17.20
N ALA F 103 -25.07 14.68 17.54
CA ALA F 103 -25.31 13.34 18.04
C ALA F 103 -25.10 12.33 16.91
N THR F 104 -24.81 11.09 17.31
CA THR F 104 -24.59 10.03 16.35
C THR F 104 -25.88 9.25 16.12
N VAL F 105 -25.86 8.40 15.08
CA VAL F 105 -27.02 7.56 14.78
C VAL F 105 -27.39 6.72 15.99
N GLU F 106 -26.39 6.23 16.73
CA GLU F 106 -26.64 5.43 17.91
C GLU F 106 -27.47 6.19 18.95
N ASP F 107 -27.19 7.49 19.10
CA ASP F 107 -27.92 8.30 20.07
C ASP F 107 -29.39 8.44 19.72
N CYS F 108 -29.74 8.30 18.45
CA CYS F 108 -31.09 8.58 17.98
C CYS F 108 -31.91 7.32 17.70
N CYS F 109 -31.43 6.15 18.14
CA CYS F 109 -32.11 4.90 17.86
C CYS F 109 -32.78 4.27 19.07
N GLY F 110 -32.42 4.66 20.29
CA GLY F 110 -33.04 4.06 21.45
C GLY F 110 -32.53 2.67 21.74
N THR F 111 -33.44 1.69 21.77
CA THR F 111 -33.10 0.34 22.16
C THR F 111 -32.29 -0.35 21.06
N ASN F 112 -31.22 -1.02 21.47
CA ASN F 112 -30.31 -1.66 20.52
C ASN F 112 -31.00 -2.75 19.71
N TYR F 113 -31.77 -3.59 20.39
CA TYR F 113 -32.36 -4.77 19.76
C TYR F 113 -33.55 -4.39 18.88
N ASN F 114 -33.71 -5.12 17.77
CA ASN F 114 -34.84 -4.95 16.88
C ASN F 114 -35.44 -6.32 16.59
N MET F 115 -36.72 -6.49 16.93
CA MET F 115 -37.42 -7.77 16.73
C MET F 115 -37.54 -8.09 15.25
N ASP F 116 -37.21 -9.32 14.87
CA ASP F 116 -37.48 -9.81 13.52
C ASP F 116 -38.75 -10.66 13.53
N GLU F 117 -39.07 -11.24 12.38
CA GLU F 117 -40.30 -12.02 12.23
C GLU F 117 -40.36 -13.18 13.21
N ARG F 118 -39.23 -13.89 13.39
CA ARG F 118 -39.22 -15.05 14.28
C ARG F 118 -39.48 -14.64 15.73
N ASP F 119 -38.93 -13.50 16.15
CA ASP F 119 -39.21 -12.99 17.49
C ASP F 119 -40.67 -12.59 17.62
N GLU F 120 -41.29 -12.14 16.53
CA GLU F 120 -42.66 -11.65 16.56
C GLU F 120 -43.65 -12.77 16.87
N THR F 121 -43.53 -13.91 16.19
CA THR F 121 -44.43 -15.03 16.45
C THR F 121 -44.24 -15.57 17.86
N PHE F 122 -42.99 -15.58 18.35
CA PHE F 122 -42.75 -16.05 19.71
C PHE F 122 -43.37 -15.14 20.75
N LEU F 123 -43.38 -13.83 20.49
CA LEU F 123 -44.01 -12.92 21.44
C LEU F 123 -45.52 -13.13 21.49
N ASN F 124 -46.16 -13.19 20.31
CA ASN F 124 -47.61 -13.29 20.25
C ASN F 124 -48.09 -14.69 20.61
N GLU F 125 -47.49 -15.73 20.01
CA GLU F 125 -48.00 -17.09 20.11
C GLU F 125 -47.39 -17.89 21.25
N GLN F 126 -46.66 -17.27 22.16
CA GLN F 126 -46.07 -18.00 23.27
C GLN F 126 -46.19 -17.21 24.57
N VAL F 127 -45.57 -16.02 24.60
CA VAL F 127 -45.55 -15.23 25.83
C VAL F 127 -46.87 -14.49 26.02
N ASN F 128 -47.48 -14.02 24.95
CA ASN F 128 -48.67 -13.17 25.01
C ASN F 128 -49.92 -13.85 24.44
N LYS F 129 -49.93 -15.18 24.34
CA LYS F 129 -51.06 -15.87 23.72
C LYS F 129 -52.34 -15.64 24.52
N GLY F 130 -52.30 -15.96 25.81
CA GLY F 130 -53.46 -15.79 26.67
C GLY F 130 -53.04 -15.29 28.04
N SER F 131 -51.83 -14.75 28.13
CA SER F 131 -51.28 -14.32 29.40
C SER F 131 -52.11 -13.19 30.01
N SER F 132 -52.21 -13.20 31.34
CA SER F 132 -52.85 -12.10 32.05
C SER F 132 -52.06 -10.80 31.86
N ASP F 133 -50.73 -10.88 31.87
CA ASP F 133 -49.86 -9.73 31.78
C ASP F 133 -49.21 -9.69 30.41
N ILE F 134 -49.34 -8.56 29.72
CA ILE F 134 -48.83 -8.40 28.36
C ILE F 134 -47.40 -7.87 28.39
N LEU F 135 -46.58 -8.37 27.48
CA LEU F 135 -45.20 -7.90 27.28
C LEU F 135 -45.14 -7.13 25.97
N THR F 136 -45.01 -5.81 26.05
CA THR F 136 -44.99 -5.00 24.85
C THR F 136 -43.67 -5.19 24.09
N GLU F 137 -43.75 -5.00 22.77
CA GLU F 137 -42.58 -5.15 21.90
C GLU F 137 -41.39 -4.34 22.38
N ASP F 138 -41.63 -3.10 22.80
CA ASP F 138 -40.53 -2.29 23.34
C ASP F 138 -39.91 -2.93 24.58
N GLU F 139 -40.72 -3.57 25.42
CA GLU F 139 -40.19 -4.22 26.62
C GLU F 139 -39.42 -5.48 26.27
N PHE F 140 -39.91 -6.25 25.29
CA PHE F 140 -39.19 -7.43 24.83
C PHE F 140 -37.79 -7.09 24.37
N GLU F 141 -37.65 -5.98 23.63
CA GLU F 141 -36.34 -5.55 23.16
C GLU F 141 -35.45 -5.06 24.31
N ILE F 142 -36.05 -4.46 25.33
CA ILE F 142 -35.27 -3.99 26.48
C ILE F 142 -34.57 -5.17 27.16
N LEU F 143 -35.27 -6.30 27.28
CA LEU F 143 -34.70 -7.48 27.88
C LEU F 143 -33.55 -8.03 27.03
N CYS F 144 -33.82 -8.29 25.74
CA CYS F 144 -32.81 -8.87 24.86
C CYS F 144 -31.56 -8.00 24.79
N SER F 145 -31.74 -6.68 24.69
CA SER F 145 -30.59 -5.78 24.65
C SER F 145 -29.76 -5.90 25.93
N SER F 146 -30.42 -6.17 27.06
CA SER F 146 -29.69 -6.34 28.31
C SER F 146 -29.01 -7.70 28.36
N PHE F 147 -29.62 -8.72 27.76
CA PHE F 147 -28.98 -10.03 27.66
C PHE F 147 -27.73 -9.94 26.80
N GLU F 148 -27.86 -9.28 25.65
CA GLU F 148 -26.76 -9.16 24.69
C GLU F 148 -25.56 -8.43 25.33
N HIS F 149 -25.83 -7.35 26.06
CA HIS F 149 -24.75 -6.60 26.69
C HIS F 149 -24.08 -7.42 27.78
N ALA F 150 -24.86 -8.21 28.53
CA ALA F 150 -24.30 -8.99 29.63
C ALA F 150 -23.36 -10.08 29.12
N ILE F 151 -23.79 -10.84 28.12
CA ILE F 151 -22.94 -11.90 27.57
C ILE F 151 -21.71 -11.30 26.90
N HIS F 152 -21.87 -10.16 26.23
CA HIS F 152 -20.73 -9.49 25.61
C HIS F 152 -19.67 -9.12 26.63
N GLU F 153 -20.07 -8.89 27.88
CA GLU F 153 -19.13 -8.48 28.92
C GLU F 153 -18.57 -9.65 29.71
N ARG F 154 -19.42 -10.62 30.07
CA ARG F 154 -18.98 -11.74 30.89
C ARG F 154 -18.43 -12.90 30.06
N GLN F 155 -18.94 -13.10 28.86
CA GLN F 155 -18.51 -14.21 27.99
C GLN F 155 -18.12 -13.66 26.63
N PRO F 156 -17.06 -12.84 26.56
CA PRO F 156 -16.67 -12.26 25.28
C PRO F 156 -16.16 -13.29 24.28
N PHE F 157 -15.74 -14.45 24.77
CA PHE F 157 -15.22 -15.51 23.90
C PHE F 157 -16.19 -16.67 23.92
N LEU F 158 -17.48 -16.35 23.79
CA LEU F 158 -18.53 -17.36 23.77
C LEU F 158 -18.34 -18.33 22.61
N SER F 159 -17.94 -17.80 21.45
CA SER F 159 -17.78 -18.63 20.25
C SER F 159 -16.74 -19.74 20.45
N MET F 160 -15.89 -19.62 21.47
CA MET F 160 -14.96 -20.70 21.78
C MET F 160 -15.70 -21.93 22.28
N ASP F 161 -16.77 -21.72 23.05
CA ASP F 161 -17.54 -22.82 23.63
C ASP F 161 -18.98 -22.37 23.77
N PRO F 162 -19.74 -22.39 22.67
CA PRO F 162 -21.09 -21.81 22.69
C PRO F 162 -22.04 -22.52 23.63
N GLU F 163 -21.88 -23.83 23.80
CA GLU F 163 -22.76 -24.60 24.67
C GLU F 163 -22.63 -24.16 26.12
N SER F 164 -21.50 -23.54 26.49
CA SER F 164 -21.23 -23.14 27.87
C SER F 164 -21.71 -21.73 28.17
N ILE F 165 -22.73 -21.26 27.44
CA ILE F 165 -23.30 -19.95 27.73
C ILE F 165 -23.97 -19.98 29.10
N LEU F 166 -23.88 -18.86 29.81
CA LEU F 166 -24.41 -18.78 31.17
C LEU F 166 -25.90 -19.13 31.23
N SER F 167 -26.28 -19.71 32.37
CA SER F 167 -27.69 -19.95 32.67
C SER F 167 -28.35 -18.65 33.09
N PHE F 168 -29.68 -18.63 33.12
CA PHE F 168 -30.39 -17.42 33.51
C PHE F 168 -30.07 -17.02 34.95
N GLU F 169 -30.11 -17.99 35.87
CA GLU F 169 -29.78 -17.69 37.27
C GLU F 169 -28.36 -17.15 37.39
N GLU F 170 -27.43 -17.69 36.59
CA GLU F 170 -26.06 -17.21 36.65
C GLU F 170 -25.94 -15.78 36.14
N LEU F 171 -26.86 -15.35 35.29
CA LEU F 171 -26.76 -14.04 34.67
C LEU F 171 -27.44 -12.92 35.46
N LYS F 172 -28.52 -13.23 36.18
CA LYS F 172 -29.30 -12.18 36.85
C LYS F 172 -28.47 -11.19 37.67
N PRO F 173 -27.47 -11.60 38.45
CA PRO F 173 -26.63 -10.59 39.13
C PRO F 173 -26.07 -9.54 38.19
N THR F 174 -25.59 -9.96 37.02
CA THR F 174 -24.99 -9.02 36.08
C THR F 174 -26.04 -8.12 35.45
N LEU F 175 -27.27 -8.62 35.29
CA LEU F 175 -28.35 -7.81 34.76
C LEU F 175 -28.69 -6.66 35.71
N ILE F 176 -28.54 -6.89 37.02
CA ILE F 176 -28.79 -5.84 38.00
C ILE F 176 -27.77 -4.71 37.86
N LYS F 177 -26.49 -5.07 37.73
CA LYS F 177 -25.44 -4.06 37.63
C LYS F 177 -25.55 -3.21 36.37
N SER F 178 -26.31 -3.66 35.37
CA SER F 178 -26.43 -2.96 34.10
C SER F 178 -26.84 -1.49 34.26
N ASP F 182 -27.64 5.14 28.85
CA ASP F 182 -27.23 5.99 29.96
C ASP F 182 -28.32 6.07 31.03
N PHE F 183 -28.73 4.91 31.55
CA PHE F 183 -29.78 4.88 32.56
C PHE F 183 -29.33 5.55 33.85
N ASN F 184 -28.11 5.28 34.30
CA ASN F 184 -27.62 5.92 35.52
C ASN F 184 -27.54 7.43 35.33
N LEU F 185 -27.04 7.86 34.18
CA LEU F 185 -26.91 9.29 33.91
C LEU F 185 -28.27 9.96 33.71
N ARG F 186 -29.17 9.31 32.96
CA ARG F 186 -30.50 9.86 32.74
C ARG F 186 -31.25 10.06 34.05
N ASN F 187 -31.21 9.07 34.92
CA ASN F 187 -31.89 9.20 36.22
C ASN F 187 -31.14 10.14 37.14
N GLN F 188 -29.81 10.14 37.08
CA GLN F 188 -29.03 11.04 37.94
C GLN F 188 -29.34 12.49 37.60
N LEU F 189 -29.48 12.80 36.30
CA LEU F 189 -29.88 14.14 35.89
C LEU F 189 -31.31 14.45 36.35
N ASN F 190 -32.20 13.44 36.27
CA ASN F 190 -33.57 13.63 36.74
C ASN F 190 -33.59 14.04 38.21
N HIS F 191 -32.61 13.57 38.98
CA HIS F 191 -32.50 13.97 40.38
C HIS F 191 -31.95 15.39 40.52
N GLU F 192 -30.93 15.73 39.75
CA GLU F 192 -30.32 17.06 39.86
C GLU F 192 -31.30 18.16 39.46
N ILE F 193 -32.13 17.89 38.44
CA ILE F 193 -33.15 18.85 38.04
C ILE F 193 -34.21 19.04 39.12
N ASN F 194 -34.34 18.08 40.03
CA ASN F 194 -35.42 18.00 41.00
C ASN F 194 -36.75 17.74 40.34
N SER F 195 -36.73 17.20 39.12
CA SER F 195 -37.98 16.78 38.49
C SER F 195 -38.60 15.63 39.27
N HIS F 196 -37.90 14.50 39.34
CA HIS F 196 -38.37 13.33 40.09
C HIS F 196 -39.77 12.91 39.64
N LYS F 197 -40.02 13.03 38.34
CA LYS F 197 -41.28 12.59 37.72
C LYS F 197 -40.94 11.75 36.50
N THR F 198 -41.20 10.43 36.61
CA THR F 198 -41.13 9.44 35.53
C THR F 198 -39.78 9.57 34.82
N HIS F 199 -39.73 9.78 33.50
CA HIS F 199 -38.50 9.76 32.72
C HIS F 199 -37.92 11.16 32.47
N PHE F 200 -36.62 11.20 32.18
CA PHE F 200 -35.95 12.41 31.75
C PHE F 200 -35.98 12.46 30.22
N ILE F 201 -36.58 13.50 29.65
CA ILE F 201 -36.91 13.52 28.23
C ILE F 201 -35.94 14.45 27.52
N THR F 202 -35.34 13.97 26.43
CA THR F 202 -34.50 14.78 25.55
C THR F 202 -35.06 14.71 24.14
N GLN F 203 -34.36 15.36 23.21
CA GLN F 203 -34.77 15.31 21.81
C GLN F 203 -34.51 13.95 21.18
N PHE F 204 -33.65 13.12 21.78
CA PHE F 204 -33.24 11.85 21.21
C PHE F 204 -34.11 10.69 21.67
N ASP F 205 -35.31 10.97 22.18
CA ASP F 205 -36.17 9.96 22.77
C ASP F 205 -37.48 9.85 22.02
N PRO F 206 -37.84 8.66 21.53
CA PRO F 206 -39.17 8.49 20.94
C PRO F 206 -40.25 8.44 22.02
N VAL F 207 -41.46 8.85 21.64
CA VAL F 207 -42.58 8.85 22.57
C VAL F 207 -43.04 7.45 22.92
N SER F 208 -42.55 6.45 22.20
CA SER F 208 -42.90 5.05 22.44
C SER F 208 -42.24 4.51 23.70
N GLN F 209 -41.27 5.23 24.27
CA GLN F 209 -40.63 4.78 25.49
C GLN F 209 -41.54 4.97 26.70
N MET F 210 -42.68 5.64 26.51
CA MET F 210 -43.64 5.83 27.58
C MET F 210 -44.43 4.54 27.80
N ASN F 211 -44.87 4.33 29.04
CA ASN F 211 -45.69 3.18 29.41
C ASN F 211 -44.98 1.85 29.15
N THR F 212 -43.66 1.82 29.33
CA THR F 212 -42.89 0.58 29.33
C THR F 212 -42.27 0.40 30.70
N ARG F 213 -42.37 -0.82 31.25
CA ARG F 213 -41.88 -1.05 32.59
C ARG F 213 -40.36 -0.98 32.66
N PRO F 214 -39.81 -0.59 33.82
CA PRO F 214 -38.36 -0.59 33.99
C PRO F 214 -37.76 -1.98 33.90
N LEU F 215 -36.46 -2.03 33.64
CA LEU F 215 -35.77 -3.30 33.41
C LEU F 215 -35.82 -4.18 34.66
N ILE F 216 -35.53 -3.59 35.82
CA ILE F 216 -35.40 -4.37 37.05
C ILE F 216 -36.69 -5.12 37.37
N GLN F 217 -37.83 -4.60 36.90
CA GLN F 217 -39.10 -5.29 37.06
C GLN F 217 -39.38 -6.25 35.92
N LEU F 218 -38.82 -5.96 34.74
CA LEU F 218 -38.98 -6.86 33.60
C LEU F 218 -38.19 -8.14 33.78
N ILE F 219 -37.07 -8.07 34.52
CA ILE F 219 -36.27 -9.26 34.78
C ILE F 219 -37.06 -10.27 35.61
N GLU F 220 -37.67 -9.81 36.69
CA GLU F 220 -38.38 -10.71 37.58
C GLU F 220 -39.63 -11.29 36.92
N LYS F 221 -40.35 -10.47 36.16
CA LYS F 221 -41.64 -10.87 35.61
C LYS F 221 -41.49 -11.79 34.41
N PHE F 222 -40.55 -11.48 33.50
CA PHE F 222 -40.43 -12.20 32.24
C PHE F 222 -39.04 -12.72 31.94
N GLY F 223 -38.03 -12.41 32.77
CA GLY F 223 -36.65 -12.67 32.40
C GLY F 223 -36.37 -14.13 32.05
N SER F 224 -36.78 -15.06 32.92
CA SER F 224 -36.45 -16.47 32.68
C SER F 224 -37.13 -17.00 31.43
N LYS F 225 -38.32 -16.50 31.11
CA LYS F 225 -39.06 -17.01 29.97
C LYS F 225 -38.44 -16.52 28.67
N ILE F 226 -38.02 -15.26 28.63
CA ILE F 226 -37.42 -14.68 27.43
C ILE F 226 -36.00 -15.17 27.22
N TYR F 227 -35.20 -15.18 28.29
CA TYR F 227 -33.79 -15.56 28.17
C TYR F 227 -33.63 -16.95 27.58
N ASP F 228 -34.52 -17.88 27.96
CA ASP F 228 -34.45 -19.23 27.38
C ASP F 228 -34.64 -19.21 25.88
N TYR F 229 -35.43 -18.26 25.38
CA TYR F 229 -35.64 -18.15 23.93
C TYR F 229 -34.43 -17.48 23.28
N TRP F 230 -33.95 -16.39 23.87
CA TRP F 230 -32.78 -15.71 23.35
C TRP F 230 -31.55 -16.62 23.42
N ARG F 231 -31.40 -17.36 24.51
CA ARG F 231 -30.27 -18.27 24.66
C ARG F 231 -30.24 -19.31 23.55
N GLU F 232 -31.40 -19.86 23.18
CA GLU F 232 -31.45 -20.83 22.09
C GLU F 232 -31.06 -20.19 20.77
N ARG F 233 -31.36 -18.91 20.61
CA ARG F 233 -30.95 -18.18 19.41
C ARG F 233 -29.43 -18.08 19.33
N LYS F 234 -28.80 -17.69 20.44
CA LYS F 234 -27.34 -17.58 20.47
C LYS F 234 -26.66 -18.92 20.19
N ILE F 235 -27.26 -20.03 20.63
CA ILE F 235 -26.65 -21.33 20.39
C ILE F 235 -26.66 -21.65 18.89
N GLU F 236 -27.73 -21.29 18.19
CA GLU F 236 -27.82 -21.60 16.76
C GLU F 236 -26.71 -20.90 15.99
N VAL F 237 -26.36 -19.69 16.39
CA VAL F 237 -25.34 -18.92 15.68
C VAL F 237 -23.99 -19.15 16.36
N ASN F 238 -23.92 -20.19 17.20
CA ASN F 238 -22.66 -20.65 17.79
C ASN F 238 -21.95 -19.55 18.58
N GLY F 239 -22.73 -18.73 19.27
CA GLY F 239 -22.15 -17.70 20.11
C GLY F 239 -21.80 -16.43 19.36
N TYR F 240 -21.92 -16.43 18.04
CA TYR F 240 -21.63 -15.25 17.24
C TYR F 240 -22.82 -14.32 17.29
N GLU F 241 -22.86 -13.32 16.41
CA GLU F 241 -23.93 -12.33 16.44
C GLU F 241 -25.18 -12.89 15.79
N ILE F 242 -26.32 -12.71 16.46
CA ILE F 242 -27.58 -13.24 15.93
C ILE F 242 -27.93 -12.61 14.60
N PHE F 243 -27.65 -11.32 14.45
CA PHE F 243 -28.06 -10.62 13.24
C PHE F 243 -26.87 -10.16 12.40
N PRO F 244 -27.06 -10.03 11.09
CA PRO F 244 -25.96 -9.69 10.17
C PRO F 244 -25.14 -8.48 10.60
N GLN F 245 -23.81 -8.65 10.57
CA GLN F 245 -22.84 -7.61 10.91
C GLN F 245 -21.96 -7.31 9.71
N LEU F 246 -21.32 -6.14 9.72
CA LEU F 246 -20.32 -5.84 8.71
C LEU F 246 -19.06 -6.63 9.01
N LYS F 247 -18.27 -6.88 7.97
CA LYS F 247 -17.05 -7.66 8.05
C LYS F 247 -15.86 -6.72 8.17
N PHE F 248 -15.16 -6.81 9.30
CA PHE F 248 -14.05 -5.92 9.60
C PHE F 248 -12.75 -6.70 9.69
N GLU F 249 -11.66 -6.00 9.40
CA GLU F 249 -10.32 -6.53 9.51
C GLU F 249 -9.84 -6.43 10.96
N ARG F 250 -9.32 -7.52 11.49
CA ARG F 250 -8.87 -7.54 12.89
C ARG F 250 -7.63 -6.69 13.07
N PRO F 251 -7.51 -6.01 14.22
CA PRO F 251 -6.35 -5.13 14.47
C PRO F 251 -5.03 -5.89 14.42
N GLY F 252 -4.07 -5.32 13.69
CA GLY F 252 -2.77 -5.93 13.52
C GLY F 252 -2.71 -6.88 12.34
N GLU F 253 -3.85 -7.34 11.86
CA GLU F 253 -3.96 -8.18 10.68
C GLU F 253 -4.18 -7.30 9.46
N LYS F 254 -3.83 -7.86 8.30
CA LYS F 254 -4.05 -7.19 7.02
C LYS F 254 -4.72 -8.20 6.11
N GLU F 255 -5.94 -7.91 5.69
CA GLU F 255 -6.67 -8.78 4.78
C GLU F 255 -6.84 -8.08 3.45
N GLU F 256 -6.67 -8.83 2.36
CA GLU F 256 -6.68 -8.24 1.02
C GLU F 256 -7.58 -8.97 0.03
N ILE F 257 -7.86 -10.26 0.23
CA ILE F 257 -8.62 -11.03 -0.73
C ILE F 257 -10.12 -10.90 -0.50
N ASP F 258 -10.55 -11.06 0.76
CA ASP F 258 -11.97 -11.05 1.14
C ASP F 258 -12.64 -9.75 0.70
N PRO F 259 -13.62 -9.85 -0.21
CA PRO F 259 -14.25 -8.63 -0.73
C PRO F 259 -15.20 -7.97 0.25
N TYR F 260 -15.63 -8.68 1.29
CA TYR F 260 -16.60 -8.16 2.23
C TYR F 260 -15.95 -7.38 3.37
N VAL F 261 -14.63 -7.29 3.39
CA VAL F 261 -13.92 -6.51 4.41
C VAL F 261 -13.99 -5.03 4.06
N CYS F 262 -14.49 -4.23 5.00
CA CYS F 262 -14.69 -2.80 4.79
C CYS F 262 -13.92 -1.99 5.82
N PHE F 263 -13.78 -0.70 5.51
CA PHE F 263 -13.37 0.34 6.46
C PHE F 263 -12.21 -0.10 7.35
N ARG F 264 -11.13 -0.49 6.68
CA ARG F 264 -9.90 -0.82 7.39
C ARG F 264 -9.35 0.41 8.09
N ARG F 265 -8.72 0.20 9.25
CA ARG F 265 -8.08 1.27 10.00
C ARG F 265 -6.65 0.85 10.32
N ARG F 266 -5.70 1.35 9.53
CA ARG F 266 -4.31 0.90 9.61
C ARG F 266 -3.41 1.87 10.35
N GLU F 267 -3.89 3.06 10.68
CA GLU F 267 -3.12 4.00 11.49
C GLU F 267 -2.88 3.39 12.87
N VAL F 268 -1.75 3.75 13.47
CA VAL F 268 -1.41 3.27 14.81
C VAL F 268 -0.55 4.32 15.49
N ARG F 269 -0.84 4.59 16.76
CA ARG F 269 -0.15 5.59 17.54
C ARG F 269 0.78 4.89 18.51
N HIS F 270 2.03 5.33 18.56
CA HIS F 270 2.93 4.66 19.47
C HIS F 270 3.33 5.59 20.60
N PRO F 271 3.48 5.10 21.82
CA PRO F 271 3.87 5.97 22.93
C PRO F 271 5.26 6.55 22.72
N ARG F 272 5.43 7.79 23.18
CA ARG F 272 6.75 8.39 23.16
C ARG F 272 7.68 7.67 24.16
N LYS F 273 8.95 7.56 23.79
CA LYS F 273 9.92 6.79 24.55
C LYS F 273 10.41 7.56 25.78
N THR F 274 9.46 7.90 26.65
CA THR F 274 9.77 8.64 27.86
C THR F 274 8.73 8.32 28.92
N ARG F 275 9.15 8.41 30.18
CA ARG F 275 8.29 8.17 31.32
C ARG F 275 7.83 9.47 31.99
N ARG F 276 8.38 10.60 31.57
CA ARG F 276 8.07 11.89 32.17
C ARG F 276 6.57 12.20 32.12
N ILE F 277 6.14 13.09 33.02
CA ILE F 277 4.75 13.50 33.08
C ILE F 277 4.51 14.58 32.04
N ASP F 278 3.45 14.43 31.25
CA ASP F 278 3.07 15.45 30.28
C ASP F 278 2.43 16.61 31.05
N ILE F 279 3.30 17.45 31.62
CA ILE F 279 2.82 18.57 32.44
C ILE F 279 1.97 19.52 31.61
N LEU F 280 2.42 19.84 30.39
CA LEU F 280 1.73 20.82 29.56
C LEU F 280 0.32 20.35 29.20
N ASN F 281 0.22 19.17 28.59
CA ASN F 281 -1.08 18.68 28.14
C ASN F 281 -1.97 18.20 29.28
N SER F 282 -1.49 18.21 30.52
CA SER F 282 -2.34 17.89 31.66
C SER F 282 -2.88 19.13 32.35
N GLN F 283 -2.15 20.25 32.30
CA GLN F 283 -2.70 21.52 32.76
C GLN F 283 -3.87 21.96 31.89
N ARG F 284 -3.72 21.84 30.57
CA ARG F 284 -4.77 22.26 29.65
C ARG F 284 -5.93 21.27 29.68
N LEU F 285 -5.68 20.00 30.00
CA LEU F 285 -6.77 19.06 30.20
C LEU F 285 -7.57 19.40 31.45
N ARG F 286 -6.88 19.78 32.52
CA ARG F 286 -7.56 20.21 33.73
C ARG F 286 -8.34 21.50 33.49
N ALA F 287 -7.79 22.39 32.68
CA ALA F 287 -8.47 23.64 32.36
C ALA F 287 -9.75 23.36 31.58
N LEU F 288 -9.68 22.47 30.57
CA LEU F 288 -10.87 22.13 29.79
C LEU F 288 -11.92 21.45 30.67
N HIS F 289 -11.47 20.61 31.61
CA HIS F 289 -12.41 19.95 32.51
C HIS F 289 -13.15 20.97 33.37
N GLN F 290 -12.49 22.06 33.74
CA GLN F 290 -13.15 23.06 34.58
C GLN F 290 -14.24 23.80 33.80
N GLU F 291 -13.92 24.25 32.59
CA GLU F 291 -14.89 25.00 31.79
C GLU F 291 -16.08 24.11 31.38
N LEU F 292 -15.87 22.80 31.25
CA LEU F 292 -16.97 21.88 30.96
C LEU F 292 -17.85 21.67 32.18
N LYS F 293 -17.34 21.98 33.38
CA LYS F 293 -18.09 21.90 34.63
C LYS F 293 -18.93 23.15 34.86
N ASN F 294 -18.38 24.33 34.59
CA ASN F 294 -19.16 25.57 34.61
C ASN F 294 -20.24 25.50 33.55
N ALA F 295 -19.90 24.89 32.41
CA ALA F 295 -20.84 24.59 31.35
C ALA F 295 -22.03 23.80 31.89
N LYS F 296 -21.75 22.73 32.63
CA LYS F 296 -22.80 21.84 33.11
C LYS F 296 -23.64 22.50 34.20
N ASP F 297 -23.03 23.37 35.01
CA ASP F 297 -23.77 24.06 36.05
C ASP F 297 -24.86 24.94 35.46
N LEU F 298 -24.51 25.75 34.46
CA LEU F 298 -25.48 26.66 33.85
C LEU F 298 -26.54 25.90 33.07
N ALA F 299 -26.14 24.88 32.31
CA ALA F 299 -27.12 24.07 31.59
C ALA F 299 -28.09 23.41 32.55
N LEU F 300 -27.61 23.05 33.75
CA LEU F 300 -28.48 22.47 34.77
C LEU F 300 -29.47 23.51 35.29
N LEU F 301 -28.98 24.71 35.62
CA LEU F 301 -29.86 25.77 36.11
C LEU F 301 -31.00 26.04 35.14
N VAL F 302 -30.67 26.21 33.85
CA VAL F 302 -31.71 26.42 32.84
C VAL F 302 -32.67 25.25 32.80
N ALA F 303 -32.15 24.02 32.97
CA ALA F 303 -33.02 22.85 32.96
C ALA F 303 -33.87 22.79 34.22
N LYS F 304 -33.39 23.38 35.33
CA LYS F 304 -34.21 23.51 36.51
C LYS F 304 -35.30 24.55 36.30
N ARG F 305 -34.92 25.69 35.71
CA ARG F 305 -35.85 26.80 35.50
C ARG F 305 -37.04 26.38 34.65
N GLU F 306 -36.79 25.72 33.52
CA GLU F 306 -37.89 25.31 32.66
C GLU F 306 -38.73 24.23 33.34
N ASN F 307 -38.13 23.46 34.25
CA ASN F 307 -38.88 22.46 35.00
C ASN F 307 -39.78 23.14 36.02
N VAL F 308 -39.28 24.19 36.68
CA VAL F 308 -40.09 24.93 37.63
C VAL F 308 -41.21 25.68 36.91
N SER F 309 -40.91 26.29 35.76
CA SER F 309 -41.95 26.91 34.96
C SER F 309 -43.00 25.91 34.52
N LEU F 310 -42.60 24.63 34.37
CA LEU F 310 -43.54 23.60 33.98
C LEU F 310 -44.45 23.21 35.15
N ASN F 311 -43.91 23.19 36.37
CA ASN F 311 -44.76 22.94 37.52
C ASN F 311 -45.72 24.09 37.76
N TRP F 312 -45.24 25.32 37.60
CA TRP F 312 -46.07 26.50 37.83
C TRP F 312 -47.32 26.46 36.96
N ILE F 313 -47.15 26.23 35.65
CA ILE F 313 -48.30 26.20 34.77
C ILE F 313 -49.16 24.96 35.01
N ASN F 314 -48.53 23.84 35.37
CA ASN F 314 -49.32 22.66 35.75
C ASN F 314 -50.14 22.95 36.99
N ASP F 315 -49.68 23.87 37.84
CA ASP F 315 -50.50 24.33 38.96
C ASP F 315 -51.64 25.18 38.44
N GLU F 316 -51.34 26.21 37.63
CA GLU F 316 -52.37 27.09 37.08
C GLU F 316 -53.40 26.30 36.28
N LEU F 317 -52.96 25.33 35.47
CA LEU F 317 -53.90 24.51 34.71
C LEU F 317 -54.76 23.68 35.65
N LYS F 318 -54.23 23.36 36.83
CA LYS F 318 -54.96 22.62 37.85
C LYS F 318 -55.77 23.56 38.73
N ILE F 319 -55.18 24.69 39.13
CA ILE F 319 -55.89 25.69 39.92
C ILE F 319 -57.15 26.18 39.19
N PHE F 320 -57.02 26.47 37.89
CA PHE F 320 -58.19 26.90 37.12
C PHE F 320 -59.28 25.83 37.14
N ASP F 321 -58.92 24.59 36.81
CA ASP F 321 -59.91 23.52 36.76
C ASP F 321 -60.54 23.24 38.12
N GLN F 322 -59.86 23.63 39.21
CA GLN F 322 -60.45 23.50 40.54
C GLN F 322 -61.37 24.67 40.85
N ARG F 323 -60.98 25.88 40.43
CA ARG F 323 -61.81 27.05 40.68
C ARG F 323 -63.13 26.98 39.93
N VAL F 324 -63.17 26.30 38.78
CA VAL F 324 -64.42 26.11 38.07
C VAL F 324 -65.30 25.09 38.78
N LYS F 325 -64.68 24.08 39.40
CA LYS F 325 -65.45 23.09 40.13
C LYS F 325 -66.01 23.66 41.42
N ILE F 326 -65.20 24.45 42.12
CA ILE F 326 -65.67 25.09 43.36
C ILE F 326 -66.81 26.05 43.08
N LYS F 327 -66.71 26.86 42.02
CA LYS F 327 -67.77 27.80 41.70
C LYS F 327 -69.06 27.07 41.28
N ASN F 328 -68.95 26.01 40.47
CA ASN F 328 -70.15 25.25 40.09
C ASN F 328 -70.82 24.60 41.28
N LEU F 329 -70.07 24.30 42.34
CA LEU F 329 -70.67 23.71 43.54
C LEU F 329 -71.23 24.79 44.45
N LYS F 330 -70.57 25.94 44.49
CA LYS F 330 -71.03 27.05 45.33
C LYS F 330 -72.38 27.57 44.83
N ARG F 331 -72.57 27.60 43.51
CA ARG F 331 -73.83 28.06 42.94
C ARG F 331 -74.92 27.00 43.03
N SER F 332 -74.53 25.72 43.06
CA SER F 332 -75.51 24.65 43.22
C SER F 332 -75.97 24.54 44.67
N LEU F 333 -75.14 24.96 45.62
CA LEU F 333 -75.44 24.89 47.04
C LEU F 333 -75.85 26.25 47.61
N ASN F 334 -75.89 27.30 46.80
CA ASN F 334 -76.25 28.65 47.21
C ASN F 334 -75.38 29.17 48.35
N ILE F 335 -74.14 28.69 48.41
CA ILE F 335 -73.21 29.17 49.43
C ILE F 335 -72.58 30.45 48.91
N SER F 336 -72.50 31.47 49.76
CA SER F 336 -71.90 32.74 49.39
C SER F 336 -70.93 33.15 50.47
N GLY F 337 -69.65 33.21 50.12
CA GLY F 337 -68.63 33.49 51.12
C GLY F 337 -67.27 33.81 50.53
N GLU F 338 -66.22 33.35 51.20
CA GLU F 338 -64.86 33.68 50.81
C GLU F 338 -64.54 33.23 49.39
N ASP F 339 -64.42 34.21 48.50
CA ASP F 339 -63.98 34.00 47.12
C ASP F 339 -62.49 34.22 46.98
N ASP F 340 -61.77 34.25 48.11
CA ASP F 340 -60.36 34.64 48.13
C ASP F 340 -59.51 33.68 47.31
N ASP F 341 -59.78 32.38 47.40
CA ASP F 341 -58.99 31.43 46.64
C ASP F 341 -59.48 31.30 45.21
N LEU F 342 -60.52 32.07 44.85
CA LEU F 342 -61.04 32.17 43.51
C LEU F 342 -60.45 33.34 42.76
N ILE F 343 -59.64 34.17 43.43
CA ILE F 343 -59.02 35.35 42.86
C ILE F 343 -57.53 35.34 43.16
N ASN F 344 -56.73 35.81 42.20
CA ASN F 344 -55.30 35.95 42.41
C ASN F 344 -55.00 37.28 43.09
N HIS F 345 -54.09 37.24 44.07
CA HIS F 345 -53.65 38.43 44.78
C HIS F 345 -52.23 38.80 44.38
N LYS F 346 -51.79 39.95 44.89
CA LYS F 346 -50.41 40.40 44.68
C LYS F 346 -49.74 40.73 46.01
N LYS G 10 -12.96 41.60 -39.23
CA LYS G 10 -13.41 42.53 -38.21
C LYS G 10 -14.89 42.29 -37.86
N ILE G 11 -15.14 41.33 -36.98
CA ILE G 11 -16.49 40.86 -36.66
C ILE G 11 -16.87 41.33 -35.27
N SER G 12 -18.02 41.98 -35.15
CA SER G 12 -18.59 42.36 -33.87
C SER G 12 -20.04 41.92 -33.75
N VAL G 13 -20.55 41.24 -34.78
CA VAL G 13 -21.80 40.54 -34.63
C VAL G 13 -21.76 39.67 -33.38
N LYS G 14 -20.85 38.72 -33.37
CA LYS G 14 -20.48 37.97 -32.19
C LYS G 14 -19.18 38.55 -31.66
N GLN G 15 -19.27 39.20 -30.52
CA GLN G 15 -18.09 39.70 -29.86
C GLN G 15 -17.09 38.58 -29.68
N HIS G 16 -15.83 38.92 -29.87
CA HIS G 16 -14.71 38.06 -29.57
C HIS G 16 -13.91 38.76 -28.47
N LEU G 17 -13.60 38.01 -27.43
CA LEU G 17 -12.89 38.58 -26.29
C LEU G 17 -11.40 38.41 -26.49
N LYS G 18 -10.67 39.45 -26.12
CA LYS G 18 -9.22 39.48 -26.24
C LYS G 18 -8.62 39.16 -24.87
N ILE G 19 -7.54 38.37 -24.87
CA ILE G 19 -6.91 37.93 -23.65
C ILE G 19 -5.44 38.31 -23.66
N TYR G 20 -5.00 39.02 -22.63
CA TYR G 20 -3.57 39.15 -22.39
C TYR G 20 -3.14 38.01 -21.47
N LEU G 21 -1.84 37.71 -21.46
CA LEU G 21 -1.39 36.44 -20.91
C LEU G 21 -0.54 36.52 -19.65
N PRO G 22 -1.08 36.91 -18.50
CA PRO G 22 -0.39 36.64 -17.23
C PRO G 22 -0.29 35.17 -16.94
N ASN G 23 -1.14 34.35 -17.56
CA ASN G 23 -0.93 32.92 -17.64
C ASN G 23 -0.93 32.56 -19.11
N ASP G 24 0.24 32.15 -19.61
CA ASP G 24 0.41 31.93 -21.03
C ASP G 24 -0.29 30.65 -21.47
N LEU G 25 -0.46 30.52 -22.78
CA LEU G 25 -0.91 29.29 -23.41
C LEU G 25 -0.20 29.17 -24.75
N LYS G 26 0.14 27.94 -25.14
CA LYS G 26 0.85 27.67 -26.39
C LYS G 26 0.10 26.62 -27.19
N HIS G 27 -0.24 26.95 -28.45
CA HIS G 27 -0.64 25.95 -29.43
C HIS G 27 -0.63 26.53 -30.83
N LEU G 28 -0.14 25.73 -31.78
CA LEU G 28 -0.10 26.04 -33.20
C LEU G 28 0.57 24.88 -33.93
N LYS G 69 -4.78 17.67 -29.29
CA LYS G 69 -5.19 18.99 -29.75
C LYS G 69 -5.66 19.86 -28.59
N ASP G 70 -5.67 19.29 -27.39
CA ASP G 70 -6.07 20.01 -26.19
C ASP G 70 -5.08 21.12 -25.87
N TYR G 71 -5.57 22.14 -25.16
CA TYR G 71 -4.74 23.30 -24.85
C TYR G 71 -3.86 23.06 -23.62
N ILE G 72 -2.71 23.73 -23.61
CA ILE G 72 -1.64 23.52 -22.64
C ILE G 72 -1.29 24.82 -21.93
N PRO G 73 -1.37 24.89 -20.60
CA PRO G 73 -0.92 26.09 -19.89
C PRO G 73 0.60 26.19 -19.90
N THR G 74 1.09 27.43 -19.81
CA THR G 74 2.52 27.72 -19.88
C THR G 74 2.91 28.67 -18.77
N PRO G 75 4.03 28.40 -18.07
CA PRO G 75 4.50 29.32 -17.02
C PRO G 75 4.75 30.73 -17.55
N ASP G 76 4.47 31.71 -16.71
CA ASP G 76 4.73 33.10 -17.03
C ASP G 76 6.23 33.41 -16.95
N ALA G 77 6.63 34.46 -17.66
CA ALA G 77 8.02 34.91 -17.59
C ALA G 77 8.39 35.26 -16.15
N SER G 78 9.60 34.87 -15.75
CA SER G 78 10.04 35.04 -14.38
C SER G 78 10.79 36.36 -14.22
N MET G 79 10.38 37.16 -13.23
CA MET G 79 11.08 38.39 -12.90
C MET G 79 12.44 38.07 -12.28
N THR G 80 13.35 39.04 -12.36
CA THR G 80 14.64 38.91 -11.72
C THR G 80 14.61 39.54 -10.32
N TRP G 81 15.57 39.16 -9.50
CA TRP G 81 15.64 39.60 -8.11
C TRP G 81 16.73 40.66 -7.95
N ASN G 82 16.35 41.79 -7.34
CA ASN G 82 17.25 42.94 -7.27
C ASN G 82 18.49 42.66 -6.42
N GLU G 83 18.30 42.05 -5.25
CA GLU G 83 19.39 41.85 -4.30
C GLU G 83 20.30 40.68 -4.66
N TYR G 84 20.12 40.08 -5.83
CA TYR G 84 20.86 38.86 -6.19
C TYR G 84 22.37 39.04 -6.01
N ASP G 85 22.92 40.13 -6.51
CA ASP G 85 24.36 40.34 -6.43
C ASP G 85 24.85 40.53 -5.00
N LYS G 86 23.95 40.84 -4.07
CA LYS G 86 24.36 40.97 -2.68
C LYS G 86 24.42 39.62 -1.98
N PHE G 87 23.57 38.68 -2.37
CA PHE G 87 23.52 37.36 -1.75
C PHE G 87 24.46 36.35 -2.41
N TYR G 88 24.64 36.44 -3.72
CA TYR G 88 25.44 35.47 -4.46
C TYR G 88 26.73 36.16 -4.91
N THR G 89 27.72 36.14 -4.02
CA THR G 89 29.01 36.79 -4.24
C THR G 89 30.11 35.74 -4.11
N GLY G 90 30.96 35.66 -5.11
CA GLY G 90 32.09 34.75 -5.06
C GLY G 90 32.41 34.23 -6.45
N SER G 91 33.34 33.28 -6.49
CA SER G 91 33.78 32.68 -7.74
C SER G 91 34.04 31.20 -7.54
N PHE G 92 33.64 30.40 -8.52
CA PHE G 92 33.92 28.97 -8.56
C PHE G 92 34.81 28.69 -9.76
N GLN G 93 36.06 28.32 -9.49
CA GLN G 93 37.00 28.03 -10.56
C GLN G 93 36.75 26.63 -11.13
N GLU G 94 36.49 26.57 -12.43
CA GLU G 94 36.32 25.28 -13.10
C GLU G 94 37.64 24.52 -13.13
N THR G 95 37.60 23.24 -12.79
CA THR G 95 38.79 22.40 -12.83
C THR G 95 38.91 21.68 -14.17
N THR G 96 40.12 21.22 -14.45
CA THR G 96 40.39 20.54 -15.73
C THR G 96 39.58 19.27 -15.85
N SER G 97 39.57 18.44 -14.80
CA SER G 97 38.82 17.20 -14.79
C SER G 97 37.40 17.43 -14.28
N TYR G 98 36.53 16.47 -14.56
CA TYR G 98 35.16 16.54 -14.08
C TYR G 98 35.13 16.51 -12.55
N ILE G 99 34.20 17.26 -11.96
CA ILE G 99 34.12 17.37 -10.50
C ILE G 99 33.91 16.01 -9.88
N LYS G 100 34.66 15.71 -8.82
CA LYS G 100 34.41 14.58 -7.95
C LYS G 100 34.04 15.11 -6.57
N PHE G 101 32.86 14.73 -6.08
CA PHE G 101 32.30 15.31 -4.87
C PHE G 101 31.37 14.32 -4.18
N SER G 102 31.42 14.27 -2.84
CA SER G 102 30.49 13.42 -2.11
C SER G 102 30.08 13.97 -0.75
N ALA G 103 30.48 15.18 -0.38
CA ALA G 103 30.02 15.77 0.87
C ALA G 103 28.53 16.11 0.79
N THR G 104 27.90 16.19 1.94
CA THR G 104 26.48 16.49 2.01
C THR G 104 26.24 18.00 2.19
N VAL G 105 24.99 18.41 2.00
CA VAL G 105 24.61 19.81 2.17
C VAL G 105 25.00 20.30 3.56
N GLU G 106 24.84 19.43 4.56
CA GLU G 106 25.19 19.79 5.93
C GLU G 106 26.67 20.14 6.05
N ASP G 107 27.53 19.43 5.30
CA ASP G 107 28.97 19.66 5.38
C ASP G 107 29.37 21.05 4.89
N CYS G 108 28.56 21.66 4.01
CA CYS G 108 28.95 22.90 3.34
C CYS G 108 28.22 24.13 3.89
N CYS G 109 27.56 24.02 5.04
CA CYS G 109 26.75 25.12 5.56
C CYS G 109 27.34 25.82 6.77
N GLY G 110 28.29 25.21 7.47
CA GLY G 110 28.88 25.83 8.64
C GLY G 110 27.97 25.69 9.86
N THR G 111 27.69 26.81 10.52
CA THR G 111 26.94 26.78 11.76
C THR G 111 25.45 26.53 11.50
N ASN G 112 24.86 25.64 12.31
CA ASN G 112 23.46 25.29 12.12
C ASN G 112 22.53 26.48 12.29
N TYR G 113 22.76 27.31 13.30
CA TYR G 113 21.84 28.40 13.61
C TYR G 113 21.99 29.53 12.61
N ASN G 114 20.86 30.15 12.26
CA ASN G 114 20.82 31.31 11.37
C ASN G 114 19.94 32.40 12.00
N MET G 115 20.53 33.57 12.21
CA MET G 115 19.80 34.68 12.82
C MET G 115 18.65 35.12 11.91
N ASP G 116 17.47 35.30 12.49
CA ASP G 116 16.37 35.92 11.77
C ASP G 116 16.30 37.40 12.16
N GLU G 117 15.30 38.11 11.63
CA GLU G 117 15.19 39.54 11.87
C GLU G 117 15.11 39.86 13.36
N ARG G 118 14.33 39.08 14.11
CA ARG G 118 14.21 39.32 15.54
C ARG G 118 15.54 39.12 16.26
N ASP G 119 16.33 38.14 15.82
CA ASP G 119 17.66 37.96 16.38
C ASP G 119 18.54 39.16 16.06
N GLU G 120 18.32 39.78 14.90
CA GLU G 120 19.14 40.90 14.47
C GLU G 120 18.88 42.14 15.34
N THR G 121 17.61 42.45 15.56
CA THR G 121 17.28 43.61 16.40
C THR G 121 17.76 43.41 17.83
N PHE G 122 17.69 42.19 18.35
CA PHE G 122 18.21 41.95 19.69
C PHE G 122 19.71 42.10 19.75
N LEU G 123 20.42 41.72 18.68
CA LEU G 123 21.87 41.88 18.66
C LEU G 123 22.26 43.35 18.62
N ASN G 124 21.67 44.12 17.71
CA ASN G 124 22.06 45.51 17.53
C ASN G 124 21.52 46.40 18.65
N GLU G 125 20.24 46.28 18.98
CA GLU G 125 19.58 47.22 19.86
C GLU G 125 19.58 46.81 21.34
N GLN G 126 20.35 45.78 21.72
CA GLN G 126 20.39 45.39 23.12
C GLN G 126 21.79 45.03 23.60
N VAL G 127 22.38 43.98 23.02
CA VAL G 127 23.69 43.54 23.50
C VAL G 127 24.81 44.41 22.94
N ASN G 128 24.68 44.90 21.70
CA ASN G 128 25.76 45.61 21.03
C ASN G 128 25.47 47.09 20.83
N LYS G 129 24.50 47.66 21.56
CA LYS G 129 24.18 49.08 21.38
C LYS G 129 25.35 49.96 21.78
N GLY G 130 25.86 49.77 22.99
CA GLY G 130 26.98 50.56 23.48
C GLY G 130 28.02 49.73 24.20
N SER G 131 27.99 48.42 23.99
CA SER G 131 28.92 47.52 24.66
C SER G 131 30.35 47.82 24.21
N SER G 132 31.29 47.66 25.15
CA SER G 132 32.70 47.80 24.81
C SER G 132 33.13 46.71 23.82
N ASP G 133 32.64 45.50 24.01
CA ASP G 133 33.01 44.34 23.20
C ASP G 133 31.85 43.96 22.29
N ILE G 134 32.12 43.82 21.00
CA ILE G 134 31.09 43.54 20.01
C ILE G 134 30.93 42.02 19.85
N LEU G 135 29.69 41.59 19.68
CA LEU G 135 29.36 40.19 19.40
C LEU G 135 28.92 40.09 17.93
N THR G 136 29.78 39.53 17.10
CA THR G 136 29.49 39.44 15.67
C THR G 136 28.41 38.39 15.39
N GLU G 137 27.70 38.59 14.28
CA GLU G 137 26.63 37.68 13.88
C GLU G 137 27.08 36.23 13.85
N ASP G 138 28.27 35.96 13.30
CA ASP G 138 28.78 34.58 13.30
C ASP G 138 28.94 34.05 14.72
N GLU G 139 29.37 34.90 15.65
CA GLU G 139 29.55 34.46 17.03
C GLU G 139 28.21 34.24 17.72
N PHE G 140 27.23 35.11 17.45
CA PHE G 140 25.91 34.95 18.04
C PHE G 140 25.31 33.60 17.66
N GLU G 141 25.51 33.18 16.42
CA GLU G 141 25.04 31.87 15.98
C GLU G 141 25.81 30.73 16.63
N ILE G 142 27.09 30.94 16.94
CA ILE G 142 27.87 29.90 17.60
C ILE G 142 27.28 29.55 18.95
N LEU G 143 26.85 30.58 19.70
CA LEU G 143 26.24 30.35 21.02
C LEU G 143 24.90 29.63 20.89
N CYS G 144 24.00 30.19 20.08
CA CYS G 144 22.67 29.60 19.93
C CYS G 144 22.73 28.16 19.43
N SER G 145 23.63 27.89 18.48
CA SER G 145 23.79 26.52 17.99
C SER G 145 24.19 25.57 19.12
N SER G 146 24.97 26.04 20.09
CA SER G 146 25.35 25.20 21.23
C SER G 146 24.22 25.06 22.22
N PHE G 147 23.40 26.10 22.39
CA PHE G 147 22.24 26.02 23.27
C PHE G 147 21.26 24.99 22.73
N GLU G 148 20.98 25.05 21.42
CA GLU G 148 20.05 24.12 20.80
C GLU G 148 20.54 22.68 20.99
N HIS G 149 21.83 22.45 20.77
CA HIS G 149 22.40 21.11 20.93
C HIS G 149 22.37 20.66 22.39
N ALA G 150 22.64 21.58 23.32
CA ALA G 150 22.68 21.21 24.73
C ALA G 150 21.30 20.78 25.23
N ILE G 151 20.27 21.56 24.92
CA ILE G 151 18.91 21.20 25.31
C ILE G 151 18.47 19.93 24.59
N HIS G 152 18.85 19.78 23.31
CA HIS G 152 18.51 18.55 22.58
C HIS G 152 19.09 17.31 23.26
N GLU G 153 20.19 17.47 24.00
CA GLU G 153 20.84 16.34 24.65
C GLU G 153 20.35 16.14 26.08
N ARG G 154 20.17 17.22 26.84
CA ARG G 154 19.74 17.11 28.24
C ARG G 154 18.23 17.10 28.40
N GLN G 155 17.48 17.78 27.53
CA GLN G 155 16.02 17.86 27.62
C GLN G 155 15.37 17.50 26.29
N PRO G 156 15.49 16.25 25.86
CA PRO G 156 14.88 15.86 24.58
C PRO G 156 13.36 15.91 24.60
N PHE G 157 12.73 15.85 25.78
CA PHE G 157 11.28 15.91 25.90
C PHE G 157 10.88 17.20 26.60
N LEU G 158 11.47 18.31 26.17
CA LEU G 158 11.18 19.61 26.79
C LEU G 158 9.71 19.99 26.62
N SER G 159 9.12 19.69 25.46
CA SER G 159 7.74 20.09 25.20
C SER G 159 6.76 19.50 26.20
N MET G 160 7.17 18.47 26.95
CA MET G 160 6.33 17.94 28.02
C MET G 160 6.13 18.98 29.12
N ASP G 161 7.16 19.76 29.41
CA ASP G 161 7.13 20.75 30.48
C ASP G 161 8.04 21.90 30.08
N PRO G 162 7.57 22.77 29.18
CA PRO G 162 8.45 23.80 28.63
C PRO G 162 8.92 24.82 29.65
N GLU G 163 8.09 25.14 30.64
CA GLU G 163 8.47 26.14 31.63
C GLU G 163 9.68 25.71 32.46
N SER G 164 9.92 24.39 32.55
CA SER G 164 11.00 23.85 33.38
C SER G 164 12.30 23.66 32.60
N ILE G 165 12.52 24.47 31.56
CA ILE G 165 13.75 24.40 30.79
C ILE G 165 14.94 24.81 31.66
N LEU G 166 16.10 24.21 31.41
CA LEU G 166 17.30 24.45 32.21
C LEU G 166 17.62 25.94 32.34
N SER G 167 18.18 26.30 33.48
CA SER G 167 18.74 27.62 33.69
C SER G 167 20.11 27.70 33.03
N PHE G 168 20.60 28.94 32.86
CA PHE G 168 21.93 29.11 32.27
C PHE G 168 23.00 28.51 33.16
N GLU G 169 22.92 28.79 34.47
CA GLU G 169 23.89 28.24 35.41
C GLU G 169 23.90 26.72 35.39
N GLU G 170 22.72 26.12 35.24
CA GLU G 170 22.62 24.67 35.17
C GLU G 170 23.19 24.09 33.87
N LEU G 171 23.22 24.89 32.80
CA LEU G 171 23.62 24.39 31.50
C LEU G 171 25.12 24.47 31.25
N LYS G 172 25.81 25.45 31.84
CA LYS G 172 27.23 25.68 31.57
C LYS G 172 28.09 24.42 31.59
N PRO G 173 27.94 23.47 32.54
CA PRO G 173 28.75 22.24 32.47
C PRO G 173 28.65 21.51 31.14
N THR G 174 27.44 21.36 30.61
CA THR G 174 27.28 20.62 29.36
C THR G 174 27.79 21.41 28.17
N LEU G 175 27.70 22.74 28.23
CA LEU G 175 28.22 23.57 27.14
C LEU G 175 29.73 23.42 27.01
N ILE G 176 30.43 23.27 28.12
CA ILE G 176 31.88 23.12 28.08
C ILE G 176 32.27 21.78 27.47
N LYS G 177 31.62 20.70 27.91
CA LYS G 177 31.95 19.37 27.42
C LYS G 177 31.63 19.18 25.94
N SER G 178 30.80 20.06 25.38
CA SER G 178 30.37 19.96 23.98
C SER G 178 31.54 19.85 23.01
N ASP G 182 32.55 19.59 14.02
CA ASP G 182 33.71 18.71 14.14
C ASP G 182 34.91 19.45 14.70
N PHE G 183 34.74 20.05 15.89
CA PHE G 183 35.82 20.81 16.51
C PHE G 183 36.97 19.90 16.94
N ASN G 184 36.67 18.77 17.58
CA ASN G 184 37.73 17.90 18.07
C ASN G 184 38.55 17.33 16.92
N LEU G 185 37.89 16.92 15.83
CA LEU G 185 38.62 16.35 14.70
C LEU G 185 39.48 17.40 14.02
N ARG G 186 38.94 18.62 13.86
CA ARG G 186 39.70 19.71 13.26
C ARG G 186 40.98 20.01 14.04
N ASN G 187 40.88 20.06 15.38
CA ASN G 187 42.07 20.34 16.17
C ASN G 187 43.03 19.15 16.23
N GLN G 188 42.49 17.92 16.29
CA GLN G 188 43.36 16.75 16.28
C GLN G 188 44.13 16.65 14.98
N LEU G 189 43.47 16.91 13.86
CA LEU G 189 44.17 16.90 12.58
C LEU G 189 45.21 18.01 12.52
N ASN G 190 44.85 19.18 13.05
CA ASN G 190 45.79 20.31 13.07
C ASN G 190 47.06 19.98 13.84
N HIS G 191 46.95 19.17 14.89
CA HIS G 191 48.13 18.77 15.64
C HIS G 191 48.94 17.70 14.90
N GLU G 192 48.26 16.71 14.32
CA GLU G 192 48.96 15.63 13.62
C GLU G 192 49.73 16.17 12.42
N ILE G 193 49.18 17.18 11.75
CA ILE G 193 49.88 17.82 10.65
C ILE G 193 51.07 18.62 11.14
N ASN G 194 51.07 18.99 12.42
CA ASN G 194 52.06 19.88 13.02
C ASN G 194 51.93 21.30 12.46
N SER G 195 50.72 21.65 12.02
CA SER G 195 50.47 23.03 11.57
C SER G 195 50.69 24.01 12.70
N HIS G 196 49.99 23.82 13.82
CA HIS G 196 50.14 24.63 15.03
C HIS G 196 49.79 26.10 14.78
N LYS G 197 48.83 26.36 13.89
CA LYS G 197 48.38 27.73 13.62
C LYS G 197 46.85 27.77 13.58
N THR G 198 46.23 27.95 14.76
CA THR G 198 44.79 28.20 14.86
C THR G 198 43.95 27.21 14.06
N HIS G 199 43.19 27.73 13.09
CA HIS G 199 42.23 26.91 12.38
C HIS G 199 42.87 25.99 11.34
N PHE G 200 42.22 24.84 11.17
CA PHE G 200 42.49 23.87 10.13
C PHE G 200 41.49 24.11 9.01
N ILE G 201 41.98 24.45 7.82
CA ILE G 201 41.13 24.93 6.73
C ILE G 201 40.99 23.85 5.66
N THR G 202 39.75 23.60 5.27
CA THR G 202 39.41 22.71 4.16
C THR G 202 38.59 23.50 3.14
N GLN G 203 38.13 22.80 2.10
CA GLN G 203 37.28 23.43 1.10
C GLN G 203 35.90 23.75 1.65
N PHE G 204 35.51 23.13 2.77
CA PHE G 204 34.18 23.26 3.32
C PHE G 204 34.07 24.41 4.31
N ASP G 205 35.00 25.36 4.28
CA ASP G 205 35.05 26.43 5.26
C ASP G 205 34.93 27.79 4.59
N PRO G 206 33.94 28.60 4.96
CA PRO G 206 33.90 29.98 4.48
C PRO G 206 34.94 30.83 5.20
N VAL G 207 35.40 31.88 4.51
CA VAL G 207 36.44 32.74 5.06
C VAL G 207 35.97 33.59 6.23
N SER G 208 34.66 33.69 6.46
CA SER G 208 34.13 34.51 7.54
C SER G 208 34.28 33.87 8.92
N GLN G 209 34.52 32.56 8.99
CA GLN G 209 34.67 31.86 10.26
C GLN G 209 36.05 32.03 10.88
N MET G 210 36.98 32.69 10.21
CA MET G 210 38.35 32.78 10.71
C MET G 210 38.48 33.76 11.88
N ASN G 211 37.75 34.87 11.86
CA ASN G 211 37.92 35.91 12.88
C ASN G 211 36.93 35.79 14.03
N THR G 212 36.43 34.59 14.31
CA THR G 212 35.47 34.37 15.38
C THR G 212 36.13 33.68 16.57
N ARG G 213 35.82 34.17 17.76
CA ARG G 213 36.41 33.65 18.99
C ARG G 213 35.90 32.23 19.29
N PRO G 214 36.71 31.42 19.98
CA PRO G 214 36.25 30.08 20.38
C PRO G 214 35.09 30.15 21.35
N LEU G 215 34.36 29.03 21.43
CA LEU G 215 33.13 29.00 22.22
C LEU G 215 33.40 29.18 23.72
N ILE G 216 34.40 28.47 24.25
CA ILE G 216 34.59 28.40 25.70
C ILE G 216 34.83 29.78 26.31
N GLN G 217 35.42 30.71 25.54
CA GLN G 217 35.59 32.06 26.05
C GLN G 217 34.41 32.95 25.68
N LEU G 218 33.70 32.61 24.59
CA LEU G 218 32.50 33.33 24.23
C LEU G 218 31.37 33.04 25.19
N ILE G 219 31.38 31.84 25.79
CA ILE G 219 30.39 31.49 26.81
C ILE G 219 30.55 32.39 28.03
N GLU G 220 31.80 32.56 28.49
CA GLU G 220 32.03 33.35 29.70
C GLU G 220 31.68 34.82 29.47
N LYS G 221 32.00 35.34 28.28
CA LYS G 221 31.86 36.77 28.03
C LYS G 221 30.40 37.16 27.75
N PHE G 222 29.69 36.36 26.95
CA PHE G 222 28.35 36.71 26.49
C PHE G 222 27.31 35.64 26.76
N GLY G 223 27.70 34.47 27.26
CA GLY G 223 26.78 33.35 27.34
C GLY G 223 25.52 33.65 28.13
N SER G 224 25.67 34.22 29.32
CA SER G 224 24.52 34.44 30.20
C SER G 224 23.52 35.42 29.59
N LYS G 225 24.00 36.42 28.86
CA LYS G 225 23.11 37.43 28.29
C LYS G 225 22.35 36.88 27.09
N ILE G 226 23.02 36.12 26.23
CA ILE G 226 22.36 35.61 25.02
C ILE G 226 21.41 34.48 25.36
N TYR G 227 21.84 33.54 26.22
CA TYR G 227 21.00 32.39 26.54
C TYR G 227 19.67 32.80 27.14
N ASP G 228 19.65 33.86 27.96
CA ASP G 228 18.38 34.33 28.51
C ASP G 228 17.43 34.76 27.40
N TYR G 229 17.96 35.26 26.29
CA TYR G 229 17.13 35.64 25.15
C TYR G 229 16.68 34.41 24.38
N TRP G 230 17.61 33.51 24.09
CA TRP G 230 17.27 32.27 23.39
C TRP G 230 16.27 31.44 24.18
N ARG G 231 16.45 31.39 25.50
CA ARG G 231 15.53 30.65 26.37
C ARG G 231 14.11 31.17 26.21
N GLU G 232 13.94 32.49 26.10
CA GLU G 232 12.61 33.05 25.95
C GLU G 232 11.98 32.67 24.62
N ARG G 233 12.80 32.49 23.58
CA ARG G 233 12.27 32.01 22.30
C ARG G 233 11.70 30.61 22.45
N LYS G 234 12.47 29.73 23.10
CA LYS G 234 12.07 28.34 23.29
C LYS G 234 10.80 28.22 24.11
N ILE G 235 10.62 29.09 25.11
CA ILE G 235 9.41 29.04 25.93
C ILE G 235 8.20 29.43 25.10
N GLU G 236 8.36 30.41 24.21
CA GLU G 236 7.23 30.87 23.39
C GLU G 236 6.72 29.75 22.49
N VAL G 237 7.63 28.92 21.98
CA VAL G 237 7.27 27.83 21.06
C VAL G 237 7.04 26.54 21.84
N ASN G 238 6.87 26.68 23.16
CA ASN G 238 6.50 25.57 24.06
C ASN G 238 7.50 24.43 23.98
N GLY G 239 8.78 24.74 23.85
CA GLY G 239 9.82 23.74 23.84
C GLY G 239 10.05 23.08 22.50
N TYR G 240 9.22 23.39 21.50
CA TYR G 240 9.37 22.82 20.17
C TYR G 240 10.46 23.57 19.41
N GLU G 241 10.54 23.34 18.10
CA GLU G 241 11.59 23.95 17.30
C GLU G 241 11.27 25.41 17.02
N ILE G 242 12.25 26.28 17.26
CA ILE G 242 12.03 27.72 17.06
C ILE G 242 11.76 28.02 15.59
N PHE G 243 12.44 27.30 14.68
CA PHE G 243 12.30 27.62 13.27
C PHE G 243 11.62 26.48 12.50
N PRO G 244 10.92 26.81 11.41
CA PRO G 244 10.15 25.82 10.66
C PRO G 244 10.94 24.57 10.29
N GLN G 245 10.34 23.41 10.57
CA GLN G 245 10.89 22.10 10.23
C GLN G 245 9.94 21.37 9.29
N LEU G 246 10.48 20.36 8.60
CA LEU G 246 9.64 19.50 7.78
C LEU G 246 8.85 18.55 8.67
N LYS G 247 7.71 18.09 8.17
CA LYS G 247 6.82 17.24 8.95
C LYS G 247 7.04 15.79 8.57
N PHE G 248 7.47 14.99 9.54
CA PHE G 248 7.85 13.59 9.34
C PHE G 248 6.91 12.64 10.07
N GLU G 249 6.79 11.44 9.52
CA GLU G 249 5.99 10.38 10.13
C GLU G 249 6.82 9.67 11.20
N ARG G 250 6.24 9.51 12.38
CA ARG G 250 6.98 8.89 13.48
C ARG G 250 7.23 7.41 13.19
N PRO G 251 8.41 6.89 13.56
CA PRO G 251 8.72 5.48 13.27
C PRO G 251 7.73 4.53 13.93
N GLY G 252 7.24 3.59 13.14
CA GLY G 252 6.24 2.64 13.60
C GLY G 252 4.81 3.11 13.43
N GLU G 253 4.61 4.41 13.29
CA GLU G 253 3.30 4.98 13.01
C GLU G 253 3.11 5.11 11.51
N LYS G 254 1.85 5.15 11.09
CA LYS G 254 1.51 5.33 9.68
C LYS G 254 0.45 6.42 9.59
N GLU G 255 0.78 7.52 8.91
CA GLU G 255 -0.15 8.61 8.69
C GLU G 255 -0.50 8.71 7.22
N GLU G 256 -1.76 9.01 6.93
CA GLU G 256 -2.26 9.07 5.56
C GLU G 256 -3.04 10.34 5.24
N ILE G 257 -3.62 11.01 6.23
CA ILE G 257 -4.47 12.16 5.96
C ILE G 257 -3.67 13.45 5.87
N ASP G 258 -2.78 13.69 6.83
CA ASP G 258 -2.02 14.93 6.88
C ASP G 258 -1.20 15.12 5.60
N PRO G 259 -1.48 16.16 4.81
CA PRO G 259 -0.78 16.34 3.53
C PRO G 259 0.65 16.80 3.68
N TYR G 260 1.03 17.33 4.84
CA TYR G 260 2.35 17.90 5.04
C TYR G 260 3.39 16.87 5.47
N VAL G 261 2.99 15.61 5.63
CA VAL G 261 3.92 14.53 5.97
C VAL G 261 4.67 14.11 4.72
N CYS G 262 6.00 14.11 4.79
CA CYS G 262 6.83 13.82 3.63
C CYS G 262 7.74 12.63 3.88
N PHE G 263 8.26 12.10 2.77
CA PHE G 263 9.40 11.18 2.73
C PHE G 263 9.32 10.11 3.81
N ARG G 264 8.21 9.38 3.78
CA ARG G 264 8.05 8.23 4.67
C ARG G 264 9.10 7.18 4.36
N ARG G 265 9.59 6.50 5.39
CA ARG G 265 10.51 5.38 5.23
C ARG G 265 9.96 4.22 6.05
N ARG G 266 9.30 3.29 5.38
CA ARG G 266 8.57 2.21 6.03
C ARG G 266 9.31 0.88 5.97
N GLU G 267 10.43 0.83 5.25
CA GLU G 267 11.26 -0.37 5.28
C GLU G 267 11.72 -0.62 6.70
N VAL G 268 11.92 -1.90 7.03
CA VAL G 268 12.38 -2.26 8.37
C VAL G 268 13.19 -3.54 8.27
N ARG G 269 14.34 -3.56 8.94
CA ARG G 269 15.22 -4.71 9.00
C ARG G 269 15.14 -5.33 10.38
N HIS G 270 14.98 -6.63 10.43
CA HIS G 270 14.87 -7.38 11.67
C HIS G 270 16.11 -8.23 11.88
N PRO G 271 16.55 -8.40 13.14
CA PRO G 271 17.72 -9.23 13.39
C PRO G 271 17.47 -10.67 12.96
N ARG G 272 18.55 -11.31 12.49
CA ARG G 272 18.45 -12.72 12.16
C ARG G 272 18.21 -13.54 13.42
N LYS G 273 17.45 -14.61 13.28
CA LYS G 273 17.08 -15.43 14.43
C LYS G 273 18.27 -16.24 14.93
N THR G 274 19.38 -15.57 15.26
CA THR G 274 20.58 -16.25 15.71
C THR G 274 21.43 -15.33 16.57
N ARG G 275 22.18 -15.94 17.50
CA ARG G 275 23.15 -15.22 18.32
C ARG G 275 24.58 -15.42 17.83
N ARG G 276 24.79 -16.29 16.84
CA ARG G 276 26.13 -16.59 16.35
C ARG G 276 26.83 -15.32 15.88
N ILE G 277 28.15 -15.38 15.85
CA ILE G 277 28.97 -14.27 15.39
C ILE G 277 29.11 -14.34 13.87
N ASP G 278 28.89 -13.21 13.21
CA ASP G 278 29.09 -13.07 11.77
C ASP G 278 30.60 -13.00 11.51
N ILE G 279 31.24 -14.18 11.48
CA ILE G 279 32.68 -14.24 11.28
C ILE G 279 33.07 -13.62 9.94
N LEU G 280 32.32 -13.98 8.89
CA LEU G 280 32.69 -13.57 7.54
C LEU G 280 32.65 -12.05 7.38
N ASN G 281 31.51 -11.44 7.68
CA ASN G 281 31.38 -10.00 7.51
C ASN G 281 32.14 -9.20 8.56
N SER G 282 32.75 -9.87 9.54
CA SER G 282 33.61 -9.19 10.49
C SER G 282 35.07 -9.25 10.05
N GLN G 283 35.42 -10.29 9.29
CA GLN G 283 36.71 -10.30 8.61
C GLN G 283 36.77 -9.18 7.58
N ARG G 284 35.69 -9.01 6.83
CA ARG G 284 35.64 -7.98 5.79
C ARG G 284 35.58 -6.58 6.36
N LEU G 285 34.95 -6.42 7.54
CA LEU G 285 34.96 -5.12 8.19
C LEU G 285 36.35 -4.78 8.70
N ARG G 286 37.06 -5.77 9.25
CA ARG G 286 38.42 -5.55 9.71
C ARG G 286 39.37 -5.26 8.55
N ALA G 287 39.18 -5.95 7.42
CA ALA G 287 40.02 -5.70 6.26
C ALA G 287 39.83 -4.29 5.73
N LEU G 288 38.56 -3.86 5.62
CA LEU G 288 38.27 -2.51 5.15
C LEU G 288 38.80 -1.46 6.12
N HIS G 289 38.74 -1.76 7.43
CA HIS G 289 39.26 -0.83 8.43
C HIS G 289 40.76 -0.61 8.29
N GLN G 290 41.50 -1.65 7.89
CA GLN G 290 42.94 -1.51 7.74
C GLN G 290 43.27 -0.61 6.56
N GLU G 291 42.62 -0.85 5.42
CA GLU G 291 42.88 -0.05 4.23
C GLU G 291 42.50 1.41 4.44
N LEU G 292 41.58 1.70 5.35
CA LEU G 292 41.26 3.09 5.66
C LEU G 292 42.31 3.73 6.56
N LYS G 293 43.09 2.93 7.29
CA LYS G 293 44.15 3.48 8.13
C LYS G 293 45.38 3.77 7.28
N ASN G 294 45.68 2.87 6.35
CA ASN G 294 46.71 3.16 5.36
C ASN G 294 46.30 4.35 4.51
N ALA G 295 45.00 4.44 4.22
CA ALA G 295 44.45 5.61 3.54
C ALA G 295 44.78 6.90 4.27
N LYS G 296 44.52 6.92 5.58
CA LYS G 296 44.75 8.12 6.36
C LYS G 296 46.24 8.40 6.55
N ASP G 297 47.06 7.34 6.59
CA ASP G 297 48.49 7.51 6.76
C ASP G 297 49.08 8.35 5.63
N LEU G 298 48.75 7.99 4.39
CA LEU G 298 49.27 8.73 3.23
C LEU G 298 48.69 10.13 3.14
N ALA G 299 47.38 10.27 3.37
CA ALA G 299 46.75 11.59 3.32
C ALA G 299 47.36 12.54 4.34
N LEU G 300 47.76 12.03 5.51
CA LEU G 300 48.40 12.88 6.51
C LEU G 300 49.77 13.36 6.03
N LEU G 301 50.58 12.43 5.51
CA LEU G 301 51.90 12.80 4.99
C LEU G 301 51.80 13.87 3.93
N VAL G 302 50.90 13.69 2.95
CA VAL G 302 50.73 14.69 1.90
C VAL G 302 50.31 16.03 2.49
N ALA G 303 49.46 16.02 3.52
CA ALA G 303 49.06 17.27 4.16
C ALA G 303 50.20 17.85 4.99
N LYS G 304 51.11 17.00 5.48
CA LYS G 304 52.30 17.50 6.15
C LYS G 304 53.25 18.14 5.15
N ARG G 305 53.45 17.49 4.01
CA ARG G 305 54.35 17.99 2.98
C ARG G 305 53.97 19.38 2.50
N GLU G 306 52.68 19.58 2.20
CA GLU G 306 52.25 20.90 1.75
C GLU G 306 52.35 21.91 2.88
N ASN G 307 52.25 21.46 4.13
CA ASN G 307 52.35 22.39 5.26
C ASN G 307 53.78 22.87 5.47
N VAL G 308 54.76 21.97 5.34
CA VAL G 308 56.15 22.41 5.45
C VAL G 308 56.53 23.27 4.25
N SER G 309 56.01 22.93 3.06
CA SER G 309 56.23 23.76 1.88
C SER G 309 55.64 25.15 2.08
N LEU G 310 54.57 25.26 2.87
CA LEU G 310 54.00 26.57 3.17
C LEU G 310 54.88 27.31 4.18
N ASN G 311 55.45 26.57 5.13
CA ASN G 311 56.38 27.19 6.06
C ASN G 311 57.63 27.66 5.33
N TRP G 312 58.13 26.83 4.40
CA TRP G 312 59.31 27.17 3.62
C TRP G 312 59.15 28.49 2.89
N ILE G 313 58.05 28.65 2.16
CA ILE G 313 57.86 29.86 1.37
C ILE G 313 57.58 31.07 2.26
N ASN G 314 56.90 30.86 3.39
CA ASN G 314 56.72 31.96 4.33
C ASN G 314 58.07 32.41 4.88
N ASP G 315 59.04 31.50 4.94
CA ASP G 315 60.40 31.88 5.31
C ASP G 315 61.06 32.71 4.22
N GLU G 316 61.03 32.22 2.98
CA GLU G 316 61.60 32.96 1.85
C GLU G 316 61.01 34.36 1.74
N LEU G 317 59.70 34.47 1.90
CA LEU G 317 59.03 35.76 1.82
C LEU G 317 59.43 36.67 2.97
N LYS G 318 59.82 36.09 4.10
CA LYS G 318 60.29 36.86 5.24
C LYS G 318 61.78 37.16 5.13
N ILE G 319 62.56 36.16 4.71
CA ILE G 319 64.00 36.34 4.51
C ILE G 319 64.26 37.47 3.51
N PHE G 320 63.50 37.48 2.41
CA PHE G 320 63.63 38.56 1.43
C PHE G 320 63.31 39.91 2.06
N ASP G 321 62.16 40.00 2.74
CA ASP G 321 61.75 41.25 3.35
C ASP G 321 62.71 41.69 4.46
N GLN G 322 63.47 40.76 5.03
CA GLN G 322 64.49 41.12 6.00
C GLN G 322 65.77 41.56 5.31
N ARG G 323 66.12 40.91 4.20
CA ARG G 323 67.35 41.24 3.49
C ARG G 323 67.29 42.60 2.82
N VAL G 324 66.11 43.01 2.33
CA VAL G 324 65.99 44.33 1.73
C VAL G 324 66.04 45.39 2.81
N LYS G 325 65.54 45.08 4.00
CA LYS G 325 65.62 46.06 5.08
C LYS G 325 67.04 46.20 5.56
N ILE G 326 67.75 45.08 5.71
CA ILE G 326 69.15 45.14 6.16
C ILE G 326 69.98 45.95 5.18
N LYS G 327 69.79 45.73 3.87
CA LYS G 327 70.55 46.47 2.87
C LYS G 327 70.22 47.96 2.87
N ASN G 328 68.93 48.32 2.95
CA ASN G 328 68.56 49.74 3.03
C ASN G 328 69.15 50.39 4.26
N LEU G 329 69.46 49.60 5.29
CA LEU G 329 70.09 50.08 6.52
C LEU G 329 71.61 50.15 6.38
N LYS G 330 72.22 49.19 5.68
CA LYS G 330 73.67 49.19 5.49
C LYS G 330 74.12 50.35 4.63
N ARG G 331 73.33 50.70 3.62
CA ARG G 331 73.70 51.80 2.73
C ARG G 331 73.47 53.15 3.40
N SER G 332 72.55 53.20 4.35
CA SER G 332 72.33 54.41 5.13
C SER G 332 73.42 54.60 6.18
N LEU G 333 74.03 53.49 6.63
CA LEU G 333 75.07 53.55 7.65
C LEU G 333 76.48 53.35 7.11
N ASN G 334 76.65 53.09 5.81
CA ASN G 334 77.97 52.95 5.20
C ASN G 334 78.79 51.87 5.92
N ILE G 335 78.13 50.80 6.35
CA ILE G 335 78.83 49.76 7.10
C ILE G 335 79.65 48.86 6.19
N SER G 336 79.06 48.39 5.09
CA SER G 336 79.76 47.52 4.15
C SER G 336 80.30 46.27 4.83
N GLY G 337 79.53 45.71 5.76
CA GLY G 337 79.96 44.58 6.56
C GLY G 337 79.96 43.28 5.79
N GLU G 338 79.71 42.18 6.50
CA GLU G 338 79.66 40.87 5.87
C GLU G 338 78.35 40.68 5.13
N ASP G 339 78.44 40.07 3.95
CA ASP G 339 77.29 39.78 3.10
C ASP G 339 76.90 38.31 3.14
N ASP G 340 77.41 37.56 4.11
CA ASP G 340 77.25 36.11 4.12
C ASP G 340 75.78 35.70 4.19
N ASP G 341 75.00 36.35 5.04
CA ASP G 341 73.59 36.01 5.22
C ASP G 341 72.65 36.74 4.26
N LEU G 342 73.20 37.55 3.35
CA LEU G 342 72.41 38.25 2.36
C LEU G 342 72.32 37.50 1.03
N ILE G 343 73.04 36.39 0.89
CA ILE G 343 73.04 35.57 -0.31
C ILE G 343 72.82 34.13 0.10
N ASN G 344 72.13 33.38 -0.76
CA ASN G 344 71.87 31.97 -0.50
C ASN G 344 73.06 31.09 -0.87
N HIS G 345 73.41 30.18 0.02
CA HIS G 345 74.46 29.19 -0.18
C HIS G 345 73.83 27.81 -0.32
N LYS G 346 74.63 26.84 -0.73
CA LYS G 346 74.20 25.44 -0.65
C LYS G 346 75.31 24.57 -0.07
N MET H 1 22.48 -3.42 15.94
CA MET H 1 23.92 -3.53 15.67
C MET H 1 24.24 -4.82 14.92
N ASP H 2 24.80 -4.67 13.73
CA ASP H 2 25.08 -5.79 12.83
C ASP H 2 26.37 -5.51 12.07
N PRO H 3 27.36 -6.40 12.13
CA PRO H 3 28.59 -6.16 11.36
C PRO H 3 28.34 -6.04 9.87
N SER H 4 27.40 -6.82 9.33
CA SER H 4 27.07 -6.71 7.92
C SER H 4 26.40 -5.38 7.58
N LEU H 5 25.71 -4.79 8.56
CA LEU H 5 25.07 -3.50 8.33
C LEU H 5 26.08 -2.36 8.35
N VAL H 6 27.05 -2.41 9.27
CA VAL H 6 28.09 -1.40 9.30
C VAL H 6 29.00 -1.55 8.08
N LEU H 7 29.27 -2.79 7.66
CA LEU H 7 30.07 -3.02 6.48
C LEU H 7 29.37 -2.46 5.24
N GLU H 8 28.09 -2.79 5.07
CA GLU H 8 27.30 -2.22 3.98
C GLU H 8 27.29 -0.70 4.05
N GLN H 9 27.13 -0.13 5.24
CA GLN H 9 27.02 1.32 5.38
C GLN H 9 28.37 2.00 5.10
N THR H 10 29.46 1.41 5.59
CA THR H 10 30.77 2.01 5.39
C THR H 10 31.19 1.95 3.93
N ILE H 11 30.82 0.88 3.23
CA ILE H 11 31.15 0.75 1.81
C ILE H 11 30.54 1.91 1.02
N GLN H 12 29.28 2.23 1.29
CA GLN H 12 28.62 3.32 0.59
C GLN H 12 29.25 4.67 0.93
N ASP H 13 29.62 4.87 2.19
CA ASP H 13 30.14 6.17 2.62
C ASP H 13 31.53 6.45 2.05
N VAL H 14 32.31 5.41 1.75
CA VAL H 14 33.64 5.58 1.20
C VAL H 14 33.68 5.18 -0.27
N SER H 15 32.51 4.98 -0.89
CA SER H 15 32.47 4.46 -2.25
C SER H 15 33.12 5.41 -3.24
N ASN H 16 32.93 6.72 -3.04
CA ASN H 16 33.45 7.73 -3.95
C ASN H 16 34.76 8.31 -3.48
N LEU H 17 35.31 7.83 -2.37
CA LEU H 17 36.56 8.34 -1.82
C LEU H 17 37.76 8.07 -2.72
N PRO H 18 37.92 6.88 -3.31
CA PRO H 18 39.05 6.69 -4.23
C PRO H 18 39.03 7.62 -5.42
N SER H 19 37.84 7.92 -5.96
CA SER H 19 37.76 8.90 -7.05
C SER H 19 38.08 10.30 -6.55
N GLU H 20 37.69 10.62 -5.32
CA GLU H 20 37.94 11.96 -4.79
C GLU H 20 39.42 12.20 -4.53
N PHE H 21 40.13 11.19 -4.06
CA PHE H 21 41.56 11.37 -3.78
C PHE H 21 42.33 11.69 -5.05
N ARG H 22 42.03 10.98 -6.15
CA ARG H 22 42.67 11.31 -7.41
C ARG H 22 42.37 12.75 -7.83
N TYR H 23 41.08 13.12 -7.82
CA TYR H 23 40.68 14.46 -8.21
C TYR H 23 41.37 15.53 -7.37
N LEU H 24 41.55 15.27 -6.07
CA LEU H 24 42.21 16.24 -5.21
C LEU H 24 43.72 16.26 -5.42
N LEU H 25 44.35 15.08 -5.43
CA LEU H 25 45.80 15.01 -5.57
C LEU H 25 46.25 15.53 -6.93
N GLU H 26 45.53 15.17 -8.01
CA GLU H 26 45.93 15.65 -9.32
C GLU H 26 45.66 17.14 -9.50
N GLU H 27 44.82 17.73 -8.65
CA GLU H 27 44.70 19.18 -8.60
C GLU H 27 45.80 19.79 -7.75
N ILE H 28 46.38 19.01 -6.83
CA ILE H 28 47.53 19.48 -6.08
C ILE H 28 48.76 19.51 -6.99
N GLY H 29 48.99 18.42 -7.72
CA GLY H 29 50.12 18.35 -8.63
C GLY H 29 50.07 19.41 -9.72
N SER H 30 48.86 19.76 -10.16
CA SER H 30 48.70 20.83 -11.15
C SER H 30 49.17 22.16 -10.59
N ASN H 31 49.00 22.38 -9.28
CA ASN H 31 49.46 23.62 -8.66
C ASN H 31 50.95 23.58 -8.30
N ASP H 32 51.55 22.40 -8.17
CA ASP H 32 52.99 22.34 -7.90
C ASP H 32 53.78 22.62 -9.17
N LEU H 33 53.21 22.26 -10.33
CA LEU H 33 53.79 22.67 -11.60
C LEU H 33 53.74 24.19 -11.74
N LYS H 34 52.57 24.77 -11.45
CA LYS H 34 52.43 26.23 -11.47
C LYS H 34 53.36 26.88 -10.44
N LEU H 35 53.56 26.21 -9.30
CA LEU H 35 54.46 26.72 -8.28
C LEU H 35 55.89 26.73 -8.77
N ILE H 36 56.32 25.65 -9.42
CA ILE H 36 57.71 25.53 -9.86
C ILE H 36 58.06 26.59 -10.89
N GLU H 37 57.17 26.81 -11.86
CA GLU H 37 57.45 27.81 -12.90
C GLU H 37 57.52 29.21 -12.33
N GLU H 38 56.73 29.50 -11.29
CA GLU H 38 56.79 30.82 -10.68
C GLU H 38 58.00 30.95 -9.76
N LYS H 39 58.58 29.83 -9.33
CA LYS H 39 59.81 29.89 -8.55
C LYS H 39 60.99 30.27 -9.42
N LYS H 40 61.05 29.74 -10.65
CA LYS H 40 62.11 30.12 -11.59
C LYS H 40 62.10 31.62 -11.84
N LYS H 41 60.91 32.23 -11.90
CA LYS H 41 60.74 33.63 -12.27
C LYS H 41 61.31 34.59 -11.22
N TYR H 42 61.62 34.12 -10.01
CA TYR H 42 62.28 34.98 -9.05
C TYR H 42 63.54 34.37 -8.44
N GLU H 43 63.71 33.05 -8.44
CA GLU H 43 64.98 32.47 -8.00
C GLU H 43 66.10 32.89 -8.93
N GLN H 44 65.78 33.12 -10.19
CA GLN H 44 66.69 33.74 -11.14
C GLN H 44 66.88 35.23 -10.82
N LYS H 45 65.80 36.01 -10.78
CA LYS H 45 65.91 37.44 -10.50
C LYS H 45 66.55 37.71 -9.15
N GLU H 46 66.38 36.80 -8.19
CA GLU H 46 67.10 36.93 -6.93
C GLU H 46 68.56 36.52 -7.09
N SER H 47 68.84 35.58 -7.99
CA SER H 47 70.22 35.14 -8.20
C SER H 47 71.07 36.24 -8.82
N GLN H 48 70.45 37.15 -9.59
CA GLN H 48 71.21 38.25 -10.15
C GLN H 48 71.59 39.24 -9.06
N ILE H 49 70.67 39.47 -8.11
CA ILE H 49 70.98 40.31 -6.96
C ILE H 49 72.13 39.71 -6.16
N HIS H 50 72.08 38.39 -5.93
CA HIS H 50 73.13 37.77 -5.13
C HIS H 50 74.47 37.74 -5.86
N LYS H 51 74.45 37.65 -7.19
CA LYS H 51 75.71 37.68 -7.94
C LYS H 51 76.33 39.07 -7.91
N PHE H 52 75.51 40.10 -8.05
CA PHE H 52 76.00 41.48 -7.94
C PHE H 52 76.57 41.73 -6.55
N ILE H 53 75.97 41.12 -5.51
CA ILE H 53 76.49 41.28 -4.16
C ILE H 53 77.81 40.54 -3.99
N ARG H 54 77.93 39.36 -4.60
CA ARG H 54 79.17 38.60 -4.50
C ARG H 54 80.35 39.27 -5.20
N GLN H 55 80.09 40.14 -6.18
CA GLN H 55 81.15 40.80 -6.93
C GLN H 55 81.39 42.23 -6.48
N GLN H 56 80.33 42.95 -6.09
CA GLN H 56 80.43 44.36 -5.76
C GLN H 56 80.18 44.66 -4.28
N GLY H 57 79.53 43.77 -3.56
CA GLY H 57 79.19 44.02 -2.18
C GLY H 57 77.77 44.51 -2.03
N SER H 58 77.48 45.01 -0.82
CA SER H 58 76.14 45.49 -0.50
C SER H 58 75.97 46.98 -0.75
N ILE H 59 77.03 47.78 -0.57
CA ILE H 59 76.91 49.22 -0.72
C ILE H 59 76.44 49.63 -2.12
N PRO H 60 77.00 49.11 -3.22
CA PRO H 60 76.43 49.42 -4.54
C PRO H 60 75.12 48.68 -4.75
N LYS H 61 74.19 49.36 -5.42
CA LYS H 61 72.89 48.78 -5.76
C LYS H 61 72.95 48.18 -7.15
N HIS H 62 72.29 47.03 -7.32
CA HIS H 62 72.19 46.42 -8.63
C HIS H 62 71.52 47.40 -9.59
N PRO H 63 71.93 47.43 -10.87
CA PRO H 63 71.36 48.39 -11.83
C PRO H 63 69.83 48.45 -11.82
N GLN H 64 69.15 47.32 -11.70
CA GLN H 64 67.71 47.28 -11.65
C GLN H 64 67.24 46.61 -10.36
N GLU H 65 67.89 46.95 -9.24
CA GLU H 65 67.58 46.30 -7.97
C GLU H 65 66.16 46.64 -7.52
N ASP H 66 65.80 47.92 -7.58
CA ASP H 66 64.47 48.34 -7.18
C ASP H 66 63.40 47.71 -8.06
N GLY H 67 63.71 47.48 -9.33
CA GLY H 67 62.76 46.86 -10.24
C GLY H 67 62.63 45.37 -10.03
N LEU H 68 63.75 44.70 -9.75
CA LEU H 68 63.70 43.26 -9.53
C LEU H 68 63.07 42.93 -8.17
N ASP H 69 63.33 43.76 -7.15
CA ASP H 69 62.72 43.53 -5.85
C ASP H 69 61.20 43.55 -5.94
N LYS H 70 60.66 44.49 -6.72
CA LYS H 70 59.21 44.57 -6.89
C LYS H 70 58.68 43.37 -7.68
N GLU H 71 59.47 42.84 -8.61
CA GLU H 71 59.05 41.67 -9.38
C GLU H 71 59.26 40.38 -8.60
N ILE H 72 60.23 40.37 -7.69
CA ILE H 72 60.45 39.20 -6.85
C ILE H 72 59.32 39.06 -5.84
N LYS H 73 59.03 40.15 -5.11
CA LYS H 73 57.97 40.14 -4.12
C LYS H 73 56.63 39.76 -4.74
N GLU H 74 56.36 40.24 -5.95
CA GLU H 74 55.13 39.87 -6.65
C GLU H 74 55.11 38.38 -6.94
N SER H 75 56.24 37.82 -7.40
CA SER H 75 56.30 36.41 -7.73
C SER H 75 56.27 35.53 -6.48
N LEU H 76 56.79 36.02 -5.35
CA LEU H 76 56.71 35.25 -4.12
C LEU H 76 55.27 35.14 -3.62
N LEU H 77 54.53 36.24 -3.69
CA LEU H 77 53.14 36.22 -3.24
C LEU H 77 52.28 35.34 -4.14
N LYS H 78 52.65 35.23 -5.42
CA LYS H 78 51.94 34.32 -6.30
C LYS H 78 52.20 32.88 -5.90
N CYS H 79 53.44 32.58 -5.49
CA CYS H 79 53.76 31.25 -5.02
C CYS H 79 53.10 30.96 -3.68
N GLN H 80 52.99 31.97 -2.82
CA GLN H 80 52.35 31.80 -1.52
C GLN H 80 50.89 31.44 -1.69
N SER H 81 50.18 32.19 -2.54
CA SER H 81 48.78 31.87 -2.83
C SER H 81 48.65 30.47 -3.40
N LEU H 82 49.58 30.07 -4.28
CA LEU H 82 49.52 28.74 -4.87
C LEU H 82 49.77 27.65 -3.83
N GLN H 83 50.67 27.90 -2.88
CA GLN H 83 50.96 26.89 -1.87
C GLN H 83 49.78 26.72 -0.92
N ARG H 84 49.17 27.83 -0.53
CA ARG H 84 47.98 27.77 0.32
C ARG H 84 46.87 26.95 -0.31
N GLU H 85 46.67 27.11 -1.63
CA GLU H 85 45.64 26.33 -2.31
C GLU H 85 45.96 24.84 -2.22
N LYS H 86 47.24 24.49 -2.27
CA LYS H 86 47.65 23.09 -2.13
C LYS H 86 47.43 22.60 -0.71
N CYS H 87 47.65 23.47 0.28
CA CYS H 87 47.41 23.09 1.67
C CYS H 87 45.94 22.79 1.89
N VAL H 88 45.06 23.70 1.46
CA VAL H 88 43.62 23.48 1.55
C VAL H 88 43.25 22.17 0.89
N LEU H 89 43.72 21.94 -0.34
CA LEU H 89 43.43 20.69 -1.04
C LEU H 89 43.89 19.48 -0.25
N ALA H 90 45.13 19.50 0.22
CA ALA H 90 45.67 18.35 0.96
C ALA H 90 44.91 18.14 2.26
N ASN H 91 44.39 19.21 2.85
CA ASN H 91 43.67 19.09 4.12
C ASN H 91 42.30 18.43 3.93
N THR H 92 41.59 18.76 2.85
CA THR H 92 40.27 18.15 2.63
C THR H 92 40.40 16.66 2.43
N ALA H 93 41.42 16.22 1.69
CA ALA H 93 41.67 14.80 1.53
C ALA H 93 41.93 14.14 2.88
N LEU H 94 42.74 14.78 3.71
CA LEU H 94 42.97 14.26 5.06
C LEU H 94 41.69 14.31 5.88
N PHE H 95 40.97 15.43 5.82
CA PHE H 95 39.73 15.58 6.57
C PHE H 95 38.70 14.54 6.17
N LEU H 96 38.55 14.27 4.87
CA LEU H 96 37.58 13.28 4.42
C LEU H 96 37.90 11.89 4.97
N ILE H 97 39.12 11.41 4.72
CA ILE H 97 39.47 10.04 5.13
C ILE H 97 39.49 9.91 6.64
N ALA H 98 39.92 10.94 7.36
CA ALA H 98 39.97 10.86 8.82
C ALA H 98 38.56 10.74 9.39
N ARG H 99 37.61 11.49 8.82
CA ARG H 99 36.26 11.49 9.35
C ARG H 99 35.57 10.17 9.09
N HIS H 100 35.76 9.60 7.89
CA HIS H 100 35.21 8.28 7.61
C HIS H 100 35.83 7.22 8.52
N LEU H 101 37.14 7.32 8.76
CA LEU H 101 37.80 6.36 9.64
C LEU H 101 37.27 6.44 11.06
N ASN H 102 37.06 7.65 11.58
CA ASN H 102 36.57 7.79 12.94
C ASN H 102 35.15 7.24 13.09
N LYS H 103 34.29 7.48 12.09
CA LYS H 103 32.94 6.92 12.14
C LYS H 103 33.00 5.39 12.12
N LEU H 104 33.85 4.81 11.27
CA LEU H 104 34.00 3.36 11.26
C LEU H 104 34.56 2.87 12.59
N GLU H 105 35.53 3.58 13.15
CA GLU H 105 36.13 3.14 14.41
C GLU H 105 35.14 3.19 15.56
N LYS H 106 34.26 4.20 15.59
CA LYS H 106 33.23 4.22 16.63
C LYS H 106 32.17 3.15 16.41
N ASN H 107 31.84 2.85 15.16
CA ASN H 107 30.90 1.77 14.89
C ASN H 107 31.50 0.44 15.32
N ILE H 108 32.79 0.23 15.04
CA ILE H 108 33.46 -0.99 15.50
C ILE H 108 33.47 -1.06 17.02
N ALA H 109 33.58 0.10 17.69
CA ALA H 109 33.55 0.10 19.15
C ALA H 109 32.18 -0.34 19.67
N LEU H 110 31.10 0.10 19.04
CA LEU H 110 29.77 -0.27 19.50
C LEU H 110 29.48 -1.74 19.19
N LEU H 111 29.94 -2.23 18.03
CA LEU H 111 29.80 -3.64 17.71
C LEU H 111 30.52 -4.52 18.74
N GLU H 112 31.64 -4.02 19.29
CA GLU H 112 32.37 -4.77 20.30
C GLU H 112 31.70 -4.69 21.67
N GLU H 113 30.90 -3.64 21.92
CA GLU H 113 30.17 -3.56 23.18
C GLU H 113 29.03 -4.57 23.21
N ASP H 114 28.48 -4.90 22.04
CA ASP H 114 27.64 -6.09 21.92
C ASP H 114 28.57 -7.27 21.66
N GLY H 115 28.01 -8.45 21.39
CA GLY H 115 28.86 -9.58 21.08
C GLY H 115 29.12 -9.77 19.61
N VAL H 116 28.51 -8.93 18.77
CA VAL H 116 28.40 -9.20 17.34
C VAL H 116 29.72 -9.19 16.58
N LEU H 117 30.75 -8.51 17.07
CA LEU H 117 31.99 -8.33 16.30
C LEU H 117 33.10 -9.27 16.77
N ALA H 118 33.68 -9.99 15.83
CA ALA H 118 34.75 -10.93 16.13
C ALA H 118 36.06 -10.20 16.41
N PRO H 119 36.96 -10.82 17.17
CA PRO H 119 38.30 -10.24 17.38
C PRO H 119 39.10 -10.26 16.09
N VAL H 120 40.28 -9.62 16.15
CA VAL H 120 41.13 -9.46 14.97
C VAL H 120 41.67 -10.80 14.50
N MET I 1 70.98 58.28 16.29
CA MET I 1 71.30 57.46 15.12
C MET I 1 71.75 56.07 15.55
N THR I 2 71.98 55.90 16.85
CA THR I 2 72.33 54.59 17.39
C THR I 2 71.17 53.60 17.29
N ASP I 3 69.94 54.10 17.19
CA ASP I 3 68.79 53.21 17.02
C ASP I 3 68.89 52.45 15.71
N GLU I 4 69.41 53.10 14.68
CA GLU I 4 69.54 52.46 13.37
C GLU I 4 70.59 51.36 13.38
N LEU I 5 71.65 51.50 14.19
CA LEU I 5 72.62 50.42 14.30
C LEU I 5 72.11 49.30 15.21
N LYS I 6 71.28 49.64 16.21
CA LYS I 6 70.72 48.60 17.08
C LYS I 6 69.65 47.81 16.35
N SER I 7 68.86 48.46 15.50
CA SER I 7 67.93 47.74 14.63
C SER I 7 68.68 46.78 13.72
N TYR I 8 69.86 47.21 13.24
CA TYR I 8 70.68 46.38 12.35
C TYR I 8 71.21 45.15 13.07
N GLU I 9 71.57 45.28 14.35
CA GLU I 9 72.01 44.10 15.11
C GLU I 9 70.85 43.15 15.35
N ALA I 10 69.63 43.69 15.51
CA ALA I 10 68.46 42.85 15.72
C ALA I 10 68.04 42.17 14.42
N LEU I 11 67.96 42.92 13.32
CA LEU I 11 67.51 42.34 12.06
C LEU I 11 68.48 41.26 11.58
N LYS I 12 69.78 41.46 11.78
CA LYS I 12 70.74 40.42 11.41
C LYS I 12 70.52 39.16 12.23
N ALA I 13 70.33 39.31 13.54
CA ALA I 13 70.10 38.16 14.40
C ALA I 13 68.79 37.49 14.07
N GLU I 14 67.76 38.29 13.76
CA GLU I 14 66.48 37.74 13.35
C GLU I 14 66.61 37.00 12.02
N LEU I 15 67.56 37.41 11.17
CA LEU I 15 67.81 36.76 9.89
C LEU I 15 68.61 35.47 10.05
N LYS I 16 69.53 35.42 11.01
CA LYS I 16 70.23 34.17 11.29
C LYS I 16 69.23 33.06 11.59
N LYS I 17 68.23 33.36 12.41
CA LYS I 17 67.25 32.37 12.82
C LYS I 17 66.28 32.07 11.69
N SER I 18 65.85 33.10 10.96
CA SER I 18 64.93 32.89 9.84
C SER I 18 65.57 32.05 8.75
N LEU I 19 66.88 32.19 8.54
CA LEU I 19 67.58 31.31 7.61
C LEU I 19 67.64 29.88 8.14
N GLN I 20 67.83 29.74 9.46
CA GLN I 20 67.91 28.42 10.08
C GLN I 20 66.59 27.67 9.96
N ASP I 21 65.48 28.39 10.16
CA ASP I 21 64.15 27.79 9.97
C ASP I 21 63.97 27.30 8.54
N ARG I 22 64.40 28.11 7.57
CA ARG I 22 64.28 27.75 6.17
C ARG I 22 65.04 26.46 5.87
N ARG I 23 66.21 26.29 6.46
CA ARG I 23 66.99 25.07 6.28
C ARG I 23 66.30 23.88 6.95
N GLU I 24 65.73 24.10 8.13
CA GLU I 24 65.02 23.04 8.84
C GLU I 24 63.83 22.53 8.04
N GLN I 25 63.07 23.45 7.43
CA GLN I 25 61.92 23.04 6.62
C GLN I 25 62.36 22.27 5.38
N GLU I 26 63.43 22.70 4.72
CA GLU I 26 63.94 21.95 3.57
C GLU I 26 64.29 20.52 3.93
N ASP I 27 64.78 20.29 5.16
CA ASP I 27 65.20 18.95 5.53
C ASP I 27 63.99 18.10 5.90
N THR I 28 63.00 18.69 6.57
CA THR I 28 61.80 17.95 6.88
C THR I 28 61.01 17.62 5.62
N PHE I 29 61.04 18.52 4.64
CA PHE I 29 60.37 18.27 3.37
C PHE I 29 60.96 17.07 2.64
N ASP I 30 62.29 16.98 2.58
CA ASP I 30 62.90 15.87 1.85
C ASP I 30 62.57 14.53 2.49
N ASN I 31 62.47 14.51 3.82
CA ASN I 31 62.12 13.27 4.52
C ASN I 31 60.70 12.85 4.18
N LEU I 32 59.77 13.81 4.18
CA LEU I 32 58.37 13.52 3.93
C LEU I 32 58.16 12.84 2.58
N GLN I 33 58.72 13.43 1.51
CA GLN I 33 58.54 12.87 0.17
C GLN I 33 59.06 11.44 0.08
N GLN I 34 60.16 11.14 0.76
CA GLN I 34 60.67 9.77 0.77
C GLN I 34 59.75 8.86 1.56
N GLU I 35 59.29 9.34 2.73
CA GLU I 35 58.35 8.57 3.54
C GLU I 35 57.09 8.24 2.75
N ILE I 36 56.57 9.22 2.00
CA ILE I 36 55.39 8.99 1.18
C ILE I 36 55.64 7.89 0.15
N TYR I 37 56.79 7.95 -0.52
CA TYR I 37 57.12 6.96 -1.53
C TYR I 37 57.24 5.56 -0.92
N ASP I 38 57.89 5.47 0.25
CA ASP I 38 58.06 4.17 0.89
C ASP I 38 56.74 3.62 1.39
N LYS I 39 55.86 4.49 1.89
CA LYS I 39 54.56 4.04 2.37
C LYS I 39 53.69 3.58 1.21
N GLU I 40 53.84 4.19 0.04
CA GLU I 40 53.15 3.70 -1.15
C GLU I 40 53.56 2.26 -1.44
N THR I 41 54.82 1.94 -1.20
CA THR I 41 55.36 0.61 -1.49
C THR I 41 54.93 -0.41 -0.43
N GLU I 42 54.95 0.01 0.84
CA GLU I 42 54.59 -0.90 1.93
C GLU I 42 53.12 -1.30 1.87
N TYR I 43 52.25 -0.37 1.49
CA TYR I 43 50.81 -0.59 1.55
C TYR I 43 50.27 -1.20 0.26
N PHE I 44 50.87 -0.89 -0.88
CA PHE I 44 50.41 -1.35 -2.18
C PHE I 44 51.44 -2.31 -2.75
N SER I 45 51.46 -2.47 -4.07
CA SER I 45 52.37 -3.37 -4.77
C SER I 45 52.32 -4.77 -4.19
N HIS I 46 51.12 -5.35 -4.19
CA HIS I 46 50.89 -6.68 -3.65
C HIS I 46 49.55 -7.24 -4.12
N TYR I 65 41.17 -10.30 0.16
CA TYR I 65 40.69 -8.93 0.02
C TYR I 65 41.79 -8.05 -0.59
N SER I 66 41.41 -7.17 -1.51
CA SER I 66 42.38 -6.32 -2.21
C SER I 66 41.70 -5.00 -2.59
N GLY I 67 41.40 -4.18 -1.60
CA GLY I 67 40.82 -2.87 -1.81
C GLY I 67 41.80 -1.77 -1.42
N ASN I 68 41.82 -0.70 -2.18
CA ASN I 68 42.73 0.41 -1.95
C ASN I 68 41.97 1.72 -2.13
N ILE I 69 42.72 2.83 -2.05
CA ILE I 69 42.25 4.08 -2.62
C ILE I 69 42.69 4.14 -4.08
N ILE I 70 43.67 3.32 -4.46
CA ILE I 70 44.14 3.28 -5.82
C ILE I 70 43.12 2.62 -6.72
N LYS I 71 42.62 1.46 -6.29
CA LYS I 71 41.68 0.67 -7.07
C LYS I 71 40.24 0.89 -6.66
N GLY I 72 39.97 0.96 -5.36
CA GLY I 72 38.61 1.08 -4.87
C GLY I 72 38.38 0.16 -3.69
N PHE I 73 37.30 0.37 -2.94
CA PHE I 73 37.05 -0.39 -1.72
C PHE I 73 36.00 -1.47 -1.87
N ASP I 74 35.08 -1.33 -2.83
CA ASP I 74 33.93 -2.23 -2.96
C ASP I 74 34.34 -3.46 -3.78
N THR I 75 34.97 -4.41 -3.09
CA THR I 75 35.41 -5.64 -3.75
C THR I 75 34.40 -6.78 -3.64
N PHE I 76 33.42 -6.67 -2.75
CA PHE I 76 32.52 -7.79 -2.47
C PHE I 76 31.41 -7.89 -3.51
N SER I 86 45.94 -3.42 -11.40
CA SER I 86 46.12 -4.70 -10.75
C SER I 86 47.58 -4.94 -10.37
N ALA I 87 48.49 -4.40 -11.17
CA ALA I 87 49.93 -4.56 -10.93
C ALA I 87 50.54 -3.42 -10.11
N PHE I 88 49.76 -2.42 -9.71
CA PHE I 88 50.25 -1.20 -9.08
C PHE I 88 51.47 -0.66 -9.81
N ASN I 89 51.24 -0.01 -10.95
CA ASN I 89 52.29 0.68 -11.67
C ASN I 89 52.70 1.94 -10.90
N ASN I 90 53.90 2.45 -11.20
CA ASN I 90 54.29 3.72 -10.59
C ASN I 90 53.42 4.88 -11.06
N ASN I 91 52.54 4.64 -12.04
CA ASN I 91 51.52 5.62 -12.40
C ASN I 91 50.39 5.64 -11.40
N ASP I 92 50.35 4.66 -10.49
CA ASP I 92 49.35 4.57 -9.44
C ASP I 92 49.82 5.19 -8.13
N ARG I 93 51.03 5.73 -8.11
CA ARG I 93 51.56 6.40 -6.92
C ARG I 93 50.99 7.82 -6.85
N ILE I 94 49.67 7.88 -6.64
CA ILE I 94 48.94 9.14 -6.72
C ILE I 94 49.42 10.14 -5.68
N PHE I 95 49.98 9.66 -4.57
CA PHE I 95 50.44 10.56 -3.52
C PHE I 95 51.78 11.20 -3.88
N SER I 96 52.71 10.41 -4.45
CA SER I 96 53.99 10.97 -4.86
C SER I 96 53.83 11.90 -6.06
N LEU I 97 52.98 11.53 -7.02
CA LEU I 97 52.79 12.32 -8.24
C LEU I 97 52.08 13.65 -7.99
N SER I 98 51.75 13.96 -6.74
CA SER I 98 51.12 15.23 -6.40
C SER I 98 52.14 16.32 -6.13
N SER I 99 53.43 15.98 -6.17
CA SER I 99 54.51 16.95 -6.07
C SER I 99 55.27 16.97 -7.38
N ALA I 100 55.39 18.15 -7.98
CA ALA I 100 56.15 18.26 -9.22
C ALA I 100 57.62 17.94 -9.01
N THR I 101 58.10 18.01 -7.77
CA THR I 101 59.49 17.69 -7.46
C THR I 101 59.78 16.21 -7.68
N TYR I 102 58.77 15.35 -7.54
CA TYR I 102 58.93 13.92 -7.78
C TYR I 102 58.71 13.57 -9.25
N VAL I 103 57.97 14.41 -9.98
CA VAL I 103 57.83 14.22 -11.42
C VAL I 103 59.17 14.47 -12.11
N LYS I 104 59.88 15.51 -11.68
CA LYS I 104 61.19 15.81 -12.26
C LYS I 104 62.25 14.82 -11.82
N GLN I 105 62.09 14.25 -10.63
CA GLN I 105 63.06 13.27 -10.11
C GLN I 105 62.89 11.90 -10.75
N GLN I 106 61.71 11.60 -11.27
CA GLN I 106 61.44 10.28 -11.86
C GLN I 106 61.27 10.39 -13.37
N MET J 1 -76.95 14.33 49.87
CA MET J 1 -76.50 15.61 49.31
C MET J 1 -75.42 16.24 50.18
N THR J 2 -75.19 15.66 51.37
CA THR J 2 -74.08 16.12 52.19
C THR J 2 -72.76 15.80 51.52
N ASP J 3 -72.75 14.81 50.62
CA ASP J 3 -71.55 14.49 49.86
C ASP J 3 -71.16 15.66 48.95
N GLU J 4 -72.15 16.36 48.39
CA GLU J 4 -71.87 17.52 47.56
C GLU J 4 -71.28 18.64 48.39
N LEU J 5 -71.67 18.72 49.67
CA LEU J 5 -71.04 19.67 50.58
C LEU J 5 -69.64 19.19 50.94
N LYS J 6 -69.41 17.88 50.91
CA LYS J 6 -68.09 17.33 51.18
C LYS J 6 -67.13 17.61 50.03
N SER J 7 -67.62 17.52 48.79
CA SER J 7 -66.80 17.90 47.64
C SER J 7 -66.42 19.37 47.70
N TYR J 8 -67.35 20.22 48.11
CA TYR J 8 -67.04 21.64 48.26
C TYR J 8 -66.07 21.87 49.40
N GLU J 9 -66.23 21.12 50.50
CA GLU J 9 -65.30 21.21 51.61
C GLU J 9 -63.93 20.64 51.26
N ALA J 10 -63.91 19.58 50.44
CA ALA J 10 -62.64 18.98 50.05
C ALA J 10 -61.92 19.85 49.02
N LEU J 11 -62.65 20.31 48.01
CA LEU J 11 -62.02 21.10 46.94
C LEU J 11 -61.43 22.39 47.47
N LYS J 12 -62.08 23.01 48.47
CA LYS J 12 -61.54 24.23 49.06
C LYS J 12 -60.18 23.96 49.71
N ALA J 13 -60.06 22.86 50.47
CA ALA J 13 -58.78 22.52 51.07
C ALA J 13 -57.77 22.11 50.01
N GLU J 14 -58.23 21.39 48.98
CA GLU J 14 -57.35 20.97 47.90
C GLU J 14 -56.81 22.14 47.09
N LEU J 15 -57.58 23.22 46.97
CA LEU J 15 -57.14 24.36 46.18
C LEU J 15 -56.18 25.26 46.95
N LYS J 16 -56.35 25.37 48.28
CA LYS J 16 -55.38 26.10 49.08
C LYS J 16 -54.01 25.46 48.98
N LYS J 17 -53.97 24.13 48.93
CA LYS J 17 -52.70 23.42 48.76
C LYS J 17 -52.13 23.65 47.36
N SER J 18 -53.00 23.61 46.34
CA SER J 18 -52.54 23.85 44.97
C SER J 18 -52.07 25.28 44.78
N LEU J 19 -52.70 26.24 45.47
CA LEU J 19 -52.21 27.62 45.43
C LEU J 19 -50.86 27.75 46.11
N GLN J 20 -50.67 27.03 47.22
CA GLN J 20 -49.41 27.11 47.94
C GLN J 20 -48.26 26.56 47.10
N ASP J 21 -48.50 25.47 46.38
CA ASP J 21 -47.50 24.97 45.44
C ASP J 21 -47.20 26.00 44.37
N ARG J 22 -48.25 26.67 43.86
CA ARG J 22 -48.07 27.70 42.84
C ARG J 22 -47.17 28.82 43.34
N ARG J 23 -47.36 29.24 44.59
CA ARG J 23 -46.53 30.31 45.15
C ARG J 23 -45.10 29.85 45.35
N GLU J 24 -44.91 28.62 45.81
CA GLU J 24 -43.56 28.11 46.03
C GLU J 24 -42.78 28.02 44.72
N GLN J 25 -43.42 27.57 43.63
CA GLN J 25 -42.73 27.51 42.36
C GLN J 25 -42.34 28.90 41.86
N GLU J 26 -43.20 29.90 42.04
CA GLU J 26 -42.82 31.26 41.69
C GLU J 26 -41.58 31.70 42.45
N ASP J 27 -41.42 31.24 43.68
CA ASP J 27 -40.36 31.76 44.53
C ASP J 27 -39.00 31.17 44.15
N THR J 28 -38.95 29.88 43.81
CA THR J 28 -37.68 29.31 43.37
C THR J 28 -37.30 29.83 41.99
N PHE J 29 -38.28 30.10 41.13
CA PHE J 29 -37.99 30.62 39.80
C PHE J 29 -37.23 31.94 39.88
N ASP J 30 -37.65 32.83 40.78
CA ASP J 30 -36.95 34.10 40.93
C ASP J 30 -35.52 33.87 41.40
N ASN J 31 -35.30 32.84 42.23
CA ASN J 31 -33.94 32.53 42.68
C ASN J 31 -33.09 32.03 41.51
N LEU J 32 -33.63 31.08 40.73
CA LEU J 32 -32.90 30.56 39.57
C LEU J 32 -32.57 31.68 38.59
N GLN J 33 -33.55 32.55 38.31
CA GLN J 33 -33.36 33.61 37.33
C GLN J 33 -32.16 34.47 37.70
N GLN J 34 -31.98 34.74 39.00
CA GLN J 34 -30.82 35.48 39.49
C GLN J 34 -29.57 34.60 39.50
N GLU J 35 -29.71 33.35 39.96
CA GLU J 35 -28.57 32.45 40.04
C GLU J 35 -27.90 32.25 38.69
N ILE J 36 -28.70 32.10 37.63
CA ILE J 36 -28.15 31.97 36.28
C ILE J 36 -27.34 33.21 35.92
N TYR J 37 -27.91 34.39 36.20
CA TYR J 37 -27.22 35.64 35.90
C TYR J 37 -25.93 35.77 36.70
N ASP J 38 -25.98 35.46 38.00
CA ASP J 38 -24.78 35.59 38.83
C ASP J 38 -23.72 34.58 38.44
N LYS J 39 -24.14 33.37 38.08
CA LYS J 39 -23.17 32.36 37.66
C LYS J 39 -22.53 32.72 36.33
N GLU J 40 -23.28 33.40 35.45
CA GLU J 40 -22.69 33.92 34.21
C GLU J 40 -21.58 34.92 34.50
N THR J 41 -21.76 35.73 35.55
CA THR J 41 -20.78 36.75 35.88
C THR J 41 -19.54 36.14 36.51
N GLU J 42 -19.76 35.17 37.39
CA GLU J 42 -18.64 34.52 38.09
C GLU J 42 -17.76 33.75 37.12
N TYR J 43 -18.36 33.12 36.11
CA TYR J 43 -17.61 32.22 35.24
C TYR J 43 -17.08 32.91 33.98
N PHE J 44 -17.80 33.88 33.42
CA PHE J 44 -17.42 34.50 32.14
C PHE J 44 -17.06 35.97 32.30
N SER J 45 -16.51 36.36 33.45
CA SER J 45 -16.21 37.77 33.70
C SER J 45 -15.18 38.30 32.71
N HIS J 46 -13.96 37.77 32.75
CA HIS J 46 -12.86 38.26 31.93
C HIS J 46 -13.14 38.05 30.43
N TYR J 65 -5.50 29.75 29.83
CA TYR J 65 -6.58 29.12 29.06
C TYR J 65 -7.85 29.94 29.18
N SER J 66 -8.60 30.06 28.07
CA SER J 66 -9.81 30.88 28.04
C SER J 66 -10.82 30.29 27.05
N GLY J 67 -11.39 29.14 27.42
CA GLY J 67 -12.40 28.47 26.61
C GLY J 67 -13.75 28.50 27.32
N ASN J 68 -14.81 28.67 26.54
CA ASN J 68 -16.18 28.72 27.08
C ASN J 68 -17.09 27.92 26.17
N ILE J 69 -18.39 27.95 26.48
CA ILE J 69 -19.41 27.62 25.49
C ILE J 69 -19.83 28.88 24.75
N ILE J 70 -19.52 30.06 25.29
CA ILE J 70 -19.85 31.30 24.62
C ILE J 70 -18.95 31.49 23.41
N LYS J 71 -17.64 31.34 23.61
CA LYS J 71 -16.63 31.60 22.60
C LYS J 71 -16.17 30.33 21.90
N GLY J 72 -15.97 29.26 22.65
CA GLY J 72 -15.45 28.01 22.13
C GLY J 72 -14.40 27.47 23.09
N PHE J 73 -14.07 26.19 22.92
CA PHE J 73 -13.14 25.52 23.82
C PHE J 73 -11.75 25.39 23.25
N ASP J 74 -11.60 25.47 21.94
CA ASP J 74 -10.36 25.18 21.23
C ASP J 74 -9.45 26.41 21.26
N THR J 75 -8.66 26.53 22.32
CA THR J 75 -7.71 27.62 22.45
C THR J 75 -6.37 27.25 21.82
N PHE J 76 -6.16 25.96 21.57
CA PHE J 76 -4.88 25.40 21.13
C PHE J 76 -4.75 25.52 19.62
N SER J 77 -4.14 26.62 19.17
CA SER J 77 -3.80 26.81 17.77
C SER J 77 -2.87 28.01 17.61
N SER J 86 -14.17 39.03 21.73
CA SER J 86 -13.12 38.58 22.64
C SER J 86 -13.51 38.85 24.10
N ALA J 87 -14.25 39.93 24.32
CA ALA J 87 -14.71 40.27 25.66
C ALA J 87 -16.11 39.71 25.87
N PHE J 88 -16.66 39.92 27.06
CA PHE J 88 -17.93 39.31 27.47
C PHE J 88 -19.02 40.39 27.53
N ASN J 89 -19.60 40.69 26.37
CA ASN J 89 -20.74 41.58 26.34
C ASN J 89 -21.94 40.94 27.02
N ASN J 90 -22.86 41.80 27.50
CA ASN J 90 -24.10 41.28 28.06
C ASN J 90 -25.00 40.65 27.00
N ASN J 91 -24.64 40.79 25.73
CA ASN J 91 -25.30 40.09 24.63
C ASN J 91 -24.83 38.65 24.52
N ASP J 92 -23.80 38.27 25.26
CA ASP J 92 -23.26 36.91 25.26
C ASP J 92 -23.81 36.07 26.40
N ARG J 93 -24.74 36.62 27.20
CA ARG J 93 -25.36 35.89 28.30
C ARG J 93 -26.48 34.99 27.76
N ILE J 94 -26.06 33.98 26.99
CA ILE J 94 -27.01 33.14 26.25
C ILE J 94 -27.97 32.40 27.18
N PHE J 95 -27.58 32.19 28.45
CA PHE J 95 -28.47 31.48 29.37
C PHE J 95 -29.58 32.39 29.87
N SER J 96 -29.25 33.63 30.22
CA SER J 96 -30.27 34.57 30.69
C SER J 96 -31.22 34.94 29.56
N LEU J 97 -30.69 35.14 28.35
CA LEU J 97 -31.48 35.55 27.20
C LEU J 97 -32.41 34.46 26.71
N SER J 98 -32.43 33.29 27.34
CA SER J 98 -33.33 32.22 26.97
C SER J 98 -34.67 32.30 27.70
N SER J 99 -34.80 33.26 28.61
CA SER J 99 -36.07 33.55 29.28
C SER J 99 -36.54 34.93 28.86
N ALA J 100 -37.78 35.00 28.35
CA ALA J 100 -38.33 36.30 27.95
C ALA J 100 -38.50 37.24 29.13
N THR J 101 -38.51 36.72 30.35
CA THR J 101 -38.65 37.57 31.54
C THR J 101 -37.41 38.44 31.74
N TYR J 102 -36.25 37.98 31.29
CA TYR J 102 -35.02 38.77 31.38
C TYR J 102 -34.83 39.64 30.14
N MET K 1 -0.13 -21.63 17.28
CA MET K 1 -0.91 -22.85 17.29
C MET K 1 -2.38 -22.58 17.57
N ASP K 2 -3.23 -22.93 16.62
CA ASP K 2 -4.66 -22.62 16.70
C ASP K 2 -5.46 -23.75 16.08
N PRO K 3 -6.40 -24.36 16.82
CA PRO K 3 -7.20 -25.44 16.23
C PRO K 3 -8.00 -24.99 15.02
N SER K 4 -8.54 -23.77 15.07
CA SER K 4 -9.29 -23.25 13.93
C SER K 4 -8.40 -23.02 12.73
N LEU K 5 -7.11 -22.76 12.96
CA LEU K 5 -6.16 -22.60 11.87
C LEU K 5 -5.77 -23.94 11.26
N VAL K 6 -5.57 -24.95 12.12
CA VAL K 6 -5.27 -26.29 11.62
C VAL K 6 -6.49 -26.89 10.91
N LEU K 7 -7.68 -26.65 11.44
CA LEU K 7 -8.90 -27.13 10.80
C LEU K 7 -9.06 -26.51 9.42
N GLU K 8 -8.97 -25.17 9.33
CA GLU K 8 -9.03 -24.50 8.04
C GLU K 8 -8.00 -25.07 7.08
N GLN K 9 -6.79 -25.33 7.57
CA GLN K 9 -5.72 -25.82 6.70
C GLN K 9 -5.99 -27.26 6.27
N THR K 10 -6.45 -28.10 7.20
CA THR K 10 -6.71 -29.50 6.88
C THR K 10 -7.90 -29.62 5.93
N ILE K 11 -8.92 -28.79 6.11
CA ILE K 11 -10.10 -28.83 5.24
C ILE K 11 -9.70 -28.56 3.80
N GLN K 12 -8.88 -27.52 3.58
CA GLN K 12 -8.45 -27.18 2.23
C GLN K 12 -7.56 -28.27 1.63
N ASP K 13 -6.69 -28.87 2.45
CA ASP K 13 -5.76 -29.87 1.93
C ASP K 13 -6.44 -31.15 1.49
N VAL K 14 -7.61 -31.47 2.03
CA VAL K 14 -8.34 -32.70 1.69
C VAL K 14 -9.59 -32.41 0.87
N SER K 15 -9.75 -31.17 0.38
CA SER K 15 -11.01 -30.78 -0.26
C SER K 15 -11.29 -31.58 -1.53
N ASN K 16 -10.26 -31.85 -2.32
CA ASN K 16 -10.44 -32.54 -3.60
C ASN K 16 -10.20 -34.03 -3.49
N LEU K 17 -9.93 -34.54 -2.28
CA LEU K 17 -9.67 -35.95 -2.03
C LEU K 17 -10.89 -36.83 -2.30
N PRO K 18 -12.10 -36.46 -1.86
CA PRO K 18 -13.26 -37.30 -2.22
C PRO K 18 -13.48 -37.40 -3.71
N SER K 19 -13.23 -36.32 -4.46
CA SER K 19 -13.33 -36.38 -5.91
C SER K 19 -12.23 -37.28 -6.48
N GLU K 20 -11.05 -37.26 -5.85
CA GLU K 20 -9.94 -38.08 -6.33
C GLU K 20 -10.21 -39.56 -6.09
N PHE K 21 -10.81 -39.90 -4.95
CA PHE K 21 -11.08 -41.30 -4.65
C PHE K 21 -12.04 -41.92 -5.66
N ARG K 22 -13.08 -41.18 -6.03
CA ARG K 22 -14.01 -41.65 -7.05
C ARG K 22 -13.29 -41.88 -8.37
N TYR K 23 -12.52 -40.88 -8.81
CA TYR K 23 -11.78 -40.97 -10.06
C TYR K 23 -10.85 -42.18 -10.08
N LEU K 24 -10.21 -42.48 -8.95
CA LEU K 24 -9.29 -43.60 -8.87
C LEU K 24 -10.02 -44.93 -8.81
N LEU K 25 -11.02 -45.03 -7.92
CA LEU K 25 -11.74 -46.30 -7.74
C LEU K 25 -12.48 -46.70 -9.02
N GLU K 26 -13.12 -45.74 -9.68
CA GLU K 26 -13.83 -46.06 -10.91
C GLU K 26 -12.88 -46.38 -12.05
N GLU K 27 -11.60 -46.00 -11.93
CA GLU K 27 -10.58 -46.46 -12.86
C GLU K 27 -10.11 -47.86 -12.51
N ILE K 28 -10.25 -48.26 -11.24
CA ILE K 28 -9.97 -49.63 -10.86
C ILE K 28 -11.06 -50.56 -11.36
N GLY K 29 -12.32 -50.18 -11.12
CA GLY K 29 -13.44 -50.99 -11.58
C GLY K 29 -13.48 -51.14 -13.08
N SER K 30 -13.09 -50.09 -13.82
CA SER K 30 -13.05 -50.19 -15.27
C SER K 30 -12.01 -51.20 -15.73
N ASN K 31 -10.92 -51.35 -14.96
CA ASN K 31 -9.92 -52.35 -15.28
C ASN K 31 -10.29 -53.74 -14.78
N ASP K 32 -11.20 -53.84 -13.80
CA ASP K 32 -11.63 -55.15 -13.34
C ASP K 32 -12.59 -55.78 -14.34
N LEU K 33 -13.34 -54.96 -15.09
CA LEU K 33 -14.09 -55.47 -16.22
C LEU K 33 -13.14 -55.98 -17.30
N LYS K 34 -12.11 -55.20 -17.62
CA LYS K 34 -11.12 -55.63 -18.59
C LYS K 34 -10.38 -56.87 -18.10
N LEU K 35 -10.14 -56.97 -16.79
CA LEU K 35 -9.46 -58.15 -16.24
C LEU K 35 -10.32 -59.39 -16.36
N ILE K 36 -11.61 -59.28 -16.01
CA ILE K 36 -12.50 -60.44 -16.01
C ILE K 36 -12.68 -60.98 -17.43
N GLU K 37 -12.88 -60.10 -18.40
CA GLU K 37 -13.07 -60.55 -19.78
C GLU K 37 -11.81 -61.23 -20.31
N GLU K 38 -10.64 -60.81 -19.86
CA GLU K 38 -9.40 -61.46 -20.26
C GLU K 38 -9.19 -62.76 -19.51
N LYS K 39 -9.91 -62.95 -18.40
CA LYS K 39 -9.85 -64.22 -17.68
C LYS K 39 -10.57 -65.31 -18.46
N LYS K 40 -11.75 -64.97 -19.00
CA LYS K 40 -12.47 -65.91 -19.85
C LYS K 40 -11.63 -66.34 -21.04
N LYS K 41 -10.84 -65.41 -21.57
CA LYS K 41 -10.03 -65.66 -22.75
C LYS K 41 -8.92 -66.68 -22.52
N TYR K 42 -8.65 -67.04 -21.26
CA TYR K 42 -7.68 -68.10 -20.98
C TYR K 42 -8.25 -69.20 -20.12
N GLU K 43 -9.27 -68.90 -19.32
CA GLU K 43 -9.92 -69.96 -18.55
C GLU K 43 -10.60 -70.94 -19.48
N GLN K 44 -11.06 -70.46 -20.63
CA GLN K 44 -11.56 -71.36 -21.67
C GLN K 44 -10.42 -72.14 -22.29
N LYS K 45 -9.34 -71.45 -22.69
CA LYS K 45 -8.20 -72.14 -23.29
C LYS K 45 -7.48 -73.02 -22.27
N GLU K 46 -7.58 -72.69 -20.99
CA GLU K 46 -7.05 -73.57 -19.97
C GLU K 46 -7.92 -74.81 -19.81
N SER K 47 -9.23 -74.66 -20.06
CA SER K 47 -10.16 -75.77 -19.97
C SER K 47 -9.95 -76.79 -21.07
N GLN K 48 -9.36 -76.38 -22.19
CA GLN K 48 -9.11 -77.31 -23.29
C GLN K 48 -8.01 -78.30 -22.93
N ILE K 49 -6.92 -77.81 -22.33
CA ILE K 49 -5.83 -78.69 -21.92
C ILE K 49 -6.29 -79.65 -20.82
N HIS K 50 -7.03 -79.14 -19.85
CA HIS K 50 -7.44 -79.93 -18.70
C HIS K 50 -8.45 -81.01 -19.07
N LYS K 51 -9.34 -80.71 -20.01
CA LYS K 51 -10.28 -81.73 -20.47
C LYS K 51 -9.53 -82.89 -21.13
N PHE K 52 -8.50 -82.55 -21.92
CA PHE K 52 -7.69 -83.58 -22.57
C PHE K 52 -6.93 -84.41 -21.53
N ILE K 53 -6.45 -83.77 -20.46
CA ILE K 53 -5.75 -84.49 -19.41
C ILE K 53 -6.72 -85.32 -18.58
N ARG K 54 -7.94 -84.83 -18.39
CA ARG K 54 -8.94 -85.54 -17.58
C ARG K 54 -9.30 -86.89 -18.18
N GLN K 55 -9.12 -87.05 -19.48
CA GLN K 55 -9.49 -88.27 -20.19
C GLN K 55 -8.30 -89.15 -20.54
N GLN K 56 -7.17 -88.55 -20.93
CA GLN K 56 -6.02 -89.27 -21.43
C GLN K 56 -4.78 -89.13 -20.56
N GLY K 57 -4.71 -88.10 -19.72
CA GLY K 57 -3.54 -87.87 -18.88
C GLY K 57 -2.59 -86.84 -19.45
N SER K 58 -1.40 -86.80 -18.84
CA SER K 58 -0.38 -85.83 -19.22
C SER K 58 0.58 -86.37 -20.26
N ILE K 59 0.85 -87.69 -20.25
CA ILE K 59 1.76 -88.27 -21.23
C ILE K 59 1.28 -88.04 -22.65
N PRO K 60 -0.01 -88.23 -22.99
CA PRO K 60 -0.46 -87.84 -24.32
C PRO K 60 -0.47 -86.32 -24.42
N LYS K 61 -0.07 -85.81 -25.59
CA LYS K 61 -0.05 -84.38 -25.83
C LYS K 61 -1.35 -83.94 -26.51
N HIS K 62 -1.87 -82.80 -26.07
CA HIS K 62 -3.05 -82.23 -26.71
C HIS K 62 -2.74 -81.90 -28.16
N PRO K 63 -3.70 -82.06 -29.07
CA PRO K 63 -3.45 -81.76 -30.50
C PRO K 63 -2.81 -80.41 -30.75
N GLN K 64 -3.25 -79.36 -30.03
CA GLN K 64 -2.71 -78.02 -30.18
C GLN K 64 -2.17 -77.50 -28.85
N GLU K 65 -1.43 -78.35 -28.14
CA GLU K 65 -0.94 -77.95 -26.82
C GLU K 65 0.06 -76.81 -26.92
N ASP K 66 1.01 -76.90 -27.86
CA ASP K 66 1.98 -75.83 -28.04
C ASP K 66 1.32 -74.53 -28.47
N GLY K 67 0.23 -74.61 -29.22
CA GLY K 67 -0.47 -73.43 -29.68
C GLY K 67 -1.29 -72.74 -28.59
N LEU K 68 -1.97 -73.54 -27.76
CA LEU K 68 -2.77 -72.97 -26.69
C LEU K 68 -1.91 -72.43 -25.57
N ASP K 69 -0.80 -73.11 -25.25
CA ASP K 69 0.10 -72.64 -24.19
C ASP K 69 0.61 -71.23 -24.49
N LYS K 70 0.95 -70.97 -25.75
CA LYS K 70 1.39 -69.63 -26.13
C LYS K 70 0.24 -68.62 -26.02
N GLU K 71 -0.99 -69.07 -26.26
CA GLU K 71 -2.15 -68.19 -26.15
C GLU K 71 -2.57 -68.02 -24.70
N ILE K 72 -2.33 -69.03 -23.87
CA ILE K 72 -2.63 -68.91 -22.44
C ILE K 72 -1.61 -67.99 -21.79
N LYS K 73 -0.32 -68.26 -22.00
CA LYS K 73 0.74 -67.43 -21.43
C LYS K 73 0.59 -65.97 -21.84
N GLU K 74 0.23 -65.72 -23.11
CA GLU K 74 0.03 -64.36 -23.58
C GLU K 74 -1.14 -63.69 -22.87
N SER K 75 -2.26 -64.42 -22.71
CA SER K 75 -3.44 -63.85 -22.09
C SER K 75 -3.26 -63.68 -20.58
N LEU K 76 -2.42 -64.54 -19.95
CA LEU K 76 -2.19 -64.40 -18.52
C LEU K 76 -1.34 -63.17 -18.20
N LEU K 77 -0.26 -62.93 -18.97
CA LEU K 77 0.57 -61.77 -18.66
C LEU K 77 -0.15 -60.47 -18.91
N LYS K 78 -1.10 -60.44 -19.86
CA LYS K 78 -1.91 -59.26 -20.06
C LYS K 78 -2.76 -59.00 -18.84
N CYS K 79 -3.24 -60.08 -18.22
CA CYS K 79 -3.98 -59.94 -16.98
C CYS K 79 -3.07 -59.46 -15.86
N GLN K 80 -1.80 -59.87 -15.87
CA GLN K 80 -0.85 -59.39 -14.88
C GLN K 80 -0.65 -57.89 -15.00
N SER K 81 -0.43 -57.40 -16.22
CA SER K 81 -0.29 -55.97 -16.45
C SER K 81 -1.54 -55.21 -16.01
N LEU K 82 -2.72 -55.76 -16.29
CA LEU K 82 -3.96 -55.10 -15.90
C LEU K 82 -4.12 -55.07 -14.38
N GLN K 83 -3.66 -56.12 -13.69
CA GLN K 83 -3.77 -56.17 -12.24
C GLN K 83 -2.80 -55.19 -11.59
N ARG K 84 -1.58 -55.09 -12.11
CA ARG K 84 -0.61 -54.14 -11.58
C ARG K 84 -1.14 -52.72 -11.62
N GLU K 85 -1.81 -52.35 -12.72
CA GLU K 85 -2.39 -51.02 -12.81
C GLU K 85 -3.44 -50.80 -11.73
N LYS K 86 -4.17 -51.85 -11.35
CA LYS K 86 -5.17 -51.67 -10.30
C LYS K 86 -4.49 -51.47 -8.95
N CYS K 87 -3.36 -52.14 -8.72
CA CYS K 87 -2.59 -51.94 -7.50
C CYS K 87 -2.05 -50.53 -7.41
N VAL K 88 -1.40 -50.06 -8.47
CA VAL K 88 -0.89 -48.69 -8.51
C VAL K 88 -2.00 -47.70 -8.18
N LEU K 89 -3.15 -47.82 -8.83
CA LEU K 89 -4.27 -46.93 -8.54
C LEU K 89 -4.69 -47.03 -7.08
N ALA K 90 -4.89 -48.25 -6.58
CA ALA K 90 -5.35 -48.43 -5.21
C ALA K 90 -4.31 -47.93 -4.20
N ASN K 91 -3.03 -48.01 -4.56
CA ASN K 91 -1.99 -47.56 -3.64
C ASN K 91 -1.95 -46.04 -3.51
N THR K 92 -2.14 -45.32 -4.63
CA THR K 92 -2.13 -43.86 -4.57
C THR K 92 -3.29 -43.35 -3.73
N ALA K 93 -4.46 -43.97 -3.85
CA ALA K 93 -5.58 -43.57 -3.02
C ALA K 93 -5.25 -43.77 -1.54
N LEU K 94 -4.62 -44.89 -1.22
CA LEU K 94 -4.15 -45.12 0.15
C LEU K 94 -3.09 -44.10 0.53
N PHE K 95 -2.12 -43.89 -0.37
CA PHE K 95 -1.03 -42.95 -0.11
C PHE K 95 -1.54 -41.55 0.14
N LEU K 96 -2.51 -41.09 -0.65
CA LEU K 96 -3.06 -39.74 -0.48
C LEU K 96 -3.69 -39.57 0.90
N ILE K 97 -4.64 -40.45 1.25
CA ILE K 97 -5.33 -40.30 2.53
C ILE K 97 -4.39 -40.54 3.70
N ALA K 98 -3.43 -41.45 3.55
CA ALA K 98 -2.50 -41.71 4.64
C ALA K 98 -1.61 -40.51 4.92
N ARG K 99 -1.16 -39.83 3.86
CA ARG K 99 -0.26 -38.70 4.04
C ARG K 99 -0.98 -37.53 4.71
N HIS K 100 -2.21 -37.24 4.28
CA HIS K 100 -2.99 -36.19 4.94
C HIS K 100 -3.28 -36.56 6.38
N LEU K 101 -3.58 -37.84 6.64
CA LEU K 101 -3.83 -38.29 7.99
C LEU K 101 -2.59 -38.09 8.86
N ASN K 102 -1.41 -38.40 8.31
CA ASN K 102 -0.18 -38.23 9.09
C ASN K 102 0.10 -36.76 9.38
N LYS K 103 -0.13 -35.88 8.40
CA LYS K 103 0.06 -34.45 8.65
C LYS K 103 -0.90 -33.92 9.71
N LEU K 104 -2.18 -34.31 9.63
CA LEU K 104 -3.14 -33.89 10.63
C LEU K 104 -2.76 -34.42 12.01
N GLU K 105 -2.32 -35.67 12.07
CA GLU K 105 -1.93 -36.27 13.35
C GLU K 105 -0.73 -35.55 13.95
N LYS K 106 0.19 -35.06 13.12
CA LYS K 106 1.30 -34.27 13.65
C LYS K 106 0.82 -32.93 14.19
N ASN K 107 -0.17 -32.33 13.54
CA ASN K 107 -0.73 -31.08 14.02
C ASN K 107 -1.48 -31.28 15.33
N ILE K 108 -2.25 -32.36 15.43
CA ILE K 108 -2.96 -32.66 16.66
C ILE K 108 -1.98 -32.90 17.79
N ALA K 109 -0.84 -33.51 17.47
CA ALA K 109 0.21 -33.70 18.48
C ALA K 109 0.77 -32.37 18.95
N LEU K 110 0.99 -31.44 18.03
CA LEU K 110 1.53 -30.14 18.39
C LEU K 110 0.51 -29.29 19.13
N LEU K 111 -0.77 -29.37 18.73
CA LEU K 111 -1.81 -28.67 19.46
C LEU K 111 -1.91 -29.15 20.90
N GLU K 112 -1.64 -30.43 21.14
CA GLU K 112 -1.69 -30.99 22.48
C GLU K 112 -0.46 -30.65 23.31
N GLU K 113 0.66 -30.35 22.68
CA GLU K 113 1.86 -29.97 23.43
C GLU K 113 1.72 -28.58 24.02
N ASP K 114 0.95 -27.71 23.37
CA ASP K 114 0.46 -26.48 23.99
C ASP K 114 -0.82 -26.82 24.74
N GLY K 115 -1.51 -25.82 25.25
CA GLY K 115 -2.77 -26.09 25.91
C GLY K 115 -3.96 -26.02 24.98
N VAL K 116 -3.72 -25.68 23.72
CA VAL K 116 -4.76 -25.20 22.81
C VAL K 116 -5.79 -26.26 22.44
N LEU K 117 -5.45 -27.55 22.49
CA LEU K 117 -6.35 -28.60 21.99
C LEU K 117 -7.04 -29.33 23.13
N ALA K 118 -8.37 -29.39 23.05
CA ALA K 118 -9.18 -30.06 24.07
C ALA K 118 -9.08 -31.58 23.92
N PRO K 119 -9.30 -32.32 25.02
CA PRO K 119 -9.34 -33.78 24.93
C PRO K 119 -10.55 -34.28 24.15
N VAL K 120 -10.56 -35.59 23.91
CA VAL K 120 -11.59 -36.22 23.09
C VAL K 120 -12.94 -36.18 23.79
N MET L 1 -2.66 5.03 27.33
CA MET L 1 -3.17 6.23 27.99
C MET L 1 -2.22 7.41 27.84
N ASP L 2 -2.72 8.48 27.23
CA ASP L 2 -1.92 9.65 26.91
C ASP L 2 -2.78 10.89 27.12
N PRO L 3 -2.35 11.83 27.98
CA PRO L 3 -3.14 13.04 28.19
C PRO L 3 -3.35 13.86 26.94
N SER L 4 -2.34 13.94 26.06
CA SER L 4 -2.51 14.68 24.81
C SER L 4 -3.50 13.99 23.90
N LEU L 5 -3.62 12.67 24.01
CA LEU L 5 -4.59 11.92 23.22
C LEU L 5 -6.00 12.08 23.77
N VAL L 6 -6.14 12.09 25.10
CA VAL L 6 -7.43 12.32 25.71
C VAL L 6 -7.90 13.75 25.46
N LEU L 7 -6.98 14.71 25.52
CA LEU L 7 -7.33 16.09 25.22
C LEU L 7 -7.79 16.25 23.79
N GLU L 8 -7.01 15.72 22.85
CA GLU L 8 -7.40 15.75 21.43
C GLU L 8 -8.79 15.16 21.23
N GLN L 9 -9.07 14.04 21.90
CA GLN L 9 -10.35 13.35 21.68
C GLN L 9 -11.52 14.14 22.27
N THR L 10 -11.37 14.68 23.47
CA THR L 10 -12.48 15.42 24.08
C THR L 10 -12.72 16.73 23.35
N ILE L 11 -11.65 17.39 22.89
CA ILE L 11 -11.79 18.64 22.15
C ILE L 11 -12.62 18.43 20.90
N GLN L 12 -12.32 17.36 20.15
CA GLN L 12 -13.07 17.08 18.94
C GLN L 12 -14.52 16.73 19.25
N ASP L 13 -14.75 15.99 20.33
CA ASP L 13 -16.10 15.58 20.68
C ASP L 13 -16.97 16.74 21.17
N VAL L 14 -16.36 17.81 21.68
CA VAL L 14 -17.10 18.96 22.18
C VAL L 14 -16.97 20.17 21.27
N SER L 15 -16.41 19.98 20.07
CA SER L 15 -16.12 21.11 19.20
C SER L 15 -17.40 21.83 18.78
N ASN L 16 -18.47 21.09 18.56
CA ASN L 16 -19.73 21.63 18.07
C ASN L 16 -20.71 21.94 19.20
N LEU L 17 -20.32 21.73 20.46
CA LEU L 17 -21.18 21.97 21.60
C LEU L 17 -21.52 23.45 21.80
N PRO L 18 -20.55 24.38 21.69
CA PRO L 18 -20.92 25.80 21.83
C PRO L 18 -21.94 26.27 20.81
N SER L 19 -21.85 25.78 19.57
CA SER L 19 -22.86 26.10 18.58
C SER L 19 -24.20 25.48 18.93
N GLU L 20 -24.19 24.28 19.52
CA GLU L 20 -25.42 23.59 19.85
C GLU L 20 -26.16 24.28 21.00
N PHE L 21 -25.43 24.78 21.99
CA PHE L 21 -26.08 25.45 23.11
C PHE L 21 -26.82 26.71 22.66
N ARG L 22 -26.21 27.50 21.76
CA ARG L 22 -26.91 28.66 21.22
C ARG L 22 -28.17 28.23 20.49
N TYR L 23 -28.05 27.27 19.57
CA TYR L 23 -29.21 26.80 18.81
C TYR L 23 -30.32 26.32 19.73
N LEU L 24 -29.96 25.66 20.83
CA LEU L 24 -30.97 25.20 21.77
C LEU L 24 -31.51 26.32 22.63
N LEU L 25 -30.63 27.14 23.21
CA LEU L 25 -31.07 28.23 24.08
C LEU L 25 -31.87 29.27 23.31
N GLU L 26 -31.41 29.63 22.10
CA GLU L 26 -32.15 30.61 21.31
C GLU L 26 -33.46 30.04 20.80
N GLU L 27 -33.60 28.71 20.81
CA GLU L 27 -34.90 28.09 20.56
C GLU L 27 -35.75 28.06 21.83
N ILE L 28 -35.13 28.09 23.01
CA ILE L 28 -35.88 28.19 24.25
C ILE L 28 -36.44 29.60 24.42
N GLY L 29 -35.58 30.62 24.22
CA GLY L 29 -36.04 31.99 24.31
C GLY L 29 -37.10 32.31 23.27
N SER L 30 -37.00 31.67 22.10
CA SER L 30 -38.01 31.87 21.07
C SER L 30 -39.37 31.34 21.49
N ASN L 31 -39.39 30.26 22.28
CA ASN L 31 -40.64 29.72 22.79
C ASN L 31 -41.14 30.44 24.04
N ASP L 32 -40.26 31.12 24.77
CA ASP L 32 -40.72 31.87 25.94
C ASP L 32 -41.43 33.15 25.52
N LEU L 33 -41.05 33.73 24.39
CA LEU L 33 -41.81 34.84 23.83
C LEU L 33 -43.22 34.40 23.45
N LYS L 34 -43.31 33.27 22.74
CA LYS L 34 -44.63 32.72 22.42
C LYS L 34 -45.39 32.33 23.67
N LEU L 35 -44.67 31.86 24.70
CA LEU L 35 -45.32 31.49 25.95
C LEU L 35 -45.89 32.71 26.64
N ILE L 36 -45.10 33.80 26.71
CA ILE L 36 -45.56 35.02 27.38
C ILE L 36 -46.75 35.63 26.66
N GLU L 37 -46.68 35.70 25.31
CA GLU L 37 -47.79 36.30 24.57
C GLU L 37 -49.07 35.48 24.74
N GLU L 38 -48.95 34.17 24.91
CA GLU L 38 -50.13 33.37 25.17
C GLU L 38 -50.60 33.48 26.61
N LYS L 39 -49.72 33.92 27.52
CA LYS L 39 -50.13 34.14 28.90
C LYS L 39 -50.97 35.41 29.04
N LYS L 40 -50.55 36.50 28.38
CA LYS L 40 -51.37 37.72 28.39
C LYS L 40 -52.76 37.43 27.83
N LYS L 41 -52.85 36.54 26.84
CA LYS L 41 -54.14 36.25 26.22
C LYS L 41 -55.11 35.57 27.16
N TYR L 42 -54.66 35.06 28.30
CA TYR L 42 -55.57 34.46 29.26
C TYR L 42 -55.45 35.07 30.64
N GLU L 43 -54.30 35.64 30.98
CA GLU L 43 -54.18 36.34 32.25
C GLU L 43 -55.07 37.56 32.28
N GLN L 44 -55.33 38.15 31.11
CA GLN L 44 -56.30 39.22 31.00
C GLN L 44 -57.72 38.69 31.17
N LYS L 45 -58.08 37.65 30.40
CA LYS L 45 -59.43 37.10 30.48
C LYS L 45 -59.70 36.50 31.85
N GLU L 46 -58.67 36.01 32.54
CA GLU L 46 -58.84 35.57 33.91
C GLU L 46 -58.94 36.76 34.85
N SER L 47 -58.28 37.87 34.52
CA SER L 47 -58.35 39.05 35.36
C SER L 47 -59.72 39.69 35.31
N GLN L 48 -60.46 39.51 34.21
CA GLN L 48 -61.81 40.06 34.12
C GLN L 48 -62.78 39.28 34.99
N ILE L 49 -62.69 37.94 34.98
CA ILE L 49 -63.54 37.13 35.84
C ILE L 49 -63.25 37.42 37.30
N HIS L 50 -61.97 37.57 37.66
CA HIS L 50 -61.62 37.85 39.05
C HIS L 50 -62.09 39.23 39.50
N LYS L 51 -62.16 40.18 38.57
CA LYS L 51 -62.74 41.48 38.90
C LYS L 51 -64.24 41.38 39.09
N PHE L 52 -64.91 40.62 38.22
CA PHE L 52 -66.34 40.37 38.38
C PHE L 52 -66.64 39.72 39.72
N ILE L 53 -65.77 38.82 40.17
CA ILE L 53 -65.96 38.19 41.48
C ILE L 53 -65.68 39.19 42.59
N ARG L 54 -64.72 40.10 42.39
CA ARG L 54 -64.38 41.08 43.41
C ARG L 54 -65.53 42.06 43.68
N GLN L 55 -66.42 42.25 42.70
CA GLN L 55 -67.51 43.20 42.82
C GLN L 55 -68.86 42.55 43.11
N GLN L 56 -69.13 41.37 42.55
CA GLN L 56 -70.45 40.76 42.63
C GLN L 56 -70.48 39.47 43.44
N GLY L 57 -69.36 38.81 43.63
CA GLY L 57 -69.32 37.53 44.33
C GLY L 57 -69.28 36.37 43.36
N SER L 58 -69.51 35.17 43.94
CA SER L 58 -69.41 33.94 43.18
C SER L 58 -70.75 33.47 42.62
N ILE L 59 -71.85 33.71 43.33
CA ILE L 59 -73.15 33.21 42.88
C ILE L 59 -73.55 33.76 41.51
N PRO L 60 -73.44 35.05 41.23
CA PRO L 60 -73.69 35.51 39.85
C PRO L 60 -72.56 35.10 38.92
N LYS L 61 -72.94 34.76 37.68
CA LYS L 61 -71.98 34.39 36.65
C LYS L 61 -71.57 35.61 35.84
N HIS L 62 -70.30 35.68 35.48
CA HIS L 62 -69.82 36.72 34.59
C HIS L 62 -70.61 36.64 33.29
N PRO L 63 -70.89 37.79 32.65
CA PRO L 63 -71.68 37.78 31.41
C PRO L 63 -71.23 36.75 30.39
N GLN L 64 -69.92 36.57 30.20
CA GLN L 64 -69.39 35.59 29.26
C GLN L 64 -68.46 34.60 29.94
N GLU L 65 -68.84 34.11 31.13
CA GLU L 65 -67.95 33.23 31.88
C GLU L 65 -67.74 31.90 31.16
N ASP L 66 -68.82 31.29 30.65
CA ASP L 66 -68.66 30.04 29.92
C ASP L 66 -67.82 30.23 28.67
N GLY L 67 -67.87 31.40 28.06
CA GLY L 67 -67.07 31.69 26.89
C GLY L 67 -65.62 31.92 27.24
N LEU L 68 -65.39 32.61 28.37
CA LEU L 68 -64.01 32.85 28.80
C LEU L 68 -63.37 31.58 29.34
N ASP L 69 -64.14 30.76 30.04
CA ASP L 69 -63.60 29.50 30.55
C ASP L 69 -63.12 28.60 29.41
N LYS L 70 -63.88 28.55 28.31
CA LYS L 70 -63.47 27.74 27.17
C LYS L 70 -62.22 28.29 26.49
N GLU L 71 -62.08 29.62 26.47
CA GLU L 71 -60.91 30.22 25.83
C GLU L 71 -59.70 30.25 26.75
N ILE L 72 -59.91 30.32 28.06
CA ILE L 72 -58.80 30.30 29.00
C ILE L 72 -58.18 28.91 29.07
N LYS L 73 -59.02 27.87 29.21
CA LYS L 73 -58.52 26.50 29.23
C LYS L 73 -57.73 26.19 27.96
N GLU L 74 -58.20 26.70 26.82
CA GLU L 74 -57.47 26.52 25.57
C GLU L 74 -56.12 27.24 25.61
N SER L 75 -56.10 28.46 26.16
CA SER L 75 -54.85 29.21 26.23
C SER L 75 -53.87 28.61 27.23
N LEU L 76 -54.38 27.96 28.28
CA LEU L 76 -53.50 27.28 29.22
C LEU L 76 -52.84 26.06 28.59
N LEU L 77 -53.61 25.29 27.81
CA LEU L 77 -53.04 24.10 27.16
C LEU L 77 -52.02 24.48 26.09
N LYS L 78 -52.19 25.63 25.45
CA LYS L 78 -51.18 26.08 24.50
C LYS L 78 -49.88 26.42 25.22
N CYS L 79 -50.00 27.04 26.39
CA CYS L 79 -48.83 27.38 27.18
C CYS L 79 -48.15 26.14 27.74
N GLN L 80 -48.93 25.11 28.09
CA GLN L 80 -48.35 23.86 28.59
C GLN L 80 -47.49 23.20 27.51
N SER L 81 -48.03 23.08 26.30
CA SER L 81 -47.28 22.51 25.19
C SER L 81 -46.00 23.29 24.94
N LEU L 82 -46.07 24.63 25.00
CA LEU L 82 -44.87 25.45 24.79
C LEU L 82 -43.85 25.23 25.89
N GLN L 83 -44.30 25.06 27.13
CA GLN L 83 -43.37 24.86 28.23
C GLN L 83 -42.70 23.49 28.13
N ARG L 84 -43.48 22.46 27.80
CA ARG L 84 -42.91 21.13 27.59
C ARG L 84 -41.82 21.15 26.53
N GLU L 85 -42.06 21.88 25.43
CA GLU L 85 -41.05 21.99 24.38
C GLU L 85 -39.78 22.66 24.90
N LYS L 86 -39.93 23.63 25.79
CA LYS L 86 -38.78 24.29 26.40
C LYS L 86 -38.04 23.36 27.33
N CYS L 87 -38.78 22.50 28.04
CA CYS L 87 -38.16 21.52 28.92
C CYS L 87 -37.31 20.52 28.14
N VAL L 88 -37.89 19.95 27.07
CA VAL L 88 -37.15 19.02 26.21
C VAL L 88 -35.85 19.68 25.74
N LEU L 89 -35.94 20.92 25.25
CA LEU L 89 -34.75 21.64 24.81
C LEU L 89 -33.74 21.78 25.93
N ALA L 90 -34.16 22.28 27.09
CA ALA L 90 -33.23 22.52 28.19
C ALA L 90 -32.62 21.21 28.68
N ASN L 91 -33.38 20.12 28.61
CA ASN L 91 -32.86 18.83 29.04
C ASN L 91 -31.83 18.31 28.05
N THR L 92 -32.07 18.49 26.76
CA THR L 92 -31.12 18.03 25.75
C THR L 92 -29.78 18.75 25.89
N ALA L 93 -29.82 20.06 26.15
CA ALA L 93 -28.59 20.80 26.37
C ALA L 93 -27.87 20.31 27.62
N LEU L 94 -28.62 20.08 28.70
CA LEU L 94 -28.04 19.52 29.91
C LEU L 94 -27.49 18.13 29.67
N PHE L 95 -28.28 17.29 28.98
CA PHE L 95 -27.86 15.93 28.68
C PHE L 95 -26.57 15.90 27.89
N LEU L 96 -26.44 16.77 26.88
CA LEU L 96 -25.23 16.81 26.07
C LEU L 96 -24.00 17.12 26.90
N ILE L 97 -24.04 18.24 27.65
CA ILE L 97 -22.86 18.64 28.43
C ILE L 97 -22.58 17.64 29.54
N ALA L 98 -23.62 17.06 30.14
CA ALA L 98 -23.41 16.08 31.20
C ALA L 98 -22.73 14.83 30.66
N ARG L 99 -23.11 14.42 29.44
CA ARG L 99 -22.54 13.22 28.84
C ARG L 99 -21.05 13.37 28.56
N HIS L 100 -20.68 14.50 27.94
CA HIS L 100 -19.28 14.75 27.66
C HIS L 100 -18.47 14.89 28.93
N LEU L 101 -19.05 15.52 29.95
CA LEU L 101 -18.35 15.67 31.22
C LEU L 101 -18.02 14.33 31.84
N ASN L 102 -18.97 13.38 31.80
CA ASN L 102 -18.73 12.07 32.37
C ASN L 102 -17.67 11.29 31.59
N LYS L 103 -17.69 11.41 30.26
CA LYS L 103 -16.68 10.73 29.45
C LYS L 103 -15.28 11.25 29.79
N LEU L 104 -15.13 12.56 29.89
CA LEU L 104 -13.85 13.13 30.29
C LEU L 104 -13.48 12.72 31.72
N GLU L 105 -14.46 12.75 32.63
CA GLU L 105 -14.15 12.44 34.03
C GLU L 105 -13.71 10.98 34.20
N LYS L 106 -14.29 10.06 33.43
CA LYS L 106 -13.80 8.68 33.49
C LYS L 106 -12.43 8.56 32.83
N ASN L 107 -12.18 9.35 31.78
CA ASN L 107 -10.85 9.38 31.17
C ASN L 107 -9.82 9.96 32.12
N ILE L 108 -10.19 11.03 32.84
CA ILE L 108 -9.29 11.61 33.83
C ILE L 108 -8.98 10.60 34.92
N ALA L 109 -9.94 9.75 35.26
CA ALA L 109 -9.72 8.72 36.27
C ALA L 109 -8.71 7.68 35.77
N LEU L 110 -8.80 7.29 34.51
CA LEU L 110 -7.87 6.28 33.99
C LEU L 110 -6.46 6.87 33.84
N LEU L 111 -6.37 8.13 33.43
CA LEU L 111 -5.07 8.79 33.39
C LEU L 111 -4.42 8.82 34.77
N GLU L 112 -5.23 8.93 35.83
CA GLU L 112 -4.70 8.95 37.18
C GLU L 112 -4.39 7.54 37.69
N GLU L 113 -5.06 6.51 37.17
CA GLU L 113 -4.73 5.15 37.61
C GLU L 113 -3.43 4.70 36.99
N ASP L 114 -3.07 5.24 35.82
CA ASP L 114 -1.70 5.17 35.34
C ASP L 114 -0.94 6.34 35.96
N GLY L 115 0.30 6.56 35.55
CA GLY L 115 1.00 7.71 36.08
C GLY L 115 0.90 8.95 35.24
N VAL L 116 0.22 8.87 34.10
CA VAL L 116 0.38 9.86 33.04
C VAL L 116 -0.16 11.25 33.39
N LEU L 117 -1.12 11.37 34.29
CA LEU L 117 -1.80 12.65 34.52
C LEU L 117 -1.30 13.34 35.79
N ALA L 118 -0.89 14.60 35.65
CA ALA L 118 -0.38 15.36 36.78
C ALA L 118 -1.51 15.76 37.73
N PRO L 119 -1.20 15.96 39.01
CA PRO L 119 -2.20 16.48 39.95
C PRO L 119 -2.56 17.93 39.63
N VAL L 120 -3.56 18.42 40.33
CA VAL L 120 -4.08 19.76 40.08
C VAL L 120 -3.06 20.82 40.47
#